data_8C6I
#
_entry.id   8C6I
#
_cell.length_a   184.760
_cell.length_b   184.760
_cell.length_c   105.398
_cell.angle_alpha   90.00
_cell.angle_beta   90.00
_cell.angle_gamma   90.00
#
_symmetry.space_group_name_H-M   'P 42 21 2'
#
loop_
_entity.id
_entity.type
_entity.pdbx_description
1 polymer 'Cell surface hyaluronidase'
2 branched alpha-D-mannopyranose-(1-6)-beta-D-mannopyranose-(1-4)-2-acetamido-2-deoxy-beta-D-glucopyranose-(1-4)-2-acetamido-2-deoxy-beta-D-glucopyranose
3 branched 2-acetamido-2-deoxy-beta-D-glucopyranose-(1-4)-2-acetamido-2-deoxy-beta-D-glucopyranose
4 branched beta-D-mannopyranose-(1-4)-2-acetamido-2-deoxy-beta-D-glucopyranose-(1-4)-2-acetamido-2-deoxy-beta-D-glucopyranose
5 branched alpha-D-mannopyranose-(1-6)-beta-D-mannopyranose-(1-4)-2-acetamido-2-deoxy-beta-D-glucopyranose-(1-4)-[alpha-L-fucopyranose-(1-6)]2-acetamido-2-deoxy-beta-D-glucopyranose
6 branched alpha-D-mannopyranose-(1-3)-beta-D-mannopyranose-(1-4)-2-acetamido-2-deoxy-beta-D-glucopyranose-(1-4)-2-acetamido-2-deoxy-beta-D-glucopyranose
7 non-polymer 'NICKEL (II) ION'
8 non-polymer 'CHLORIDE ION'
9 non-polymer 2-acetamido-2-deoxy-beta-D-glucopyranose
#
_entity_poly.entity_id   1
_entity_poly.type   'polypeptide(L)'
_entity_poly.pdbx_seq_one_letter_code
;APLVHHHHHHALDENLYFQGALAKYAPDENCPDQNPRLRNWDPGQDSAKQVVIKEGDMLRLTSDATVHSIVIQDGGLLVF
GDNKDGSRNITLRTHYILIQDGGALHIGAEKCRYKSKATITLYGKSDEGESMPTFGKKFIGVEAGGTLELHGARKASWTL
LARTLNSSGLPFGSYTFEKDFSRGLNVRVIDQDTAKILESERFDTHEYRNESRRLQEFLRFQDPGRIVAIAVGDSAAKSL
LQGTIQMIQERLGSELIQGLGYRQAWALVGVIDGGSTSCNESVRNYENHSSGGKALAQREFYTVDGQKFSVTAYSEWIEG
VSLSGFRVEVVDGVKLNLLDDVSSWKPGDQIVVASTDYSMYQAEEFTLLPCSECSHFQVKVKETPQFLHMGEIIDGVDMR
AEVGILTRNIVIQGEVEDSCYAENQCQFFDYDTFGGHIMIMKNFTSVHLSYVELKHMGQQQMGRYPVHFHLCGDVDYKGG
YRHATFVDGLSIHHSFSRCITVHGTNGLLIKDTIGFDTLGHCFFLEDGIEQRNTLFHNLGLLTKPGTLLPTDRNNSMCTT
MRDKVFGNYIPVPATDCMAVSTFWIAHPNNNLINNAAAGSQDAGIWYLFHKEPTGESSGLQLLAKPELTPLGIFYNNRVH
SNFKAGLFIDKGVKTTNSSAADPREYLCLDNSARFRPHQDANPEKPRVAALIDRLIAFKNNDNGAWVRGGDIIVQNSAFA
DNGIGLTFASDGSFPSDEGSSQEVSESLFVGESRNYGFQGGQNKYVGTGGIDQKPRTLPRNRTFPIRGFQIYDGPIHLTR
STFKKYVPTPDRYSSAIGFLMKNSWQITPRNNISLVKFGPHVSLNVFFGKPGPWFEDCEMDGDKNSIFHDIDGSVTGYKD
AYVGRMDNYLIRHPSCVNVSKWNAVICSGTYAQVYVQTWSTQNLSMTITRDEYPSNPMVLRGINQKAAFPQYQPVVMLEK
GYTIHWNGPAPRTTFLYLVNFNKNDWIRVGLCYPSNTSFQVTFGYLQRQNGSLSKIEEYEPVHSLEELQRKQSERKFYFD
SSTGLLFLYLKAKSHRHGHSYCSSQGCERVKIQAATDSKDISNCMAKAYPQYYRKPSVVKRMPAMLTGLCQGCGTRQVVF
TSDPHKSYLPVQFQSPDKAETQRGDPSVISVNGTDFTFRSAGVLLLVVDPCSVPFRLTEKTVFPLADVSRIEEYLKTGIP
PRSIVLLSTRGEIKQLNISHLLVPLGLAKPAHLYDKGSTIFLGFSGNFKPSWTKLFTSPAGQGLGVLEQFIPLQLDEYGC
PRATTVRRRDLELLKQASKAH
;
_entity_poly.pdbx_strand_id   A
#
loop_
_chem_comp.id
_chem_comp.type
_chem_comp.name
_chem_comp.formula
BMA D-saccharide, beta linking beta-D-mannopyranose 'C6 H12 O6'
CL non-polymer 'CHLORIDE ION' 'Cl -1'
FUC L-saccharide, alpha linking alpha-L-fucopyranose 'C6 H12 O5'
MAN D-saccharide, alpha linking alpha-D-mannopyranose 'C6 H12 O6'
NAG D-saccharide, beta linking 2-acetamido-2-deoxy-beta-D-glucopyranose 'C8 H15 N O6'
NI non-polymer 'NICKEL (II) ION' 'Ni 2'
#
# COMPACT_ATOMS: atom_id res chain seq x y z
N ASN A 30 36.99 3.76 -26.30
CA ASN A 30 36.19 3.37 -25.15
C ASN A 30 35.23 2.23 -25.48
N CYS A 31 34.96 2.04 -26.76
CA CYS A 31 33.95 1.06 -27.14
C CYS A 31 34.59 -0.32 -27.29
N PRO A 32 33.88 -1.36 -26.85
CA PRO A 32 34.44 -2.72 -26.93
C PRO A 32 34.33 -3.32 -28.33
N ASP A 33 33.32 -2.91 -29.10
CA ASP A 33 33.23 -3.33 -30.50
C ASP A 33 34.18 -2.54 -31.39
N GLN A 34 34.45 -1.27 -31.05
CA GLN A 34 35.50 -0.48 -31.71
C GLN A 34 36.89 -0.94 -31.34
N ASN A 35 37.04 -2.10 -30.72
CA ASN A 35 38.35 -2.69 -30.52
C ASN A 35 38.91 -3.10 -31.88
N PRO A 36 40.07 -2.59 -32.27
CA PRO A 36 40.64 -3.00 -33.57
C PRO A 36 40.97 -4.48 -33.67
N ARG A 37 41.38 -5.12 -32.57
CA ARG A 37 41.73 -6.53 -32.58
C ARG A 37 40.55 -7.46 -32.83
N LEU A 38 39.34 -6.93 -33.03
CA LEU A 38 38.16 -7.77 -33.19
C LEU A 38 38.07 -8.31 -34.61
N ARG A 39 38.06 -9.62 -34.74
CA ARG A 39 37.64 -10.27 -35.96
C ARG A 39 36.12 -10.25 -36.04
N ASN A 40 35.60 -10.15 -37.27
CA ASN A 40 34.16 -10.22 -37.48
C ASN A 40 33.74 -11.68 -37.58
N TRP A 41 32.69 -12.05 -36.86
CA TRP A 41 32.25 -13.42 -36.72
C TRP A 41 30.95 -13.64 -37.48
N ASP A 42 30.81 -14.84 -38.07
CA ASP A 42 29.60 -15.23 -38.78
C ASP A 42 29.55 -16.75 -38.88
N PRO A 43 29.04 -17.47 -37.86
CA PRO A 43 29.13 -18.94 -37.86
C PRO A 43 28.08 -19.63 -38.72
N GLY A 44 26.93 -19.01 -38.87
CA GLY A 44 25.82 -19.55 -39.62
C GLY A 44 24.65 -19.96 -38.76
N GLN A 45 23.88 -20.96 -39.25
CA GLN A 45 22.65 -21.46 -38.61
C GLN A 45 22.75 -22.98 -38.43
N ASP A 46 23.67 -23.41 -37.56
CA ASP A 46 23.95 -24.82 -37.32
C ASP A 46 23.69 -25.11 -35.84
N SER A 47 22.47 -25.53 -35.53
CA SER A 47 22.07 -25.83 -34.16
C SER A 47 22.83 -27.01 -33.56
N ALA A 48 23.69 -27.67 -34.34
CA ALA A 48 24.58 -28.71 -33.82
C ALA A 48 26.04 -28.29 -33.83
N LYS A 49 26.35 -27.10 -34.33
CA LYS A 49 27.72 -26.59 -34.31
C LYS A 49 28.03 -26.06 -32.91
N GLN A 50 28.98 -26.68 -32.24
CA GLN A 50 29.44 -26.19 -30.95
C GLN A 50 30.62 -25.24 -31.15
N VAL A 51 30.68 -24.22 -30.30
CA VAL A 51 31.65 -23.14 -30.44
C VAL A 51 32.43 -22.99 -29.15
N VAL A 52 33.74 -22.76 -29.28
CA VAL A 52 34.62 -22.49 -28.14
C VAL A 52 35.50 -21.30 -28.49
N ILE A 53 35.35 -20.22 -27.74
CA ILE A 53 36.11 -18.99 -27.93
C ILE A 53 37.25 -18.99 -26.90
N LYS A 54 38.47 -19.26 -27.36
CA LYS A 54 39.59 -19.40 -26.45
C LYS A 54 40.61 -18.28 -26.64
N GLU A 55 41.86 -18.53 -26.23
CA GLU A 55 42.85 -17.46 -26.14
C GLU A 55 43.22 -16.92 -27.53
N GLY A 56 43.22 -15.59 -27.64
CA GLY A 56 43.42 -14.90 -28.91
C GLY A 56 42.14 -14.69 -29.69
N ASP A 57 41.15 -15.55 -29.49
CA ASP A 57 39.86 -15.41 -30.16
C ASP A 57 39.18 -14.13 -29.71
N MET A 58 39.54 -13.00 -30.33
CA MET A 58 38.89 -11.72 -30.08
C MET A 58 37.89 -11.51 -31.21
N LEU A 59 36.72 -12.14 -31.05
CA LEU A 59 35.69 -12.16 -32.08
C LEU A 59 34.68 -11.05 -31.84
N ARG A 60 34.19 -10.47 -32.95
CA ARG A 60 33.14 -9.47 -32.93
C ARG A 60 31.98 -10.01 -33.74
N LEU A 61 30.91 -10.42 -33.07
CA LEU A 61 29.73 -10.91 -33.76
C LEU A 61 29.09 -9.81 -34.59
N THR A 62 28.69 -10.15 -35.81
CA THR A 62 28.15 -9.17 -36.75
C THR A 62 26.82 -9.56 -37.37
N SER A 63 26.37 -10.79 -37.22
CA SER A 63 25.18 -11.27 -37.89
C SER A 63 24.47 -12.29 -37.01
N ASP A 64 23.20 -12.54 -37.33
CA ASP A 64 22.41 -13.53 -36.61
C ASP A 64 23.06 -14.90 -36.73
N ALA A 65 22.87 -15.73 -35.70
CA ALA A 65 23.55 -17.01 -35.64
C ALA A 65 22.73 -17.99 -34.81
N THR A 66 22.91 -19.27 -35.12
CA THR A 66 22.30 -20.36 -34.35
C THR A 66 23.34 -21.46 -34.20
N VAL A 67 23.90 -21.59 -33.01
CA VAL A 67 24.84 -22.65 -32.70
C VAL A 67 24.29 -23.45 -31.53
N HIS A 68 24.82 -24.66 -31.35
CA HIS A 68 24.43 -25.46 -30.20
C HIS A 68 24.84 -24.78 -28.91
N SER A 69 26.13 -24.50 -28.75
CA SER A 69 26.63 -23.88 -27.53
C SER A 69 27.75 -22.90 -27.85
N ILE A 70 28.05 -22.04 -26.89
CA ILE A 70 29.19 -21.14 -26.93
C ILE A 70 29.89 -21.24 -25.58
N VAL A 71 31.20 -21.43 -25.60
CA VAL A 71 32.01 -21.49 -24.38
C VAL A 71 33.16 -20.51 -24.55
N ILE A 72 33.18 -19.48 -23.71
CA ILE A 72 34.19 -18.43 -23.76
C ILE A 72 35.16 -18.66 -22.59
N GLN A 73 36.44 -18.89 -22.91
CA GLN A 73 37.40 -19.30 -21.91
C GLN A 73 38.80 -18.85 -22.30
N ASP A 74 39.73 -18.94 -21.34
CA ASP A 74 41.16 -18.74 -21.55
C ASP A 74 41.50 -17.31 -22.00
N GLY A 75 40.63 -16.35 -21.76
CA GLY A 75 40.81 -15.00 -22.25
C GLY A 75 40.13 -14.70 -23.57
N GLY A 76 39.28 -15.59 -24.06
CA GLY A 76 38.55 -15.32 -25.29
C GLY A 76 37.56 -14.18 -25.11
N LEU A 77 37.27 -13.51 -26.21
CA LEU A 77 36.40 -12.34 -26.20
C LEU A 77 35.33 -12.49 -27.28
N LEU A 78 34.09 -12.16 -26.92
CA LEU A 78 33.00 -12.13 -27.89
C LEU A 78 32.22 -10.85 -27.64
N VAL A 79 32.47 -9.84 -28.47
CA VAL A 79 31.74 -8.58 -28.41
C VAL A 79 30.68 -8.59 -29.52
N PHE A 80 29.50 -8.05 -29.20
CA PHE A 80 28.49 -7.83 -30.23
C PHE A 80 28.85 -6.57 -31.02
N GLY A 81 28.71 -6.66 -32.34
CA GLY A 81 29.06 -5.54 -33.20
C GLY A 81 27.94 -4.51 -33.22
N ASP A 82 28.30 -3.28 -32.88
CA ASP A 82 27.32 -2.19 -32.80
C ASP A 82 27.52 -1.22 -33.95
N ASN A 83 26.53 -0.35 -34.12
CA ASN A 83 26.54 0.69 -35.14
C ASN A 83 26.39 2.06 -34.50
N LYS A 84 27.01 3.07 -35.13
CA LYS A 84 26.89 4.45 -34.64
C LYS A 84 25.48 5.00 -34.75
N ASP A 85 24.58 4.30 -35.45
CA ASP A 85 23.21 4.76 -35.64
C ASP A 85 22.17 3.93 -34.91
N GLY A 86 22.50 2.70 -34.51
CA GLY A 86 21.53 1.88 -33.81
C GLY A 86 20.59 1.10 -34.71
N SER A 87 21.12 0.46 -35.76
CA SER A 87 20.29 -0.27 -36.70
C SER A 87 20.63 -1.74 -36.81
N ARG A 88 21.84 -2.16 -36.45
CA ARG A 88 22.28 -3.54 -36.62
C ARG A 88 21.59 -4.47 -35.63
N ASN A 89 20.43 -5.01 -36.02
CA ASN A 89 19.68 -5.93 -35.16
C ASN A 89 20.34 -7.31 -35.19
N ILE A 90 20.81 -7.76 -34.03
CA ILE A 90 21.48 -9.05 -33.87
C ILE A 90 20.65 -9.94 -32.96
N THR A 91 20.54 -11.20 -33.34
CA THR A 91 19.81 -12.20 -32.55
C THR A 91 20.64 -13.47 -32.47
N LEU A 92 21.27 -13.70 -31.32
CA LEU A 92 21.97 -14.95 -31.06
C LEU A 92 20.99 -15.98 -30.51
N ARG A 93 21.22 -17.25 -30.86
CA ARG A 93 20.41 -18.35 -30.37
C ARG A 93 21.33 -19.50 -29.97
N THR A 94 21.20 -19.98 -28.73
CA THR A 94 22.12 -20.96 -28.20
C THR A 94 21.43 -21.79 -27.12
N HIS A 95 21.85 -23.05 -27.00
CA HIS A 95 21.46 -23.83 -25.83
C HIS A 95 22.02 -23.26 -24.55
N TYR A 96 23.23 -22.70 -24.60
CA TYR A 96 23.80 -22.03 -23.44
C TYR A 96 25.02 -21.23 -23.86
N ILE A 97 25.47 -20.35 -22.96
CA ILE A 97 26.74 -19.64 -23.07
C ILE A 97 27.46 -19.81 -21.74
N LEU A 98 28.68 -20.33 -21.78
CA LEU A 98 29.44 -20.63 -20.57
C LEU A 98 30.71 -19.78 -20.54
N ILE A 99 30.65 -18.67 -19.81
CA ILE A 99 31.80 -17.77 -19.66
C ILE A 99 32.60 -18.22 -18.45
N GLN A 100 33.91 -18.36 -18.61
CA GLN A 100 34.75 -18.84 -17.54
C GLN A 100 36.20 -18.47 -17.82
N ASP A 101 36.97 -18.34 -16.73
CA ASP A 101 38.43 -18.27 -16.78
C ASP A 101 38.93 -17.18 -17.73
N GLY A 102 38.60 -15.93 -17.39
CA GLY A 102 39.05 -14.79 -18.16
C GLY A 102 38.31 -14.52 -19.44
N GLY A 103 37.41 -15.42 -19.85
CA GLY A 103 36.58 -15.13 -21.00
C GLY A 103 35.67 -13.94 -20.75
N ALA A 104 35.29 -13.27 -21.84
CA ALA A 104 34.50 -12.05 -21.75
C ALA A 104 33.38 -12.07 -22.77
N LEU A 105 32.28 -11.41 -22.41
CA LEU A 105 31.14 -11.23 -23.30
C LEU A 105 30.69 -9.79 -23.14
N HIS A 106 30.86 -8.99 -24.19
CA HIS A 106 30.61 -7.56 -24.16
C HIS A 106 29.55 -7.19 -25.19
N ILE A 107 28.48 -6.51 -24.74
CA ILE A 107 27.55 -5.85 -25.65
C ILE A 107 27.51 -4.37 -25.28
N GLY A 108 28.51 -3.63 -25.74
CA GLY A 108 28.69 -2.25 -25.33
C GLY A 108 29.39 -2.13 -23.98
N ALA A 109 29.80 -0.91 -23.67
CA ALA A 109 30.49 -0.60 -22.42
C ALA A 109 29.72 0.45 -21.64
N GLU A 110 29.99 0.50 -20.33
CA GLU A 110 29.34 1.46 -19.45
C GLU A 110 29.53 2.89 -19.90
N LYS A 111 30.53 3.15 -20.75
CA LYS A 111 30.80 4.48 -21.29
C LYS A 111 30.34 4.62 -22.73
N CYS A 112 30.49 3.58 -23.55
CA CYS A 112 30.09 3.57 -24.96
C CYS A 112 29.00 2.51 -25.11
N ARG A 113 27.76 2.92 -24.88
CA ARG A 113 26.66 1.98 -24.74
C ARG A 113 26.16 1.50 -26.10
N TYR A 114 25.43 0.39 -26.06
CA TYR A 114 24.95 -0.28 -27.27
C TYR A 114 23.69 0.39 -27.79
N LYS A 115 23.63 0.56 -29.11
CA LYS A 115 22.64 1.43 -29.74
C LYS A 115 21.60 0.70 -30.57
N SER A 116 21.92 -0.46 -31.14
CA SER A 116 20.95 -1.23 -31.90
C SER A 116 20.20 -2.18 -30.96
N LYS A 117 19.40 -3.09 -31.52
CA LYS A 117 18.62 -4.05 -30.72
C LYS A 117 19.23 -5.44 -30.87
N ALA A 118 19.84 -5.93 -29.79
CA ALA A 118 20.39 -7.28 -29.75
C ALA A 118 19.45 -8.20 -28.99
N THR A 119 19.59 -9.51 -29.24
CA THR A 119 18.72 -10.50 -28.64
C THR A 119 19.47 -11.82 -28.50
N ILE A 120 19.41 -12.41 -27.30
CA ILE A 120 19.97 -13.73 -27.05
C ILE A 120 18.83 -14.64 -26.63
N THR A 121 18.43 -15.54 -27.52
CA THR A 121 17.35 -16.47 -27.25
C THR A 121 17.92 -17.77 -26.69
N LEU A 122 17.55 -18.11 -25.46
CA LEU A 122 17.96 -19.35 -24.84
C LEU A 122 16.89 -20.41 -25.09
N TYR A 123 17.25 -21.49 -25.78
CA TYR A 123 16.29 -22.51 -26.17
C TYR A 123 16.76 -23.87 -25.67
N GLY A 124 15.87 -24.85 -25.78
CA GLY A 124 16.13 -26.19 -25.31
C GLY A 124 15.16 -26.58 -24.23
N LYS A 125 14.44 -27.68 -24.44
CA LYS A 125 13.46 -28.12 -23.45
C LYS A 125 14.15 -28.83 -22.29
N SER A 126 13.42 -28.96 -21.19
CA SER A 126 13.95 -29.62 -20.01
C SER A 126 14.33 -31.07 -20.30
N ASP A 127 13.50 -31.76 -21.08
CA ASP A 127 13.67 -33.18 -21.37
C ASP A 127 14.27 -33.43 -22.76
N GLU A 128 14.92 -32.42 -23.35
CA GLU A 128 15.48 -32.51 -24.70
C GLU A 128 16.98 -32.30 -24.65
N GLY A 129 17.71 -33.20 -25.29
CA GLY A 129 19.15 -33.23 -25.13
C GLY A 129 19.52 -33.53 -23.69
N GLU A 130 20.77 -33.24 -23.36
CA GLU A 130 21.28 -33.46 -22.02
C GLU A 130 21.49 -32.13 -21.30
N SER A 131 21.93 -32.23 -20.05
CA SER A 131 22.03 -31.08 -19.17
C SER A 131 23.40 -31.05 -18.51
N MET A 132 23.73 -29.86 -18.00
CA MET A 132 25.00 -29.60 -17.33
C MET A 132 24.91 -30.01 -15.86
N PRO A 133 26.05 -30.03 -15.13
CA PRO A 133 26.00 -30.48 -13.73
C PRO A 133 25.61 -29.38 -12.75
N THR A 134 26.42 -28.32 -12.67
CA THR A 134 26.07 -27.19 -11.82
C THR A 134 24.91 -26.40 -12.41
N PHE A 135 24.88 -26.27 -13.74
CA PHE A 135 23.86 -25.53 -14.46
C PHE A 135 22.81 -26.50 -14.99
N GLY A 136 21.66 -25.94 -15.34
CA GLY A 136 20.65 -26.75 -15.99
C GLY A 136 20.88 -26.75 -17.50
N LYS A 137 19.91 -26.24 -18.24
CA LYS A 137 20.06 -25.94 -19.64
C LYS A 137 19.60 -24.49 -19.85
N LYS A 138 19.58 -24.05 -21.11
CA LYS A 138 18.94 -22.79 -21.48
C LYS A 138 19.56 -21.58 -20.76
N PHE A 139 20.86 -21.61 -20.47
CA PHE A 139 21.40 -20.63 -19.54
C PHE A 139 22.50 -19.79 -20.17
N ILE A 140 22.91 -18.77 -19.43
CA ILE A 140 24.16 -18.06 -19.64
C ILE A 140 24.89 -18.06 -18.30
N GLY A 141 26.05 -18.70 -18.25
CA GLY A 141 26.66 -18.98 -16.97
C GLY A 141 28.06 -18.42 -16.76
N VAL A 142 28.16 -17.33 -16.01
CA VAL A 142 29.45 -16.78 -15.62
C VAL A 142 30.06 -17.64 -14.52
N GLU A 143 31.37 -17.86 -14.59
CA GLU A 143 32.08 -18.67 -13.60
C GLU A 143 33.24 -17.87 -13.02
N ALA A 144 34.21 -18.59 -12.44
CA ALA A 144 35.36 -17.94 -11.80
C ALA A 144 36.23 -17.25 -12.85
N GLY A 145 36.46 -15.96 -12.66
CA GLY A 145 37.18 -15.13 -13.60
C GLY A 145 36.38 -14.69 -14.81
N GLY A 146 35.08 -14.97 -14.86
CA GLY A 146 34.30 -14.64 -16.04
C GLY A 146 33.94 -13.16 -16.11
N THR A 147 33.86 -12.66 -17.34
CA THR A 147 33.51 -11.28 -17.61
C THR A 147 32.21 -11.26 -18.40
N LEU A 148 31.14 -10.79 -17.77
CA LEU A 148 29.86 -10.56 -18.46
C LEU A 148 29.55 -9.08 -18.33
N GLU A 149 29.72 -8.35 -19.43
CA GLU A 149 29.53 -6.90 -19.46
C GLU A 149 28.47 -6.56 -20.50
N LEU A 150 27.27 -6.21 -20.04
CA LEU A 150 26.19 -5.79 -20.92
C LEU A 150 25.72 -4.41 -20.49
N HIS A 151 25.59 -3.50 -21.46
CA HIS A 151 25.14 -2.13 -21.21
C HIS A 151 24.26 -1.69 -22.37
N GLY A 152 22.96 -1.58 -22.13
CA GLY A 152 22.00 -1.23 -23.16
C GLY A 152 21.77 0.26 -23.28
N ALA A 153 20.76 0.61 -24.07
CA ALA A 153 20.38 2.00 -24.26
C ALA A 153 19.75 2.55 -22.98
N ARG A 154 20.35 3.61 -22.45
CA ARG A 154 19.78 4.27 -21.28
C ARG A 154 18.41 4.82 -21.60
N LYS A 155 17.41 4.34 -20.87
CA LYS A 155 16.06 4.87 -20.90
C LYS A 155 15.66 5.26 -19.47
N ALA A 156 14.44 5.75 -19.33
CA ALA A 156 13.90 6.12 -18.02
C ALA A 156 13.09 4.94 -17.49
N SER A 157 13.49 4.40 -16.35
CA SER A 157 12.90 3.18 -15.83
C SER A 157 11.42 3.32 -15.50
N TRP A 158 11.08 4.03 -14.42
CA TRP A 158 9.69 4.16 -14.02
C TRP A 158 9.46 5.49 -13.31
N THR A 159 8.29 6.08 -13.56
CA THR A 159 7.86 7.30 -12.88
C THR A 159 6.42 7.18 -12.41
N LEU A 160 5.72 8.30 -12.27
CA LEU A 160 4.37 8.29 -11.73
C LEU A 160 3.42 9.04 -12.65
N LEU A 161 2.13 8.73 -12.53
CA LEU A 161 1.11 9.45 -13.28
C LEU A 161 0.92 10.84 -12.69
N ALA A 162 1.22 11.88 -13.48
CA ALA A 162 0.93 13.24 -13.05
C ALA A 162 -0.53 13.60 -13.22
N ARG A 163 -1.32 12.73 -13.85
CA ARG A 163 -2.76 12.92 -13.97
C ARG A 163 -3.43 11.56 -13.95
N THR A 164 -4.64 11.51 -13.40
CA THR A 164 -5.39 10.27 -13.27
C THR A 164 -5.83 9.77 -14.64
N LEU A 165 -6.26 8.50 -14.68
CA LEU A 165 -6.64 7.85 -15.93
C LEU A 165 -7.84 6.93 -15.66
N ASN A 166 -9.05 7.48 -15.83
CA ASN A 166 -10.26 6.68 -15.68
C ASN A 166 -10.34 5.67 -16.82
N SER A 167 -11.13 4.63 -16.58
CA SER A 167 -11.22 3.52 -17.53
C SER A 167 -11.76 4.01 -18.87
N SER A 168 -11.44 3.25 -19.92
CA SER A 168 -11.84 3.54 -21.29
C SER A 168 -11.31 4.88 -21.80
N GLY A 169 -10.30 5.43 -21.13
CA GLY A 169 -9.62 6.62 -21.60
C GLY A 169 -10.36 7.93 -21.39
N LEU A 170 -11.65 7.91 -21.03
CA LEU A 170 -12.37 9.16 -20.90
C LEU A 170 -12.60 9.51 -19.43
N PRO A 171 -12.73 10.79 -19.12
CA PRO A 171 -13.04 11.20 -17.74
C PRO A 171 -14.26 10.49 -17.19
N PHE A 172 -15.30 10.35 -18.01
CA PHE A 172 -16.52 9.69 -17.58
C PHE A 172 -16.87 8.51 -18.46
N GLY A 173 -15.92 8.01 -19.24
CA GLY A 173 -16.00 6.68 -19.80
C GLY A 173 -16.69 6.57 -21.15
N SER A 174 -16.48 5.43 -21.78
CA SER A 174 -17.00 5.18 -23.11
C SER A 174 -18.46 4.75 -23.05
N TYR A 175 -19.25 5.30 -23.97
CA TYR A 175 -20.68 4.96 -24.09
C TYR A 175 -20.88 4.21 -25.39
N THR A 176 -21.41 2.99 -25.29
CA THR A 176 -21.78 2.20 -26.47
C THR A 176 -23.24 1.79 -26.32
N PHE A 177 -24.02 2.00 -27.37
CA PHE A 177 -25.46 1.73 -27.36
C PHE A 177 -25.86 1.12 -28.69
N GLU A 178 -26.86 0.25 -28.66
CA GLU A 178 -27.51 -0.28 -29.85
C GLU A 178 -28.78 -1.01 -29.46
N LYS A 179 -29.89 -0.70 -30.11
CA LYS A 179 -31.15 -1.34 -29.78
C LYS A 179 -32.00 -1.44 -31.04
N ASP A 180 -32.81 -2.49 -31.10
CA ASP A 180 -33.72 -2.74 -32.21
C ASP A 180 -35.10 -2.19 -31.87
N PHE A 181 -35.71 -1.48 -32.82
CA PHE A 181 -37.07 -0.96 -32.69
C PHE A 181 -37.23 -0.06 -31.46
N SER A 182 -36.36 0.93 -31.37
CA SER A 182 -36.56 2.05 -30.44
C SER A 182 -37.21 3.20 -31.20
N ARG A 183 -38.47 2.94 -31.60
CA ARG A 183 -39.16 3.80 -32.57
C ARG A 183 -39.14 5.27 -32.15
N GLY A 184 -38.99 6.14 -33.15
CA GLY A 184 -38.95 7.56 -32.90
C GLY A 184 -37.58 8.16 -33.16
N LEU A 185 -37.26 9.23 -32.42
CA LEU A 185 -35.98 9.94 -32.55
C LEU A 185 -35.21 9.77 -31.25
N ASN A 186 -34.19 8.90 -31.27
CA ASN A 186 -33.34 8.68 -30.11
C ASN A 186 -32.29 9.79 -30.04
N VAL A 187 -32.17 10.40 -28.85
CA VAL A 187 -31.30 11.56 -28.67
C VAL A 187 -30.37 11.33 -27.49
N ARG A 188 -29.15 11.85 -27.62
CA ARG A 188 -28.17 11.87 -26.55
C ARG A 188 -27.45 13.21 -26.59
N VAL A 189 -27.04 13.69 -25.41
CA VAL A 189 -26.27 14.93 -25.30
C VAL A 189 -24.92 14.61 -24.69
N ILE A 190 -23.88 15.28 -25.18
CA ILE A 190 -22.51 14.96 -24.81
C ILE A 190 -21.81 16.24 -24.37
N ASP A 191 -21.31 16.26 -23.14
CA ASP A 191 -20.55 17.39 -22.66
C ASP A 191 -19.32 17.60 -23.54
N GLN A 192 -19.26 18.76 -24.21
CA GLN A 192 -18.19 19.02 -25.16
C GLN A 192 -16.81 19.08 -24.51
N ASP A 193 -16.75 19.26 -23.19
CA ASP A 193 -15.49 19.35 -22.47
C ASP A 193 -15.03 18.04 -21.85
N THR A 194 -15.98 17.16 -21.48
CA THR A 194 -15.66 15.94 -20.76
C THR A 194 -16.10 14.67 -21.48
N ALA A 195 -16.85 14.78 -22.59
CA ALA A 195 -17.40 13.63 -23.30
C ALA A 195 -18.27 12.76 -22.38
N LYS A 196 -18.96 13.40 -21.44
CA LYS A 196 -19.87 12.70 -20.53
C LYS A 196 -21.28 12.67 -21.10
N ILE A 197 -21.94 11.52 -20.97
CA ILE A 197 -23.33 11.39 -21.38
C ILE A 197 -24.18 12.12 -20.35
N LEU A 198 -24.71 13.29 -20.73
CA LEU A 198 -25.53 14.07 -19.80
C LEU A 198 -26.96 13.56 -19.77
N GLU A 199 -27.60 13.42 -20.92
CA GLU A 199 -28.98 13.01 -21.00
C GLU A 199 -29.19 12.03 -22.14
N SER A 200 -30.13 11.11 -21.93
CA SER A 200 -30.55 10.13 -22.93
C SER A 200 -32.06 10.09 -22.95
N GLU A 201 -32.66 10.27 -24.13
CA GLU A 201 -34.11 10.32 -24.26
C GLU A 201 -34.53 9.74 -25.60
N ARG A 202 -35.79 9.34 -25.67
CA ARG A 202 -36.40 8.79 -26.89
C ARG A 202 -37.73 9.48 -27.11
N PHE A 203 -37.85 10.21 -28.21
CA PHE A 203 -39.06 10.96 -28.53
C PHE A 203 -39.77 10.26 -29.67
N ASP A 204 -40.93 9.67 -29.37
CA ASP A 204 -41.70 8.89 -30.35
C ASP A 204 -42.45 9.83 -31.28
N THR A 205 -41.67 10.55 -32.12
CA THR A 205 -42.23 11.46 -33.10
C THR A 205 -42.92 10.74 -34.24
N HIS A 206 -43.19 9.44 -34.12
CA HIS A 206 -44.01 8.75 -35.12
C HIS A 206 -45.48 8.78 -34.75
N GLU A 207 -45.83 8.28 -33.57
CA GLU A 207 -47.24 8.14 -33.23
C GLU A 207 -47.81 9.38 -32.54
N TYR A 208 -47.09 9.98 -31.61
CA TYR A 208 -47.64 11.01 -30.74
C TYR A 208 -47.14 12.39 -31.15
N ARG A 209 -48.09 13.29 -31.39
CA ARG A 209 -47.73 14.69 -31.61
C ARG A 209 -47.31 15.37 -30.31
N ASN A 210 -47.76 14.85 -29.17
CA ASN A 210 -47.28 15.36 -27.88
C ASN A 210 -45.78 15.13 -27.72
N GLU A 211 -45.24 14.12 -28.40
CA GLU A 211 -43.82 13.80 -28.27
C GLU A 211 -42.96 14.74 -29.10
N SER A 212 -43.38 15.04 -30.33
CA SER A 212 -42.70 16.05 -31.14
C SER A 212 -42.73 17.43 -30.48
N ARG A 213 -43.53 17.61 -29.43
CA ARG A 213 -43.62 18.85 -28.68
C ARG A 213 -42.65 18.87 -27.51
N ARG A 214 -42.50 17.74 -26.80
CA ARG A 214 -41.48 17.64 -25.76
C ARG A 214 -40.07 17.64 -26.35
N LEU A 215 -39.93 17.23 -27.61
CA LEU A 215 -38.61 17.25 -28.27
C LEU A 215 -38.19 18.66 -28.63
N GLN A 216 -39.15 19.50 -29.05
CA GLN A 216 -38.82 20.88 -29.39
C GLN A 216 -38.49 21.69 -28.14
N GLU A 217 -39.28 21.51 -27.06
CA GLU A 217 -38.94 22.15 -25.79
C GLU A 217 -37.67 21.58 -25.18
N PHE A 218 -37.28 20.36 -25.57
CA PHE A 218 -36.02 19.80 -25.13
C PHE A 218 -34.83 20.55 -25.73
N LEU A 219 -34.92 20.90 -27.02
CA LEU A 219 -33.85 21.61 -27.69
C LEU A 219 -33.83 23.11 -27.40
N ARG A 220 -34.93 23.66 -26.87
CA ARG A 220 -34.94 25.09 -26.56
C ARG A 220 -34.12 25.39 -25.32
N PHE A 221 -34.21 24.53 -24.30
CA PHE A 221 -33.52 24.75 -23.03
C PHE A 221 -32.11 24.17 -22.99
N GLN A 222 -31.48 23.95 -24.14
CA GLN A 222 -30.15 23.36 -24.19
C GLN A 222 -29.06 24.43 -24.11
N ASP A 223 -28.03 24.13 -23.32
CA ASP A 223 -26.88 25.02 -23.25
C ASP A 223 -26.18 25.06 -24.61
N PRO A 224 -25.70 26.23 -25.04
CA PRO A 224 -24.96 26.29 -26.30
C PRO A 224 -23.69 25.45 -26.24
N GLY A 225 -23.36 24.83 -27.36
CA GLY A 225 -22.12 24.10 -27.49
C GLY A 225 -22.16 22.64 -27.05
N ARG A 226 -23.29 22.18 -26.51
CA ARG A 226 -23.41 20.77 -26.14
C ARG A 226 -23.45 19.89 -27.38
N ILE A 227 -22.56 18.91 -27.44
CA ILE A 227 -22.55 17.95 -28.54
C ILE A 227 -23.82 17.11 -28.47
N VAL A 228 -24.53 17.02 -29.59
CA VAL A 228 -25.79 16.30 -29.66
C VAL A 228 -25.73 15.29 -30.78
N ALA A 229 -26.24 14.09 -30.52
CA ALA A 229 -26.33 13.04 -31.52
C ALA A 229 -27.75 12.48 -31.53
N ILE A 230 -28.24 12.17 -32.74
CA ILE A 230 -29.58 11.62 -32.94
C ILE A 230 -29.48 10.42 -33.86
N ALA A 231 -30.46 9.52 -33.74
CA ALA A 231 -30.59 8.39 -34.65
C ALA A 231 -32.05 7.93 -34.65
N VAL A 232 -32.66 7.90 -35.85
CA VAL A 232 -34.04 7.43 -35.96
C VAL A 232 -34.11 5.98 -35.51
N GLY A 233 -35.09 5.67 -34.65
CA GLY A 233 -35.23 4.32 -34.16
C GLY A 233 -35.83 3.39 -35.18
N ASP A 234 -37.16 3.33 -35.22
CA ASP A 234 -37.85 2.55 -36.24
C ASP A 234 -38.18 3.44 -37.42
N SER A 235 -39.26 4.21 -37.31
CA SER A 235 -39.69 5.11 -38.36
C SER A 235 -40.16 6.39 -37.72
N ALA A 236 -39.36 7.45 -37.86
CA ALA A 236 -39.80 8.78 -37.47
C ALA A 236 -40.58 9.39 -38.63
N ALA A 237 -40.73 10.72 -38.63
CA ALA A 237 -41.39 11.45 -39.71
C ALA A 237 -42.84 10.99 -39.91
N LYS A 238 -43.62 11.12 -38.87
CA LYS A 238 -45.06 10.90 -38.97
C LYS A 238 -45.80 11.92 -38.13
N SER A 239 -45.46 12.01 -36.85
CA SER A 239 -46.00 13.02 -35.95
C SER A 239 -45.03 14.18 -35.73
N LEU A 240 -43.94 14.24 -36.48
CA LEU A 240 -42.96 15.31 -36.33
C LEU A 240 -43.53 16.62 -36.83
N LEU A 241 -43.37 17.68 -36.04
CA LEU A 241 -43.93 18.99 -36.36
C LEU A 241 -42.89 19.88 -37.03
N GLN A 242 -43.40 20.88 -37.76
CA GLN A 242 -42.51 21.80 -38.47
C GLN A 242 -41.78 22.74 -37.51
N GLY A 243 -42.43 23.08 -36.38
CA GLY A 243 -41.73 23.84 -35.36
C GLY A 243 -40.50 23.12 -34.84
N THR A 244 -40.53 21.79 -34.84
CA THR A 244 -39.39 21.00 -34.39
C THR A 244 -38.34 20.86 -35.48
N ILE A 245 -38.76 20.65 -36.73
CA ILE A 245 -37.81 20.57 -37.83
C ILE A 245 -37.11 21.91 -38.04
N GLN A 246 -37.81 23.02 -37.77
CA GLN A 246 -37.14 24.31 -37.74
C GLN A 246 -36.14 24.38 -36.60
N MET A 247 -36.51 23.86 -35.43
CA MET A 247 -35.61 23.89 -34.28
C MET A 247 -34.36 23.06 -34.52
N ILE A 248 -34.50 21.93 -35.22
CA ILE A 248 -33.33 21.10 -35.52
C ILE A 248 -32.41 21.81 -36.50
N GLN A 249 -32.97 22.35 -37.58
CA GLN A 249 -32.16 23.11 -38.54
C GLN A 249 -31.49 24.32 -37.88
N GLU A 250 -32.17 24.94 -36.91
CA GLU A 250 -31.62 26.13 -36.28
C GLU A 250 -30.52 25.78 -35.28
N ARG A 251 -30.81 24.88 -34.33
CA ARG A 251 -29.89 24.67 -33.22
C ARG A 251 -28.66 23.87 -33.63
N LEU A 252 -28.78 22.98 -34.62
CA LEU A 252 -27.72 22.04 -34.93
C LEU A 252 -27.17 22.17 -36.34
N GLY A 253 -27.80 22.95 -37.22
CA GLY A 253 -27.30 23.09 -38.57
C GLY A 253 -27.59 21.90 -39.47
N SER A 254 -28.72 21.24 -39.26
CA SER A 254 -29.11 20.09 -40.08
C SER A 254 -29.74 20.56 -41.37
N GLU A 255 -29.26 20.02 -42.50
CA GLU A 255 -29.83 20.36 -43.80
C GLU A 255 -30.78 19.30 -44.34
N LEU A 256 -30.76 18.09 -43.77
CA LEU A 256 -31.55 16.98 -44.29
C LEU A 256 -32.81 16.69 -43.48
N ILE A 257 -32.95 17.26 -42.27
CA ILE A 257 -34.10 16.96 -41.42
C ILE A 257 -35.40 17.41 -42.06
N GLN A 258 -35.34 18.34 -43.01
CA GLN A 258 -36.56 18.83 -43.66
C GLN A 258 -37.28 17.74 -44.44
N GLY A 259 -36.63 16.62 -44.74
CA GLY A 259 -37.25 15.59 -45.54
C GLY A 259 -37.06 14.16 -45.07
N LEU A 260 -37.36 13.90 -43.79
CA LEU A 260 -37.38 12.54 -43.27
C LEU A 260 -38.67 11.84 -43.71
N GLY A 261 -38.57 10.54 -43.95
CA GLY A 261 -39.65 9.80 -44.57
C GLY A 261 -40.03 8.55 -43.79
N TYR A 262 -40.95 7.78 -44.38
CA TYR A 262 -41.47 6.58 -43.75
C TYR A 262 -40.38 5.51 -43.69
N ARG A 263 -40.08 5.05 -42.47
CA ARG A 263 -39.08 4.00 -42.22
C ARG A 263 -37.72 4.39 -42.78
N GLN A 264 -37.41 5.68 -42.79
CA GLN A 264 -36.11 6.16 -43.27
C GLN A 264 -35.18 6.35 -42.08
N ALA A 265 -33.98 5.78 -42.20
CA ALA A 265 -32.97 5.85 -41.15
C ALA A 265 -32.13 7.10 -41.31
N TRP A 266 -31.75 7.68 -40.18
CA TRP A 266 -31.06 8.96 -40.18
C TRP A 266 -30.36 9.15 -38.85
N ALA A 267 -29.11 9.60 -38.91
CA ALA A 267 -28.30 9.83 -37.72
C ALA A 267 -27.53 11.13 -37.87
N LEU A 268 -27.40 11.85 -36.76
CA LEU A 268 -26.77 13.17 -36.75
C LEU A 268 -25.83 13.27 -35.56
N VAL A 269 -24.77 14.06 -35.73
CA VAL A 269 -23.88 14.45 -34.65
C VAL A 269 -23.52 15.91 -34.86
N GLY A 270 -24.09 16.80 -34.03
CA GLY A 270 -23.82 18.21 -34.18
C GLY A 270 -23.47 18.90 -32.87
N VAL A 271 -23.41 20.23 -32.91
CA VAL A 271 -23.08 21.05 -31.75
C VAL A 271 -24.18 22.10 -31.58
N ILE A 272 -24.72 22.19 -30.36
CA ILE A 272 -25.81 23.14 -30.10
C ILE A 272 -25.35 24.54 -30.41
N ASP A 273 -26.09 25.23 -31.27
CA ASP A 273 -25.77 26.58 -31.73
C ASP A 273 -24.39 26.64 -32.38
N GLY A 274 -24.00 25.56 -33.03
CA GLY A 274 -22.73 25.47 -33.74
C GLY A 274 -22.83 25.77 -35.21
N GLY A 275 -23.96 26.31 -35.68
CA GLY A 275 -24.11 26.59 -37.10
C GLY A 275 -24.23 25.31 -37.91
N SER A 276 -23.87 25.41 -39.19
CA SER A 276 -23.96 24.29 -40.13
C SER A 276 -22.68 23.47 -40.23
N THR A 277 -21.51 24.07 -40.00
CA THR A 277 -20.23 23.39 -40.17
C THR A 277 -19.82 22.57 -38.95
N SER A 278 -20.54 22.67 -37.82
CA SER A 278 -20.36 21.78 -36.68
C SER A 278 -21.26 20.55 -36.78
N CYS A 279 -21.77 20.23 -37.97
CA CYS A 279 -22.76 19.20 -38.13
C CYS A 279 -22.30 18.19 -39.19
N ASN A 280 -22.75 16.94 -39.03
CA ASN A 280 -22.35 15.85 -39.91
C ASN A 280 -23.46 14.81 -39.88
N GLU A 281 -24.16 14.68 -41.01
CA GLU A 281 -25.38 13.87 -41.07
C GLU A 281 -25.37 12.96 -42.30
N SER A 282 -26.35 12.07 -42.36
CA SER A 282 -26.46 11.09 -43.43
C SER A 282 -27.84 10.44 -43.36
N VAL A 283 -28.21 9.75 -44.44
CA VAL A 283 -29.54 9.16 -44.58
C VAL A 283 -29.46 7.95 -45.51
N ARG A 284 -30.40 7.02 -45.32
CA ARG A 284 -30.50 5.83 -46.17
C ARG A 284 -31.96 5.52 -46.46
N ASN A 285 -32.25 5.13 -47.70
CA ASN A 285 -33.59 4.76 -48.10
C ASN A 285 -33.99 3.41 -47.50
N TYR A 286 -35.19 2.97 -47.83
CA TYR A 286 -35.74 1.70 -47.37
C TYR A 286 -36.19 0.91 -48.59
N GLU A 287 -35.42 -0.10 -48.96
CA GLU A 287 -35.63 -0.83 -50.20
C GLU A 287 -35.37 -2.32 -49.97
N ASN A 288 -36.33 -3.15 -50.36
CA ASN A 288 -36.19 -4.61 -50.28
C ASN A 288 -35.89 -5.05 -48.85
N HIS A 289 -36.55 -4.40 -47.89
CA HIS A 289 -36.42 -4.64 -46.46
C HIS A 289 -35.02 -4.34 -45.92
N SER A 290 -34.17 -3.70 -46.73
CA SER A 290 -32.81 -3.37 -46.32
C SER A 290 -32.58 -1.90 -46.62
N SER A 291 -31.58 -1.34 -45.94
CA SER A 291 -31.13 0.01 -46.21
C SER A 291 -29.89 0.03 -47.09
N GLY A 292 -29.44 -1.14 -47.55
CA GLY A 292 -28.20 -1.23 -48.29
C GLY A 292 -26.99 -0.80 -47.50
N GLY A 293 -27.14 -0.68 -46.18
CA GLY A 293 -26.06 -0.25 -45.31
C GLY A 293 -26.51 0.66 -44.18
N LYS A 294 -25.57 1.03 -43.32
CA LYS A 294 -25.90 1.87 -42.16
C LYS A 294 -26.10 3.33 -42.61
N ALA A 295 -26.38 4.17 -41.62
CA ALA A 295 -26.43 5.61 -41.78
C ALA A 295 -25.63 6.21 -40.64
N LEU A 296 -24.35 6.48 -40.89
CA LEU A 296 -23.39 6.81 -39.83
C LEU A 296 -23.13 8.31 -39.76
N ALA A 297 -23.09 8.82 -38.53
CA ALA A 297 -22.77 10.22 -38.27
C ALA A 297 -21.65 10.27 -37.24
N GLN A 298 -20.51 10.88 -37.61
CA GLN A 298 -19.33 10.86 -36.76
C GLN A 298 -18.58 12.18 -36.87
N ARG A 299 -18.30 12.78 -35.72
CA ARG A 299 -17.42 13.93 -35.63
C ARG A 299 -16.40 13.66 -34.53
N GLU A 300 -15.31 14.42 -34.56
CA GLU A 300 -14.27 14.33 -33.54
C GLU A 300 -14.24 15.61 -32.73
N PHE A 301 -13.94 15.47 -31.45
CA PHE A 301 -13.84 16.61 -30.55
C PHE A 301 -12.64 16.41 -29.64
N TYR A 302 -12.34 17.44 -28.87
CA TYR A 302 -11.27 17.38 -27.88
C TYR A 302 -11.85 17.70 -26.51
N THR A 303 -11.59 16.81 -25.55
CA THR A 303 -11.81 17.16 -24.15
C THR A 303 -10.96 18.37 -23.83
N VAL A 304 -11.25 19.07 -22.73
CA VAL A 304 -10.46 20.23 -22.36
C VAL A 304 -9.08 19.81 -21.88
N ASP A 305 -8.84 18.50 -21.84
CA ASP A 305 -7.57 17.93 -21.39
C ASP A 305 -6.68 17.51 -22.56
N GLY A 306 -7.05 17.87 -23.79
CA GLY A 306 -6.31 17.47 -24.96
C GLY A 306 -6.62 16.08 -25.46
N GLN A 307 -7.42 15.31 -24.73
CA GLN A 307 -7.77 13.97 -25.19
C GLN A 307 -8.85 14.06 -26.26
N LYS A 308 -8.62 13.36 -27.36
CA LYS A 308 -9.49 13.41 -28.53
C LYS A 308 -10.53 12.30 -28.45
N PHE A 309 -11.77 12.62 -28.82
CA PHE A 309 -12.83 11.62 -28.79
C PHE A 309 -13.78 11.86 -29.96
N SER A 310 -14.41 10.78 -30.42
CA SER A 310 -15.32 10.81 -31.56
C SER A 310 -16.72 10.42 -31.10
N VAL A 311 -17.69 11.28 -31.37
CA VAL A 311 -19.09 10.98 -31.13
C VAL A 311 -19.65 10.35 -32.39
N THR A 312 -20.21 9.15 -32.26
CA THR A 312 -20.68 8.37 -33.40
C THR A 312 -22.13 7.96 -33.18
N ALA A 313 -22.91 7.96 -34.26
CA ALA A 313 -24.32 7.61 -34.18
C ALA A 313 -24.73 6.94 -35.48
N TYR A 314 -25.68 6.01 -35.39
CA TYR A 314 -26.08 5.26 -36.58
C TYR A 314 -27.50 4.75 -36.44
N SER A 315 -28.11 4.48 -37.61
CA SER A 315 -29.45 3.93 -37.72
C SER A 315 -29.55 3.23 -39.06
N GLU A 316 -30.03 1.98 -39.08
CA GLU A 316 -30.01 1.22 -40.31
C GLU A 316 -31.17 0.24 -40.33
N TRP A 317 -31.36 -0.37 -41.51
CA TRP A 317 -32.26 -1.50 -41.71
C TRP A 317 -31.45 -2.68 -42.22
N ILE A 318 -31.62 -3.84 -41.59
CA ILE A 318 -30.97 -5.07 -42.02
C ILE A 318 -32.05 -6.14 -42.12
N GLU A 319 -32.53 -6.40 -43.33
CA GLU A 319 -33.49 -7.45 -43.61
C GLU A 319 -34.81 -7.28 -42.87
N GLY A 320 -34.98 -6.15 -42.17
CA GLY A 320 -36.21 -5.92 -41.43
C GLY A 320 -35.99 -5.22 -40.11
N VAL A 321 -34.84 -5.45 -39.48
CA VAL A 321 -34.55 -4.87 -38.17
C VAL A 321 -34.15 -3.41 -38.34
N SER A 322 -34.65 -2.56 -37.46
CA SER A 322 -34.27 -1.15 -37.42
C SER A 322 -33.43 -0.94 -36.16
N LEU A 323 -32.11 -1.07 -36.29
CA LEU A 323 -31.22 -0.80 -35.18
C LEU A 323 -30.96 0.70 -35.08
N SER A 324 -30.46 1.10 -33.91
CA SER A 324 -30.08 2.49 -33.67
C SER A 324 -29.08 2.50 -32.52
N GLY A 325 -27.96 3.20 -32.71
CA GLY A 325 -26.91 3.13 -31.71
C GLY A 325 -25.99 4.33 -31.72
N PHE A 326 -25.19 4.41 -30.65
CA PHE A 326 -24.21 5.48 -30.47
C PHE A 326 -22.91 4.87 -29.94
N ARG A 327 -21.82 5.61 -30.14
CA ARG A 327 -20.51 5.21 -29.62
C ARG A 327 -19.67 6.47 -29.41
N VAL A 328 -19.39 6.79 -28.15
CA VAL A 328 -18.50 7.89 -27.78
C VAL A 328 -17.24 7.27 -27.19
N GLU A 329 -16.13 7.34 -27.93
CA GLU A 329 -14.92 6.63 -27.56
C GLU A 329 -13.70 7.51 -27.83
N VAL A 330 -12.60 7.17 -27.16
CA VAL A 330 -11.34 7.87 -27.35
C VAL A 330 -10.79 7.54 -28.74
N VAL A 331 -10.18 8.54 -29.39
CA VAL A 331 -9.65 8.38 -30.73
C VAL A 331 -8.28 9.03 -30.82
N ASP A 332 -7.51 8.57 -31.82
CA ASP A 332 -6.15 9.05 -32.08
C ASP A 332 -5.24 8.80 -30.86
N GLY A 333 -5.31 7.58 -30.34
CA GLY A 333 -4.57 7.22 -29.14
C GLY A 333 -5.01 7.99 -27.89
N VAL A 334 -4.47 7.61 -26.74
CA VAL A 334 -4.79 8.25 -25.47
C VAL A 334 -3.54 8.93 -24.94
N LYS A 335 -3.67 10.18 -24.50
CA LYS A 335 -2.53 10.97 -24.05
C LYS A 335 -2.41 10.85 -22.54
N LEU A 336 -1.33 10.22 -22.09
CA LEU A 336 -1.08 10.03 -20.67
C LEU A 336 -0.17 11.13 -20.13
N ASN A 337 -0.35 11.45 -18.86
CA ASN A 337 0.45 12.46 -18.18
C ASN A 337 1.36 11.78 -17.17
N LEU A 338 2.65 12.14 -17.19
CA LEU A 338 3.63 11.57 -16.29
C LEU A 338 4.35 12.67 -15.51
N LEU A 339 5.05 12.25 -14.45
CA LEU A 339 5.70 13.19 -13.54
C LEU A 339 7.02 13.72 -14.12
N ASP A 340 7.85 12.82 -14.66
CA ASP A 340 9.17 13.16 -15.15
C ASP A 340 9.23 13.01 -16.67
N ASP A 341 10.37 13.39 -17.23
CA ASP A 341 10.55 13.40 -18.68
C ASP A 341 10.79 11.98 -19.19
N VAL A 342 10.10 11.62 -20.28
CA VAL A 342 10.21 10.30 -20.88
C VAL A 342 10.51 10.43 -22.37
N SER A 343 11.35 11.39 -22.73
CA SER A 343 11.74 11.56 -24.12
C SER A 343 12.51 10.37 -24.66
N SER A 344 13.02 9.48 -23.81
CA SER A 344 13.77 8.30 -24.25
C SER A 344 12.88 7.14 -24.67
N TRP A 345 11.56 7.27 -24.53
CA TRP A 345 10.64 6.21 -24.89
C TRP A 345 10.26 6.36 -26.36
N LYS A 346 10.09 5.22 -27.03
CA LYS A 346 9.96 5.23 -28.48
C LYS A 346 8.72 4.45 -28.90
N PRO A 347 8.11 4.85 -30.02
CA PRO A 347 7.03 4.03 -30.58
C PRO A 347 7.53 2.63 -30.89
N GLY A 348 6.66 1.65 -30.67
CA GLY A 348 7.05 0.26 -30.76
C GLY A 348 7.59 -0.33 -29.47
N ASP A 349 7.66 0.47 -28.41
CA ASP A 349 8.06 0.00 -27.10
C ASP A 349 6.82 -0.24 -26.24
N GLN A 350 6.96 -1.13 -25.26
CA GLN A 350 5.87 -1.51 -24.37
C GLN A 350 6.10 -0.96 -22.97
N ILE A 351 5.00 -0.61 -22.30
CA ILE A 351 5.02 -0.07 -20.94
C ILE A 351 3.98 -0.80 -20.10
N VAL A 352 3.91 -0.43 -18.83
CA VAL A 352 2.99 -1.05 -17.88
C VAL A 352 2.55 0.00 -16.86
N VAL A 353 1.25 0.03 -16.56
CA VAL A 353 0.67 0.94 -15.58
C VAL A 353 0.10 0.11 -14.44
N ALA A 354 0.42 0.48 -13.21
CA ALA A 354 0.15 -0.37 -12.06
C ALA A 354 -1.28 -0.19 -11.54
N SER A 355 -1.62 -1.03 -10.57
CA SER A 355 -2.92 -0.98 -9.94
C SER A 355 -2.92 0.02 -8.79
N THR A 356 -3.97 0.82 -8.71
CA THR A 356 -4.19 1.72 -7.57
C THR A 356 -5.37 1.27 -6.73
N ASP A 357 -5.56 -0.05 -6.63
CA ASP A 357 -6.69 -0.63 -5.93
C ASP A 357 -6.24 -1.91 -5.25
N TYR A 358 -7.16 -2.53 -4.50
CA TYR A 358 -6.81 -3.66 -3.65
C TYR A 358 -6.27 -4.84 -4.45
N SER A 359 -6.77 -5.05 -5.65
CA SER A 359 -6.36 -6.20 -6.48
C SER A 359 -5.15 -5.82 -7.32
N MET A 360 -4.04 -6.55 -7.13
CA MET A 360 -2.85 -6.29 -7.93
C MET A 360 -3.08 -6.55 -9.42
N TYR A 361 -4.07 -7.36 -9.78
CA TYR A 361 -4.32 -7.72 -11.18
C TYR A 361 -4.99 -6.59 -11.95
N GLN A 362 -4.94 -5.36 -11.42
CA GLN A 362 -5.40 -4.20 -12.16
C GLN A 362 -4.27 -3.50 -12.90
N ALA A 363 -3.07 -4.05 -12.87
CA ALA A 363 -1.97 -3.51 -13.66
C ALA A 363 -2.14 -3.91 -15.11
N GLU A 364 -1.79 -3.01 -16.01
CA GLU A 364 -2.07 -3.20 -17.44
C GLU A 364 -0.83 -2.92 -18.27
N GLU A 365 -0.76 -3.57 -19.42
CA GLU A 365 0.29 -3.37 -20.41
C GLU A 365 -0.18 -2.41 -21.50
N PHE A 366 0.75 -1.60 -22.01
CA PHE A 366 0.45 -0.63 -23.06
C PHE A 366 1.60 -0.56 -24.06
N THR A 367 1.26 -0.27 -25.31
CA THR A 367 2.25 -0.08 -26.37
C THR A 367 2.21 1.38 -26.81
N LEU A 368 3.39 1.97 -26.96
CA LEU A 368 3.51 3.40 -27.21
C LEU A 368 3.25 3.73 -28.68
N LEU A 369 2.33 4.66 -28.92
CA LEU A 369 2.02 5.16 -30.25
C LEU A 369 2.94 6.32 -30.62
N PRO A 370 3.20 6.51 -31.90
CA PRO A 370 3.87 7.74 -32.34
C PRO A 370 3.00 8.95 -32.06
N CYS A 371 3.56 9.93 -31.33
CA CYS A 371 2.81 11.11 -30.92
C CYS A 371 3.67 12.34 -31.20
N SER A 372 3.34 13.05 -32.28
CA SER A 372 4.03 14.31 -32.56
C SER A 372 3.52 15.43 -31.67
N GLU A 373 2.32 15.30 -31.11
CA GLU A 373 1.69 16.34 -30.31
C GLU A 373 1.96 16.20 -28.82
N CYS A 374 2.92 15.37 -28.42
CA CYS A 374 3.15 15.07 -27.01
C CYS A 374 4.31 15.90 -26.46
N SER A 375 4.19 16.31 -25.20
CA SER A 375 5.24 17.07 -24.53
C SER A 375 6.26 16.11 -23.93
N HIS A 376 7.15 16.64 -23.10
CA HIS A 376 8.17 15.82 -22.47
C HIS A 376 7.62 14.96 -21.33
N PHE A 377 6.41 15.21 -20.88
CA PHE A 377 5.82 14.46 -19.77
C PHE A 377 4.64 13.61 -20.22
N GLN A 378 4.59 13.25 -21.50
CA GLN A 378 3.43 12.58 -22.06
C GLN A 378 3.85 11.60 -23.13
N VAL A 379 3.07 10.54 -23.29
CA VAL A 379 3.15 9.63 -24.43
C VAL A 379 1.72 9.28 -24.85
N LYS A 380 1.61 8.47 -25.90
CA LYS A 380 0.32 8.00 -26.39
C LYS A 380 0.35 6.48 -26.42
N VAL A 381 -0.70 5.86 -25.90
CA VAL A 381 -0.79 4.41 -25.84
C VAL A 381 -1.82 3.94 -26.85
N LYS A 382 -1.59 2.74 -27.38
CA LYS A 382 -2.49 2.18 -28.39
C LYS A 382 -3.78 1.70 -27.78
N GLU A 383 -3.71 1.07 -26.61
CA GLU A 383 -4.84 0.32 -26.08
C GLU A 383 -5.79 1.21 -25.29
N THR A 384 -6.97 0.65 -25.02
CA THR A 384 -8.00 1.31 -24.22
C THR A 384 -7.95 0.77 -22.80
N PRO A 385 -7.74 1.62 -21.79
CA PRO A 385 -7.59 1.11 -20.42
C PRO A 385 -8.89 0.52 -19.90
N GLN A 386 -8.79 -0.64 -19.27
CA GLN A 386 -9.94 -1.33 -18.71
C GLN A 386 -10.21 -0.97 -17.26
N PHE A 387 -9.25 -0.39 -16.56
CA PHE A 387 -9.34 -0.16 -15.12
C PHE A 387 -9.03 1.29 -14.79
N LEU A 388 -9.08 1.60 -13.50
CA LEU A 388 -8.85 2.93 -12.97
C LEU A 388 -7.44 2.99 -12.38
N HIS A 389 -6.72 4.07 -12.67
CA HIS A 389 -5.34 4.25 -12.22
C HIS A 389 -5.19 5.65 -11.66
N MET A 390 -4.99 5.75 -10.35
CA MET A 390 -4.84 7.05 -9.71
C MET A 390 -3.61 7.76 -10.26
N GLY A 391 -3.76 9.08 -10.46
CA GLY A 391 -2.67 9.92 -10.93
C GLY A 391 -2.57 11.21 -10.15
N GLU A 392 -3.32 11.29 -9.06
CA GLU A 392 -3.33 12.45 -8.18
C GLU A 392 -2.89 12.01 -6.78
N ILE A 393 -2.52 13.01 -5.98
CA ILE A 393 -2.37 12.80 -4.55
C ILE A 393 -3.77 12.86 -3.94
N ILE A 394 -4.18 11.77 -3.30
CA ILE A 394 -5.55 11.61 -2.81
C ILE A 394 -5.54 11.78 -1.30
N ASP A 395 -6.13 12.88 -0.83
CA ASP A 395 -6.25 13.16 0.60
C ASP A 395 -4.89 13.16 1.30
N GLY A 396 -3.88 13.71 0.62
CA GLY A 396 -2.55 13.82 1.17
C GLY A 396 -1.64 12.63 0.94
N VAL A 397 -2.18 11.53 0.42
CA VAL A 397 -1.41 10.31 0.19
C VAL A 397 -1.08 10.20 -1.29
N ASP A 398 0.19 9.96 -1.60
CA ASP A 398 0.65 9.83 -2.98
C ASP A 398 0.21 8.50 -3.58
N MET A 399 -0.99 8.47 -4.16
CA MET A 399 -1.53 7.26 -4.78
C MET A 399 -1.29 7.23 -6.29
N ARG A 400 -0.41 8.09 -6.80
CA ARG A 400 -0.10 8.08 -8.22
C ARG A 400 0.38 6.70 -8.67
N ALA A 401 -0.18 6.22 -9.76
CA ALA A 401 0.18 4.91 -10.28
C ALA A 401 1.57 4.95 -10.91
N GLU A 402 2.38 3.95 -10.59
CA GLU A 402 3.69 3.83 -11.22
C GLU A 402 3.54 3.40 -12.67
N VAL A 403 4.47 3.87 -13.51
CA VAL A 403 4.46 3.56 -14.94
C VAL A 403 5.89 3.24 -15.37
N GLY A 404 6.09 2.09 -15.98
CA GLY A 404 7.43 1.64 -16.32
C GLY A 404 7.51 1.10 -17.74
N ILE A 405 8.69 1.29 -18.34
CA ILE A 405 8.98 0.84 -19.70
C ILE A 405 9.58 -0.56 -19.64
N LEU A 406 9.16 -1.42 -20.57
CA LEU A 406 9.62 -2.80 -20.60
C LEU A 406 10.54 -3.10 -21.77
N THR A 407 10.35 -2.47 -22.92
CA THR A 407 11.15 -2.76 -24.10
C THR A 407 12.52 -2.09 -23.99
N ARG A 408 13.57 -2.88 -24.13
CA ARG A 408 14.93 -2.39 -24.22
C ARG A 408 15.48 -2.70 -25.61
N ASN A 409 16.79 -2.56 -25.76
CA ASN A 409 17.50 -2.95 -26.96
C ASN A 409 18.45 -4.12 -26.74
N ILE A 410 18.62 -4.56 -25.49
CA ILE A 410 19.37 -5.77 -25.19
C ILE A 410 18.39 -6.74 -24.54
N VAL A 411 18.13 -7.86 -25.20
CA VAL A 411 17.12 -8.82 -24.77
C VAL A 411 17.79 -10.17 -24.55
N ILE A 412 17.48 -10.79 -23.41
CA ILE A 412 17.85 -12.18 -23.12
C ILE A 412 16.57 -12.90 -22.72
N GLN A 413 16.12 -13.82 -23.57
CA GLN A 413 14.81 -14.44 -23.41
C GLN A 413 14.91 -15.95 -23.51
N GLY A 414 14.05 -16.63 -22.77
CA GLY A 414 13.91 -18.07 -22.88
C GLY A 414 12.84 -18.42 -23.90
N GLU A 415 13.08 -19.52 -24.62
CA GLU A 415 12.15 -20.01 -25.62
C GLU A 415 11.17 -20.97 -24.97
N VAL A 416 9.87 -20.75 -25.17
CA VAL A 416 8.84 -21.46 -24.43
C VAL A 416 7.80 -22.06 -25.37
N GLU A 417 6.91 -22.85 -24.80
CA GLU A 417 5.92 -23.64 -25.52
C GLU A 417 4.52 -23.06 -25.31
N ASP A 418 3.58 -23.54 -26.14
CA ASP A 418 2.21 -23.03 -26.10
C ASP A 418 1.45 -23.52 -24.87
N SER A 419 1.87 -24.62 -24.26
CA SER A 419 1.26 -25.14 -23.05
C SER A 419 2.29 -25.97 -22.30
N CYS A 420 1.93 -26.40 -21.09
CA CYS A 420 2.89 -27.07 -20.22
C CYS A 420 3.22 -28.46 -20.75
N TYR A 421 4.39 -28.97 -20.36
CA TYR A 421 4.85 -30.27 -20.85
C TYR A 421 5.68 -30.96 -19.76
N ALA A 422 5.74 -32.29 -19.81
CA ALA A 422 6.54 -33.10 -18.91
C ALA A 422 6.21 -32.90 -17.44
N GLU A 423 7.23 -33.03 -16.60
CA GLU A 423 7.09 -32.81 -15.16
C GLU A 423 7.55 -31.41 -14.77
N ASN A 424 7.28 -30.42 -15.63
CA ASN A 424 7.54 -29.01 -15.35
C ASN A 424 6.45 -28.36 -14.51
N GLN A 425 5.94 -29.08 -13.49
CA GLN A 425 4.88 -28.61 -12.61
C GLN A 425 3.64 -28.21 -13.41
N CYS A 426 3.07 -29.19 -14.12
CA CYS A 426 1.96 -28.92 -15.03
C CYS A 426 0.59 -29.03 -14.38
N GLN A 427 0.45 -29.74 -13.26
CA GLN A 427 -0.85 -29.75 -12.58
C GLN A 427 -1.23 -28.38 -12.03
N PHE A 428 -0.28 -27.45 -11.96
CA PHE A 428 -0.52 -26.09 -11.48
C PHE A 428 -0.55 -25.05 -12.59
N PHE A 429 0.31 -25.19 -13.59
CA PHE A 429 0.41 -24.23 -14.67
C PHE A 429 0.02 -24.88 -15.99
N ASP A 430 -0.89 -24.24 -16.72
CA ASP A 430 -1.29 -24.69 -18.04
C ASP A 430 -0.45 -24.06 -19.15
N TYR A 431 0.81 -23.76 -18.88
CA TYR A 431 1.71 -23.18 -19.86
C TYR A 431 3.15 -23.55 -19.49
N ASP A 432 4.04 -23.40 -20.47
CA ASP A 432 5.44 -23.73 -20.23
C ASP A 432 6.03 -22.78 -19.21
N THR A 433 6.76 -23.34 -18.23
CA THR A 433 7.43 -22.59 -17.18
C THR A 433 8.93 -22.87 -17.15
N PHE A 434 9.52 -23.19 -18.30
CA PHE A 434 10.92 -23.58 -18.40
C PHE A 434 11.59 -22.68 -19.43
N GLY A 435 12.06 -21.53 -18.97
CA GLY A 435 12.76 -20.57 -19.79
C GLY A 435 14.25 -20.55 -19.52
N GLY A 436 14.88 -19.42 -19.80
CA GLY A 436 16.31 -19.30 -19.56
C GLY A 436 16.64 -18.72 -18.19
N HIS A 437 17.91 -18.86 -17.81
CA HIS A 437 18.36 -18.30 -16.54
C HIS A 437 19.81 -17.88 -16.67
N ILE A 438 20.17 -16.86 -15.89
CA ILE A 438 21.54 -16.35 -15.81
C ILE A 438 22.07 -16.67 -14.42
N MET A 439 23.34 -17.08 -14.35
CA MET A 439 23.89 -17.58 -13.10
C MET A 439 25.37 -17.20 -13.02
N ILE A 440 25.75 -16.52 -11.94
CA ILE A 440 27.11 -16.01 -11.75
C ILE A 440 27.71 -16.66 -10.52
N MET A 441 28.89 -17.27 -10.68
CA MET A 441 29.56 -18.00 -9.61
C MET A 441 30.54 -17.09 -8.87
N LYS A 442 31.25 -17.66 -7.89
CA LYS A 442 32.14 -16.87 -7.06
C LYS A 442 33.49 -16.66 -7.74
N ASN A 443 34.24 -15.69 -7.22
CA ASN A 443 35.60 -15.39 -7.67
C ASN A 443 35.64 -15.10 -9.16
N PHE A 444 34.67 -14.31 -9.62
CA PHE A 444 34.61 -13.93 -11.02
C PHE A 444 35.45 -12.68 -11.25
N THR A 445 35.38 -12.13 -12.47
CA THR A 445 36.14 -10.93 -12.81
C THR A 445 35.27 -9.68 -12.73
N SER A 446 34.28 -9.56 -13.59
CA SER A 446 33.43 -8.37 -13.61
C SER A 446 32.06 -8.73 -14.15
N VAL A 447 31.02 -8.44 -13.38
CA VAL A 447 29.65 -8.54 -13.83
C VAL A 447 29.04 -7.15 -13.70
N HIS A 448 28.58 -6.60 -14.83
CA HIS A 448 28.01 -5.25 -14.87
C HIS A 448 26.87 -5.26 -15.89
N LEU A 449 25.65 -5.49 -15.39
CA LEU A 449 24.47 -5.59 -16.24
C LEU A 449 23.66 -4.30 -16.15
N SER A 450 23.31 -3.71 -17.29
CA SER A 450 22.53 -2.49 -17.28
C SER A 450 21.63 -2.41 -18.52
N TYR A 451 20.37 -2.05 -18.28
CA TYR A 451 19.40 -1.76 -19.33
C TYR A 451 19.23 -2.93 -20.29
N VAL A 452 18.89 -4.08 -19.73
CA VAL A 452 18.70 -5.31 -20.47
C VAL A 452 17.30 -5.84 -20.21
N GLU A 453 16.66 -6.34 -21.26
CA GLU A 453 15.33 -6.92 -21.17
C GLU A 453 15.44 -8.42 -20.98
N LEU A 454 14.72 -8.96 -20.00
CA LEU A 454 14.76 -10.37 -19.66
C LEU A 454 13.33 -10.94 -19.69
N LYS A 455 12.89 -11.37 -20.86
CA LYS A 455 11.58 -11.98 -21.00
C LYS A 455 11.67 -13.49 -20.89
N HIS A 456 10.61 -14.10 -20.34
CA HIS A 456 10.47 -15.55 -20.24
C HIS A 456 11.73 -16.20 -19.66
N MET A 457 12.19 -15.67 -18.54
CA MET A 457 13.40 -16.16 -17.88
C MET A 457 13.03 -16.93 -16.62
N GLY A 458 14.02 -17.65 -16.09
CA GLY A 458 13.82 -18.45 -14.89
C GLY A 458 13.16 -19.78 -15.18
N GLN A 459 13.42 -20.77 -14.32
CA GLN A 459 12.80 -22.08 -14.46
C GLN A 459 12.15 -22.46 -13.14
N GLN A 460 11.17 -23.37 -13.21
CA GLN A 460 10.67 -23.95 -11.97
C GLN A 460 11.58 -25.09 -11.54
N GLN A 461 12.87 -24.79 -11.45
CA GLN A 461 13.89 -25.65 -10.91
C GLN A 461 14.75 -24.79 -10.00
N MET A 462 15.20 -25.37 -8.88
CA MET A 462 15.93 -24.57 -7.90
C MET A 462 17.23 -24.02 -8.47
N GLY A 463 17.53 -22.77 -8.15
CA GLY A 463 18.73 -22.10 -8.61
C GLY A 463 18.65 -21.50 -10.00
N ARG A 464 17.58 -21.76 -10.74
CA ARG A 464 17.44 -21.28 -12.11
C ARG A 464 16.56 -20.03 -12.08
N TYR A 465 17.20 -18.87 -12.01
CA TYR A 465 16.57 -17.58 -11.81
C TYR A 465 17.04 -16.60 -12.87
N PRO A 466 16.22 -15.59 -13.20
CA PRO A 466 16.57 -14.71 -14.33
C PRO A 466 17.92 -14.02 -14.18
N VAL A 467 18.24 -13.56 -12.98
CA VAL A 467 19.58 -13.10 -12.66
C VAL A 467 19.98 -13.70 -11.32
N HIS A 468 20.79 -14.76 -11.34
CA HIS A 468 21.10 -15.53 -10.14
C HIS A 468 22.58 -15.32 -9.78
N PHE A 469 22.82 -14.49 -8.76
CA PHE A 469 24.16 -14.35 -8.20
C PHE A 469 24.30 -15.39 -7.08
N HIS A 470 25.12 -16.41 -7.32
CA HIS A 470 25.18 -17.60 -6.47
C HIS A 470 26.49 -17.62 -5.70
N LEU A 471 26.40 -17.33 -4.39
CA LEU A 471 27.51 -17.50 -3.45
C LEU A 471 28.76 -16.74 -3.90
N CYS A 472 28.57 -15.50 -4.34
CA CYS A 472 29.68 -14.69 -4.83
C CYS A 472 30.46 -14.02 -3.70
N GLY A 473 29.88 -13.93 -2.50
CA GLY A 473 30.60 -13.28 -1.43
C GLY A 473 30.52 -11.76 -1.57
N ASP A 474 31.42 -11.09 -0.86
CA ASP A 474 31.54 -9.64 -0.96
C ASP A 474 31.87 -9.26 -2.41
N VAL A 475 31.02 -8.44 -3.03
CA VAL A 475 31.22 -8.05 -4.41
C VAL A 475 31.34 -6.53 -4.56
N ASP A 476 31.74 -5.84 -3.50
CA ASP A 476 32.01 -4.41 -3.59
C ASP A 476 33.45 -4.11 -3.21
N TYR A 477 33.70 -3.00 -2.53
CA TYR A 477 35.07 -2.65 -2.20
C TYR A 477 35.67 -3.57 -1.14
N LYS A 478 34.85 -4.37 -0.46
CA LYS A 478 35.34 -5.36 0.48
C LYS A 478 35.66 -6.71 -0.15
N GLY A 479 35.28 -6.93 -1.41
CA GLY A 479 35.55 -8.19 -2.07
C GLY A 479 36.64 -8.13 -3.11
N GLY A 480 37.04 -6.91 -3.49
CA GLY A 480 38.11 -6.70 -4.42
C GLY A 480 37.72 -6.15 -5.78
N TYR A 481 36.45 -5.74 -5.95
CA TYR A 481 35.97 -5.21 -7.23
C TYR A 481 36.05 -3.69 -7.20
N ARG A 482 36.81 -3.12 -8.15
CA ARG A 482 36.93 -1.67 -8.22
C ARG A 482 35.59 -1.02 -8.53
N HIS A 483 35.00 -1.36 -9.67
CA HIS A 483 33.58 -1.11 -9.90
C HIS A 483 32.78 -2.18 -9.18
N ALA A 484 32.16 -1.82 -8.07
CA ALA A 484 31.29 -2.76 -7.38
C ALA A 484 30.27 -3.33 -8.35
N THR A 485 30.05 -4.64 -8.26
CA THR A 485 29.10 -5.32 -9.14
C THR A 485 27.72 -4.71 -8.96
N PHE A 486 27.16 -4.16 -10.04
CA PHE A 486 25.87 -3.49 -9.99
C PHE A 486 24.96 -3.98 -11.10
N VAL A 487 23.66 -3.87 -10.85
CA VAL A 487 22.62 -4.16 -11.83
C VAL A 487 21.78 -2.91 -11.98
N ASP A 488 21.81 -2.30 -13.16
CA ASP A 488 21.29 -0.95 -13.36
C ASP A 488 20.18 -0.96 -14.40
N GLY A 489 18.93 -0.95 -13.93
CA GLY A 489 17.80 -0.71 -14.81
C GLY A 489 17.47 -1.82 -15.80
N LEU A 490 17.39 -3.05 -15.34
CA LEU A 490 16.97 -4.13 -16.22
C LEU A 490 15.45 -4.11 -16.37
N SER A 491 14.93 -5.12 -17.08
CA SER A 491 13.49 -5.29 -17.23
C SER A 491 13.22 -6.79 -17.27
N ILE A 492 12.81 -7.36 -16.15
CA ILE A 492 12.62 -8.79 -16.01
C ILE A 492 11.12 -9.02 -15.87
N HIS A 493 10.46 -9.35 -16.98
CA HIS A 493 9.02 -9.52 -17.01
C HIS A 493 8.66 -10.89 -17.59
N HIS A 494 7.50 -11.40 -17.18
CA HIS A 494 6.99 -12.69 -17.62
C HIS A 494 8.00 -13.82 -17.34
N SER A 495 8.61 -13.77 -16.17
CA SER A 495 9.54 -14.80 -15.75
C SER A 495 8.80 -15.91 -14.99
N PHE A 496 9.47 -17.05 -14.86
CA PHE A 496 8.85 -18.26 -14.33
C PHE A 496 9.32 -18.62 -12.93
N SER A 497 10.31 -17.90 -12.39
CA SER A 497 10.71 -18.04 -11.00
C SER A 497 11.61 -16.88 -10.60
N ARG A 498 11.20 -16.12 -9.58
CA ARG A 498 11.96 -14.97 -9.09
C ARG A 498 12.16 -13.91 -10.16
N CYS A 499 12.94 -12.90 -9.83
CA CYS A 499 13.32 -11.84 -10.76
C CYS A 499 14.82 -11.64 -10.68
N ILE A 500 15.31 -11.34 -9.48
CA ILE A 500 16.73 -11.30 -9.17
C ILE A 500 16.93 -12.00 -7.83
N THR A 501 17.84 -12.97 -7.80
CA THR A 501 18.10 -13.75 -6.60
C THR A 501 19.49 -13.42 -6.06
N VAL A 502 19.57 -13.24 -4.74
CA VAL A 502 20.83 -12.97 -4.04
C VAL A 502 21.13 -14.17 -3.16
N HIS A 503 22.10 -14.97 -3.57
CA HIS A 503 22.44 -16.24 -2.91
C HIS A 503 23.78 -16.06 -2.22
N GLY A 504 23.74 -15.71 -0.92
CA GLY A 504 24.96 -15.53 -0.14
C GLY A 504 25.92 -14.52 -0.71
N THR A 505 25.42 -13.32 -1.04
CA THR A 505 26.23 -12.27 -1.63
C THR A 505 25.99 -10.97 -0.86
N ASN A 506 27.07 -10.30 -0.47
CA ASN A 506 26.99 -9.04 0.25
C ASN A 506 27.32 -7.87 -0.68
N GLY A 507 26.87 -6.69 -0.28
CA GLY A 507 27.29 -5.44 -0.91
C GLY A 507 26.87 -5.23 -2.36
N LEU A 508 25.95 -6.04 -2.86
CA LEU A 508 25.46 -5.86 -4.23
C LEU A 508 24.61 -4.59 -4.31
N LEU A 509 24.54 -4.04 -5.52
CA LEU A 509 23.69 -2.88 -5.80
C LEU A 509 22.69 -3.24 -6.89
N ILE A 510 21.43 -2.88 -6.67
CA ILE A 510 20.37 -3.02 -7.65
C ILE A 510 19.66 -1.69 -7.76
N LYS A 511 19.52 -1.18 -8.99
CA LYS A 511 19.12 0.20 -9.21
C LYS A 511 18.20 0.30 -10.42
N ASP A 512 17.03 0.92 -10.22
CA ASP A 512 16.13 1.31 -11.32
C ASP A 512 15.58 0.10 -12.08
N THR A 513 15.42 -1.03 -11.42
CA THR A 513 15.03 -2.26 -12.11
C THR A 513 13.56 -2.58 -11.88
N ILE A 514 12.98 -3.28 -12.85
CA ILE A 514 11.54 -3.50 -12.94
C ILE A 514 11.29 -5.00 -13.02
N GLY A 515 10.52 -5.53 -12.06
CA GLY A 515 10.16 -6.94 -12.08
C GLY A 515 8.66 -7.18 -12.16
N PHE A 516 8.19 -7.70 -13.28
CA PHE A 516 6.76 -7.74 -13.58
C PHE A 516 6.32 -9.15 -13.98
N ASP A 517 5.21 -9.61 -13.39
CA ASP A 517 4.58 -10.88 -13.74
C ASP A 517 5.58 -12.04 -13.68
N THR A 518 6.05 -12.30 -12.46
CA THR A 518 6.98 -13.39 -12.21
C THR A 518 6.43 -14.27 -11.10
N LEU A 519 7.01 -15.46 -10.97
CA LEU A 519 6.57 -16.46 -10.00
C LEU A 519 7.50 -16.49 -8.81
N GLY A 520 6.93 -16.72 -7.63
CA GLY A 520 7.70 -16.68 -6.40
C GLY A 520 8.13 -15.26 -6.07
N HIS A 521 8.88 -15.14 -4.97
CA HIS A 521 9.37 -13.84 -4.55
C HIS A 521 10.19 -13.19 -5.66
N CYS A 522 9.85 -11.96 -6.02
CA CYS A 522 10.53 -11.28 -7.12
C CYS A 522 11.99 -11.03 -6.79
N PHE A 523 12.25 -10.24 -5.75
CA PHE A 523 13.61 -9.97 -5.28
C PHE A 523 13.85 -10.81 -4.04
N PHE A 524 14.93 -11.59 -4.05
CA PHE A 524 15.07 -12.74 -3.17
C PHE A 524 16.41 -12.71 -2.45
N LEU A 525 16.36 -12.58 -1.12
CA LEU A 525 17.51 -12.81 -0.26
C LEU A 525 17.36 -14.20 0.34
N GLU A 526 18.24 -15.12 -0.08
CA GLU A 526 18.02 -16.54 0.19
C GLU A 526 18.22 -16.91 1.65
N ASP A 527 19.47 -17.19 2.04
CA ASP A 527 19.75 -17.90 3.28
C ASP A 527 19.80 -17.02 4.53
N GLY A 528 19.65 -15.71 4.38
CA GLY A 528 19.60 -14.84 5.56
C GLY A 528 20.94 -14.38 6.08
N ILE A 529 22.00 -14.48 5.27
CA ILE A 529 23.33 -13.99 5.62
C ILE A 529 23.74 -12.79 4.79
N GLU A 530 22.88 -12.35 3.87
CA GLU A 530 23.24 -11.33 2.89
C GLU A 530 23.06 -9.94 3.50
N GLN A 531 24.15 -9.18 3.56
CA GLN A 531 24.17 -7.88 4.20
C GLN A 531 24.76 -6.84 3.26
N ARG A 532 24.65 -5.57 3.67
CA ARG A 532 25.22 -4.40 2.99
C ARG A 532 24.68 -4.21 1.57
N ASN A 533 23.64 -4.93 1.18
CA ASN A 533 23.07 -4.77 -0.14
C ASN A 533 22.09 -3.59 -0.15
N THR A 534 22.13 -2.81 -1.22
CA THR A 534 21.36 -1.58 -1.31
C THR A 534 20.43 -1.64 -2.52
N LEU A 535 19.12 -1.53 -2.27
CA LEU A 535 18.11 -1.54 -3.32
C LEU A 535 17.57 -0.13 -3.49
N PHE A 536 17.82 0.47 -4.65
CA PHE A 536 17.52 1.88 -4.89
C PHE A 536 16.56 2.02 -6.06
N HIS A 537 15.37 2.57 -5.77
CA HIS A 537 14.44 3.01 -6.81
C HIS A 537 14.03 1.85 -7.72
N ASN A 538 13.64 0.74 -7.12
CA ASN A 538 13.27 -0.45 -7.86
C ASN A 538 11.77 -0.73 -7.73
N LEU A 539 11.21 -1.35 -8.77
CA LEU A 539 9.77 -1.51 -8.93
C LEU A 539 9.43 -2.97 -9.15
N GLY A 540 8.38 -3.46 -8.49
CA GLY A 540 7.98 -4.83 -8.64
C GLY A 540 6.48 -5.03 -8.62
N LEU A 541 5.93 -5.60 -9.69
CA LEU A 541 4.51 -5.83 -9.84
C LEU A 541 4.24 -7.31 -10.09
N LEU A 542 3.03 -7.73 -9.73
CA LEU A 542 2.47 -9.03 -10.11
C LEU A 542 3.38 -10.18 -9.66
N THR A 543 3.53 -10.30 -8.35
CA THR A 543 4.30 -11.38 -7.74
C THR A 543 3.33 -12.51 -7.42
N LYS A 544 3.24 -13.49 -8.32
CA LYS A 544 2.29 -14.59 -8.26
C LYS A 544 2.87 -15.76 -7.48
N PRO A 545 2.03 -16.68 -6.99
CA PRO A 545 2.54 -17.81 -6.22
C PRO A 545 3.40 -18.75 -7.05
N GLY A 546 4.42 -19.32 -6.40
CA GLY A 546 5.30 -20.28 -7.01
C GLY A 546 5.25 -21.62 -6.30
N THR A 547 6.05 -22.56 -6.80
CA THR A 547 6.10 -23.90 -6.25
C THR A 547 7.41 -24.24 -5.56
N LEU A 548 8.39 -23.34 -5.59
CA LEU A 548 9.71 -23.62 -5.05
C LEU A 548 9.66 -23.81 -3.54
N LEU A 549 9.68 -22.71 -2.79
CA LEU A 549 9.63 -22.79 -1.33
C LEU A 549 8.20 -22.93 -0.84
N PRO A 550 8.02 -23.40 0.40
CA PRO A 550 6.68 -23.35 1.01
C PRO A 550 6.11 -21.94 1.02
N THR A 551 6.92 -20.97 1.45
CA THR A 551 6.47 -19.58 1.51
C THR A 551 5.99 -19.07 0.14
N ASP A 552 6.50 -19.65 -0.94
CA ASP A 552 6.11 -19.23 -2.28
C ASP A 552 4.78 -19.81 -2.73
N ARG A 553 4.28 -20.84 -2.06
CA ARG A 553 3.10 -21.55 -2.53
C ARG A 553 1.83 -20.85 -2.06
N ASN A 554 0.78 -20.96 -2.88
CA ASN A 554 -0.52 -20.46 -2.50
C ASN A 554 -1.28 -21.56 -1.73
N ASN A 555 -2.55 -21.30 -1.40
CA ASN A 555 -3.30 -22.22 -0.56
C ASN A 555 -3.42 -23.60 -1.19
N SER A 556 -3.64 -23.66 -2.50
CA SER A 556 -3.80 -24.95 -3.16
C SER A 556 -2.48 -25.72 -3.21
N MET A 557 -1.38 -25.03 -3.51
CA MET A 557 -0.10 -25.72 -3.65
C MET A 557 0.43 -26.22 -2.32
N CYS A 558 0.16 -25.49 -1.23
CA CYS A 558 0.71 -25.84 0.07
C CYS A 558 0.09 -27.12 0.63
N THR A 559 -1.17 -27.38 0.31
CA THR A 559 -1.84 -28.59 0.77
C THR A 559 -1.56 -29.79 -0.14
N THR A 560 -0.83 -29.60 -1.24
CA THR A 560 -0.57 -30.66 -2.21
C THR A 560 0.83 -31.25 -2.07
N MET A 561 1.85 -30.39 -2.08
CA MET A 561 3.25 -30.82 -2.11
C MET A 561 3.68 -31.23 -0.70
N ARG A 562 3.37 -32.48 -0.34
CA ARG A 562 3.79 -33.07 0.92
C ARG A 562 5.04 -33.91 0.77
N ASP A 563 5.68 -33.88 -0.41
CA ASP A 563 6.83 -34.72 -0.67
C ASP A 563 7.97 -34.47 0.30
N LYS A 564 7.99 -33.32 0.97
CA LYS A 564 9.04 -32.98 1.93
C LYS A 564 8.50 -32.79 3.33
N VAL A 565 7.30 -33.28 3.61
CA VAL A 565 6.76 -33.24 4.96
C VAL A 565 6.86 -34.64 5.56
N PHE A 566 6.68 -34.71 6.88
CA PHE A 566 6.91 -35.92 7.65
C PHE A 566 5.59 -36.68 7.80
N GLY A 567 5.58 -37.93 7.33
CA GLY A 567 4.42 -38.79 7.46
C GLY A 567 3.23 -38.27 6.67
N ASN A 568 2.05 -38.48 7.24
CA ASN A 568 0.80 -38.03 6.64
C ASN A 568 0.39 -36.65 7.12
N TYR A 569 1.35 -35.73 7.29
CA TYR A 569 1.04 -34.40 7.79
C TYR A 569 0.47 -33.52 6.68
N ILE A 570 -0.64 -32.86 6.98
CA ILE A 570 -1.28 -31.93 6.06
C ILE A 570 -0.76 -30.53 6.36
N PRO A 571 -0.08 -29.87 5.43
CA PRO A 571 0.43 -28.52 5.71
C PRO A 571 -0.70 -27.51 5.82
N VAL A 572 -0.52 -26.57 6.75
CA VAL A 572 -1.49 -25.51 6.98
C VAL A 572 -1.08 -24.30 6.15
N PRO A 573 -1.97 -23.76 5.31
CA PRO A 573 -1.56 -22.77 4.29
C PRO A 573 -1.36 -21.35 4.80
N ALA A 574 -1.63 -21.05 6.07
CA ALA A 574 -1.43 -19.70 6.60
C ALA A 574 -0.21 -19.58 7.51
N THR A 575 0.15 -20.64 8.23
CA THR A 575 1.27 -20.62 9.17
C THR A 575 2.58 -21.09 8.54
N ASP A 576 2.53 -21.81 7.42
CA ASP A 576 3.73 -22.31 6.76
C ASP A 576 3.93 -21.74 5.36
N CYS A 577 2.88 -21.29 4.70
CA CYS A 577 2.96 -20.84 3.33
C CYS A 577 2.36 -19.44 3.20
N MET A 578 1.90 -19.10 1.99
CA MET A 578 1.27 -17.82 1.71
C MET A 578 2.13 -16.65 2.23
N ALA A 579 3.35 -16.57 1.67
CA ALA A 579 4.29 -15.53 2.05
C ALA A 579 4.90 -14.86 0.83
N VAL A 580 4.27 -15.01 -0.34
CA VAL A 580 4.73 -14.39 -1.58
C VAL A 580 4.98 -12.91 -1.38
N SER A 581 6.22 -12.48 -1.55
CA SER A 581 6.58 -11.08 -1.35
C SER A 581 7.34 -10.56 -2.56
N THR A 582 7.10 -9.29 -2.87
CA THR A 582 7.85 -8.65 -3.95
C THR A 582 9.30 -8.41 -3.54
N PHE A 583 9.51 -8.07 -2.26
CA PHE A 583 10.85 -7.85 -1.73
C PHE A 583 11.03 -8.75 -0.52
N TRP A 584 11.81 -9.82 -0.67
CA TRP A 584 12.02 -10.79 0.39
C TRP A 584 13.37 -10.51 1.04
N ILE A 585 13.34 -9.91 2.22
CA ILE A 585 14.59 -9.53 2.89
C ILE A 585 14.85 -10.45 4.07
N ALA A 586 15.63 -11.51 3.84
CA ALA A 586 15.90 -12.49 4.90
C ALA A 586 16.92 -12.02 5.92
N HIS A 587 17.38 -10.77 5.84
CA HIS A 587 18.30 -10.21 6.81
C HIS A 587 18.17 -8.70 6.84
N PRO A 588 18.16 -8.10 8.03
CA PRO A 588 17.85 -6.66 8.14
C PRO A 588 18.97 -5.71 7.74
N ASN A 589 20.24 -6.09 7.86
CA ASN A 589 21.31 -5.15 7.52
C ASN A 589 21.39 -4.94 6.02
N ASN A 590 20.32 -4.40 5.43
CA ASN A 590 20.27 -4.10 4.00
C ASN A 590 19.49 -2.81 3.80
N ASN A 591 19.88 -2.06 2.77
CA ASN A 591 19.40 -0.71 2.57
C ASN A 591 18.33 -0.69 1.49
N LEU A 592 17.11 -0.32 1.88
CA LEU A 592 15.99 -0.20 0.96
C LEU A 592 15.62 1.28 0.83
N ILE A 593 15.73 1.82 -0.37
CA ILE A 593 15.51 3.23 -0.63
C ILE A 593 14.74 3.41 -1.93
N ASN A 594 13.70 4.24 -1.92
CA ASN A 594 12.99 4.70 -3.11
C ASN A 594 12.30 3.60 -3.89
N ASN A 595 12.09 2.44 -3.28
CA ASN A 595 11.50 1.31 -3.98
C ASN A 595 9.97 1.41 -3.98
N ALA A 596 9.31 0.43 -4.60
CA ALA A 596 7.85 0.40 -4.68
C ALA A 596 7.39 -1.01 -5.04
N ALA A 597 6.63 -1.64 -4.16
CA ALA A 597 6.10 -2.99 -4.40
C ALA A 597 4.64 -2.84 -4.83
N ALA A 598 4.43 -2.73 -6.14
CA ALA A 598 3.12 -2.39 -6.68
C ALA A 598 2.30 -3.65 -6.93
N GLY A 599 2.08 -4.40 -5.85
CA GLY A 599 1.20 -5.55 -6.02
C GLY A 599 1.92 -6.88 -5.83
N SER A 600 1.28 -7.76 -5.08
CA SER A 600 1.80 -9.10 -4.83
C SER A 600 0.67 -9.96 -4.27
N GLN A 601 0.77 -11.26 -4.50
CA GLN A 601 -0.25 -12.19 -4.02
C GLN A 601 -0.43 -12.09 -2.51
N ASP A 602 0.67 -11.91 -1.78
CA ASP A 602 0.62 -11.82 -0.32
C ASP A 602 1.20 -10.50 0.19
N ALA A 603 2.52 -10.32 0.18
CA ALA A 603 3.15 -9.17 0.80
C ALA A 603 4.01 -8.39 -0.19
N GLY A 604 4.27 -7.13 0.14
CA GLY A 604 5.06 -6.27 -0.75
C GLY A 604 6.53 -6.24 -0.39
N ILE A 605 6.82 -5.97 0.89
CA ILE A 605 8.18 -6.04 1.41
C ILE A 605 8.13 -6.84 2.70
N TRP A 606 8.91 -7.92 2.77
CA TRP A 606 8.92 -8.79 3.94
C TRP A 606 10.33 -8.85 4.51
N TYR A 607 10.52 -8.21 5.66
CA TYR A 607 11.73 -8.35 6.45
C TYR A 607 11.54 -9.53 7.41
N LEU A 608 12.40 -10.53 7.30
CA LEU A 608 12.32 -11.70 8.17
C LEU A 608 13.72 -12.05 8.68
N PHE A 609 13.78 -13.08 9.53
CA PHE A 609 15.02 -13.44 10.20
C PHE A 609 15.17 -14.96 10.25
N HIS A 610 16.36 -15.45 9.92
CA HIS A 610 16.70 -16.86 10.04
C HIS A 610 17.42 -17.07 11.36
N LYS A 611 16.95 -18.04 12.15
CA LYS A 611 17.56 -18.31 13.45
C LYS A 611 19.06 -18.57 13.29
N GLU A 612 19.42 -19.40 12.33
CA GLU A 612 20.82 -19.62 11.95
C GLU A 612 20.85 -19.86 10.46
N PRO A 613 22.00 -19.67 9.81
CA PRO A 613 22.07 -19.82 8.35
C PRO A 613 21.43 -21.11 7.85
N THR A 614 20.76 -21.02 6.71
CA THR A 614 20.06 -22.17 6.13
C THR A 614 20.53 -22.46 4.72
N GLY A 615 19.73 -23.25 3.99
CA GLY A 615 20.04 -23.54 2.60
C GLY A 615 21.41 -24.16 2.43
N GLU A 616 22.14 -23.70 1.41
CA GLU A 616 23.50 -24.16 1.20
C GLU A 616 24.50 -23.47 2.11
N SER A 617 24.17 -22.28 2.62
CA SER A 617 24.97 -21.64 3.65
C SER A 617 24.78 -22.26 5.02
N SER A 618 23.89 -23.24 5.15
CA SER A 618 23.64 -23.90 6.42
C SER A 618 24.89 -24.62 6.91
N GLY A 619 25.66 -23.98 7.79
CA GLY A 619 26.89 -24.60 8.26
C GLY A 619 27.72 -23.73 9.19
N LEU A 620 28.28 -22.65 8.65
CA LEU A 620 29.16 -21.80 9.45
C LEU A 620 28.40 -21.16 10.59
N GLN A 621 29.05 -21.05 11.75
CA GLN A 621 28.39 -20.55 12.95
C GLN A 621 28.17 -19.05 12.85
N LEU A 622 27.01 -18.60 13.32
CA LEU A 622 26.70 -17.17 13.36
C LEU A 622 27.59 -16.49 14.39
N LEU A 623 28.42 -15.54 13.93
CA LEU A 623 29.13 -14.64 14.83
C LEU A 623 28.32 -13.37 15.11
N ALA A 624 27.11 -13.30 14.56
CA ALA A 624 26.16 -12.22 14.78
C ALA A 624 24.76 -12.69 14.39
N LYS A 625 24.05 -13.30 15.34
CA LYS A 625 22.75 -13.88 15.05
C LYS A 625 21.81 -12.84 14.44
N PRO A 626 21.03 -13.21 13.42
CA PRO A 626 20.34 -12.19 12.62
C PRO A 626 19.36 -11.33 13.40
N GLU A 627 18.47 -11.94 14.20
CA GLU A 627 17.42 -11.17 14.88
C GLU A 627 17.98 -10.21 15.92
N LEU A 628 19.31 -10.02 15.95
CA LEU A 628 19.95 -9.03 16.79
C LEU A 628 20.67 -7.94 16.00
N THR A 629 20.62 -7.99 14.68
CA THR A 629 21.38 -7.04 13.86
C THR A 629 20.52 -5.85 13.51
N PRO A 630 21.01 -4.63 13.70
CA PRO A 630 20.19 -3.44 13.41
C PRO A 630 19.84 -3.32 11.93
N LEU A 631 18.68 -2.70 11.68
CA LEU A 631 18.21 -2.54 10.31
C LEU A 631 19.07 -1.56 9.53
N GLY A 632 19.31 -1.87 8.26
CA GLY A 632 19.97 -0.92 7.38
C GLY A 632 19.06 0.25 7.07
N ILE A 633 19.24 0.88 5.91
CA ILE A 633 18.44 2.05 5.58
C ILE A 633 17.05 1.63 5.12
N PHE A 634 16.04 2.38 5.54
CA PHE A 634 14.68 2.24 5.03
C PHE A 634 14.12 3.64 4.91
N TYR A 635 13.91 4.11 3.69
CA TYR A 635 13.57 5.51 3.48
C TYR A 635 12.79 5.66 2.17
N ASN A 636 11.57 6.19 2.26
CA ASN A 636 10.77 6.65 1.13
C ASN A 636 10.44 5.48 0.19
N ASN A 637 9.59 4.59 0.71
CA ASN A 637 9.16 3.40 0.01
C ASN A 637 7.65 3.46 -0.20
N ARG A 638 7.18 2.63 -1.13
CA ARG A 638 5.78 2.54 -1.48
C ARG A 638 5.38 1.07 -1.58
N VAL A 639 4.23 0.73 -1.03
CA VAL A 639 3.69 -0.63 -1.10
C VAL A 639 2.18 -0.56 -1.24
N HIS A 640 1.63 -1.27 -2.22
CA HIS A 640 0.19 -1.24 -2.46
C HIS A 640 -0.22 -2.48 -3.25
N SER A 641 -1.54 -2.70 -3.31
CA SER A 641 -2.20 -3.74 -4.11
C SER A 641 -1.96 -5.14 -3.60
N ASN A 642 -1.60 -5.32 -2.33
CA ASN A 642 -1.26 -6.60 -1.77
C ASN A 642 -2.36 -7.11 -0.85
N PHE A 643 -2.47 -8.44 -0.75
CA PHE A 643 -3.56 -9.06 -0.01
C PHE A 643 -3.24 -9.26 1.46
N LYS A 644 -1.99 -9.57 1.80
CA LYS A 644 -1.64 -9.85 3.18
C LYS A 644 -1.01 -8.66 3.91
N ALA A 645 -0.10 -7.94 3.27
CA ALA A 645 0.55 -6.82 3.95
C ALA A 645 1.30 -5.96 2.94
N GLY A 646 1.56 -4.73 3.34
CA GLY A 646 2.42 -3.83 2.59
C GLY A 646 3.88 -3.96 2.99
N LEU A 647 4.16 -3.72 4.27
CA LEU A 647 5.49 -3.93 4.84
C LEU A 647 5.35 -4.83 6.06
N PHE A 648 6.04 -5.96 6.05
CA PHE A 648 5.92 -6.95 7.10
C PHE A 648 7.27 -7.21 7.75
N ILE A 649 7.32 -7.16 9.07
CA ILE A 649 8.54 -7.38 9.83
C ILE A 649 8.27 -8.31 11.00
N ASP A 650 8.37 -9.61 10.76
CA ASP A 650 8.11 -10.65 11.77
C ASP A 650 8.44 -12.01 11.17
N LYS A 651 8.19 -13.08 11.94
CA LYS A 651 8.26 -14.45 11.45
C LYS A 651 9.68 -14.86 11.09
N GLY A 652 9.90 -16.16 10.94
CA GLY A 652 11.17 -16.68 10.50
C GLY A 652 10.97 -17.90 9.61
N VAL A 653 12.04 -18.62 9.31
CA VAL A 653 11.97 -19.86 8.55
C VAL A 653 12.37 -21.01 9.45
N LYS A 654 11.60 -22.09 9.41
CA LYS A 654 11.92 -23.29 10.17
C LYS A 654 13.29 -23.79 9.75
N THR A 655 14.27 -23.61 10.61
CA THR A 655 15.66 -23.97 10.31
C THR A 655 15.95 -25.45 10.50
N THR A 656 14.93 -26.31 10.50
CA THR A 656 15.10 -27.75 10.69
C THR A 656 14.26 -28.50 9.65
N ASN A 657 14.77 -29.66 9.23
CA ASN A 657 14.05 -30.48 8.26
C ASN A 657 12.84 -31.14 8.93
N SER A 658 12.04 -31.81 8.12
CA SER A 658 10.81 -32.42 8.62
C SER A 658 11.13 -33.62 9.52
N SER A 659 10.48 -33.69 10.68
CA SER A 659 10.80 -34.71 11.68
C SER A 659 9.51 -35.15 12.38
N ALA A 660 9.66 -35.94 13.44
CA ALA A 660 8.52 -36.51 14.15
C ALA A 660 7.98 -35.61 15.26
N ALA A 661 8.83 -34.75 15.83
CA ALA A 661 8.38 -33.78 16.83
C ALA A 661 7.96 -32.46 16.21
N ASP A 662 8.40 -32.18 14.98
CA ASP A 662 7.99 -30.98 14.24
C ASP A 662 7.92 -31.36 12.77
N PRO A 663 6.73 -31.73 12.28
CA PRO A 663 6.62 -32.28 10.92
C PRO A 663 6.56 -31.23 9.81
N ARG A 664 6.84 -29.97 10.10
CA ARG A 664 6.72 -28.93 9.08
C ARG A 664 7.84 -29.03 8.06
N GLU A 665 7.54 -28.62 6.83
CA GLU A 665 8.52 -28.63 5.77
C GLU A 665 9.67 -27.67 6.09
N TYR A 666 10.83 -27.94 5.52
CA TYR A 666 11.99 -27.10 5.73
C TYR A 666 11.80 -25.75 5.05
N LEU A 667 12.21 -24.68 5.73
CA LEU A 667 12.13 -23.30 5.24
C LEU A 667 10.69 -22.80 5.09
N CYS A 668 9.77 -23.31 5.90
CA CYS A 668 8.40 -22.79 5.90
C CYS A 668 8.34 -21.56 6.81
N LEU A 669 7.15 -21.03 7.05
CA LEU A 669 7.01 -19.88 7.94
C LEU A 669 6.99 -20.36 9.40
N ASP A 670 7.82 -19.73 10.23
CA ASP A 670 7.84 -20.00 11.67
C ASP A 670 7.69 -18.68 12.40
N ASN A 671 6.60 -18.56 13.17
CA ASN A 671 6.30 -17.30 13.86
C ASN A 671 7.01 -17.21 15.21
N SER A 672 8.26 -17.67 15.29
CA SER A 672 9.03 -17.62 16.54
C SER A 672 10.28 -16.76 16.35
N ALA A 673 10.15 -15.66 15.61
CA ALA A 673 11.24 -14.72 15.42
C ALA A 673 10.91 -13.44 16.14
N ARG A 674 11.80 -13.02 17.04
CA ARG A 674 11.60 -11.78 17.80
C ARG A 674 12.73 -10.83 17.45
N PHE A 675 12.44 -9.84 16.62
CA PHE A 675 13.40 -8.80 16.32
C PHE A 675 13.80 -8.07 17.61
N ARG A 676 15.07 -7.71 17.71
CA ARG A 676 15.60 -6.97 18.85
C ARG A 676 16.98 -6.46 18.50
N PRO A 677 17.07 -5.35 17.76
CA PRO A 677 18.37 -4.90 17.25
C PRO A 677 19.22 -4.27 18.34
N HIS A 678 20.48 -4.71 18.44
CA HIS A 678 21.45 -4.19 19.38
C HIS A 678 22.72 -3.83 18.62
N GLN A 679 23.60 -3.09 19.30
CA GLN A 679 24.90 -2.77 18.73
C GLN A 679 25.71 -4.04 18.51
N ASP A 680 26.27 -4.16 17.30
CA ASP A 680 27.17 -5.26 16.96
C ASP A 680 26.49 -6.62 17.15
N ALA A 681 25.16 -6.66 17.06
CA ALA A 681 24.37 -7.85 17.31
C ALA A 681 24.70 -8.47 18.67
N ASN A 682 24.99 -7.62 19.65
CA ASN A 682 25.43 -8.06 20.97
C ASN A 682 24.35 -7.73 21.99
N PRO A 683 23.60 -8.71 22.49
CA PRO A 683 22.50 -8.41 23.42
C PRO A 683 22.96 -7.87 24.77
N GLU A 684 24.25 -7.98 25.11
CA GLU A 684 24.77 -7.31 26.28
C GLU A 684 25.07 -5.83 26.02
N LYS A 685 25.11 -5.45 24.75
CA LYS A 685 25.37 -4.08 24.33
C LYS A 685 24.05 -3.35 24.10
N PRO A 686 24.06 -2.02 23.96
CA PRO A 686 22.82 -1.25 24.02
C PRO A 686 21.88 -1.48 22.83
N ARG A 687 20.70 -0.90 22.97
CA ARG A 687 19.64 -0.99 21.97
C ARG A 687 19.91 -0.05 20.80
N VAL A 688 19.38 -0.41 19.63
CA VAL A 688 19.55 0.36 18.41
C VAL A 688 18.23 0.34 17.65
N ALA A 689 17.55 1.49 17.57
CA ALA A 689 16.24 1.55 16.96
C ALA A 689 16.30 1.37 15.45
N ALA A 690 15.30 0.68 14.90
CA ALA A 690 15.18 0.49 13.46
C ALA A 690 14.22 1.53 12.91
N LEU A 691 14.73 2.37 12.00
CA LEU A 691 13.98 3.51 11.50
C LEU A 691 13.20 3.13 10.26
N ILE A 692 11.88 3.24 10.32
CA ILE A 692 11.01 3.11 9.18
C ILE A 692 10.62 4.52 8.75
N ASP A 693 11.18 5.01 7.64
CA ASP A 693 11.10 6.41 7.27
C ASP A 693 10.36 6.58 5.94
N ARG A 694 9.35 7.46 5.94
CA ARG A 694 8.66 7.91 4.73
C ARG A 694 8.05 6.74 3.96
N LEU A 695 7.55 5.76 4.70
CA LEU A 695 6.76 4.70 4.07
C LEU A 695 5.44 5.28 3.58
N ILE A 696 5.10 4.98 2.33
CA ILE A 696 3.76 5.23 1.82
C ILE A 696 3.15 3.87 1.51
N ALA A 697 1.93 3.65 2.00
CA ALA A 697 1.28 2.35 1.87
C ALA A 697 -0.22 2.54 1.78
N PHE A 698 -0.83 1.96 0.75
CA PHE A 698 -2.27 2.11 0.56
C PHE A 698 -2.83 0.90 -0.18
N LYS A 699 -4.16 0.78 -0.14
CA LYS A 699 -4.91 -0.23 -0.88
C LYS A 699 -4.34 -1.64 -0.63
N ASN A 700 -4.17 -1.97 0.65
CA ASN A 700 -3.78 -3.31 1.07
C ASN A 700 -4.92 -3.97 1.81
N ASN A 701 -5.10 -5.27 1.56
CA ASN A 701 -6.32 -5.93 1.99
C ASN A 701 -6.33 -6.28 3.47
N ASP A 702 -5.16 -6.52 4.08
CA ASP A 702 -5.12 -6.90 5.48
C ASP A 702 -4.37 -5.82 6.22
N ASN A 703 -3.04 -5.90 6.32
CA ASN A 703 -2.28 -4.91 7.06
C ASN A 703 -1.54 -3.95 6.12
N GLY A 704 -1.41 -2.69 6.53
CA GLY A 704 -0.52 -1.78 5.83
C GLY A 704 0.91 -1.93 6.27
N ALA A 705 1.12 -2.30 7.54
CA ALA A 705 2.46 -2.52 8.06
C ALA A 705 2.34 -3.28 9.38
N TRP A 706 3.09 -4.36 9.50
CA TRP A 706 3.18 -5.14 10.72
C TRP A 706 4.65 -5.22 11.10
N VAL A 707 4.99 -4.67 12.27
CA VAL A 707 6.36 -4.59 12.75
C VAL A 707 6.40 -5.00 14.21
N ARG A 708 7.25 -5.97 14.54
CA ARG A 708 7.37 -6.49 15.89
C ARG A 708 8.82 -6.41 16.34
N GLY A 709 9.00 -6.42 17.64
CA GLY A 709 10.30 -6.41 18.26
C GLY A 709 10.49 -5.21 19.16
N GLY A 710 11.73 -5.02 19.61
CA GLY A 710 12.06 -3.94 20.52
C GLY A 710 12.61 -2.74 19.76
N ASP A 711 12.21 -1.54 20.21
CA ASP A 711 12.71 -0.28 19.70
C ASP A 711 12.54 -0.14 18.20
N ILE A 712 11.34 0.28 17.77
CA ILE A 712 11.06 0.56 16.36
C ILE A 712 10.37 1.92 16.29
N ILE A 713 10.80 2.76 15.36
CA ILE A 713 10.26 4.10 15.18
C ILE A 713 9.84 4.27 13.73
N VAL A 714 8.55 4.46 13.52
CA VAL A 714 7.98 4.73 12.20
C VAL A 714 7.60 6.20 12.15
N GLN A 715 8.20 6.95 11.22
CA GLN A 715 7.97 8.39 11.15
C GLN A 715 7.84 8.82 9.69
N ASN A 716 7.18 9.97 9.51
CA ASN A 716 6.99 10.60 8.21
C ASN A 716 6.26 9.68 7.23
N SER A 717 5.45 8.77 7.76
CA SER A 717 4.81 7.73 6.96
C SER A 717 3.31 7.98 6.86
N ALA A 718 2.73 7.54 5.74
CA ALA A 718 1.30 7.71 5.48
C ALA A 718 0.67 6.37 5.15
N PHE A 719 -0.51 6.15 5.70
CA PHE A 719 -1.27 4.93 5.48
C PHE A 719 -2.69 5.30 5.06
N ALA A 720 -3.22 4.58 4.07
CA ALA A 720 -4.49 4.98 3.46
C ALA A 720 -5.21 3.78 2.88
N ASP A 721 -6.53 3.75 3.05
CA ASP A 721 -7.41 2.74 2.44
C ASP A 721 -6.93 1.33 2.72
N ASN A 722 -6.33 1.11 3.89
CA ASN A 722 -5.94 -0.22 4.34
C ASN A 722 -6.99 -0.78 5.29
N GLY A 723 -7.03 -2.10 5.40
CA GLY A 723 -7.87 -2.73 6.40
C GLY A 723 -7.38 -2.45 7.80
N ILE A 724 -6.06 -2.42 7.99
CA ILE A 724 -5.44 -1.99 9.23
C ILE A 724 -4.19 -1.21 8.84
N GLY A 725 -4.08 0.01 9.33
CA GLY A 725 -2.98 0.88 8.92
C GLY A 725 -1.62 0.46 9.44
N LEU A 726 -1.47 0.40 10.76
CA LEU A 726 -0.19 0.03 11.35
C LEU A 726 -0.44 -0.74 12.64
N THR A 727 0.41 -1.74 12.89
CA THR A 727 0.28 -2.57 14.08
C THR A 727 1.67 -2.80 14.67
N PHE A 728 1.82 -2.49 15.95
CA PHE A 728 3.06 -2.73 16.65
C PHE A 728 2.90 -3.95 17.56
N ALA A 729 3.81 -4.90 17.44
CA ALA A 729 3.82 -6.08 18.28
C ALA A 729 5.10 -6.11 19.11
N SER A 730 5.33 -7.22 19.79
CA SER A 730 6.49 -7.42 20.64
C SER A 730 6.52 -8.87 21.12
N ASP A 731 6.06 -9.11 22.34
CA ASP A 731 5.91 -10.45 22.86
C ASP A 731 4.60 -10.52 23.63
N GLY A 732 4.17 -11.73 23.97
CA GLY A 732 2.91 -11.91 24.66
C GLY A 732 2.99 -11.94 26.16
N SER A 733 4.19 -11.85 26.75
CA SER A 733 4.34 -11.91 28.19
C SER A 733 5.29 -10.82 28.67
N PHE A 734 6.58 -11.02 28.49
CA PHE A 734 7.61 -10.02 28.73
C PHE A 734 8.23 -9.60 27.41
N PRO A 735 8.58 -8.33 27.24
CA PRO A 735 8.98 -7.86 25.91
C PRO A 735 10.24 -8.56 25.41
N SER A 736 10.35 -8.68 24.08
CA SER A 736 11.46 -9.42 23.48
C SER A 736 12.81 -8.77 23.75
N ASP A 737 12.83 -7.48 24.08
CA ASP A 737 14.06 -6.78 24.43
C ASP A 737 13.75 -5.81 25.56
N GLU A 738 14.45 -5.96 26.69
CA GLU A 738 14.09 -5.21 27.90
C GLU A 738 14.11 -3.71 27.64
N GLY A 739 12.94 -3.08 27.80
CA GLY A 739 12.79 -1.68 27.47
C GLY A 739 12.56 -1.44 25.99
N SER A 740 11.38 -1.82 25.49
CA SER A 740 11.08 -1.76 24.07
C SER A 740 10.05 -0.66 23.81
N SER A 741 10.53 0.50 23.39
CA SER A 741 9.63 1.58 22.98
C SER A 741 9.24 1.38 21.52
N GLN A 742 8.00 1.76 21.21
CA GLN A 742 7.45 1.58 19.87
C GLN A 742 6.77 2.89 19.46
N GLU A 743 7.45 3.68 18.62
CA GLU A 743 6.99 5.03 18.32
C GLU A 743 6.44 5.12 16.90
N VAL A 744 5.41 5.95 16.76
CA VAL A 744 4.90 6.43 15.48
C VAL A 744 4.72 7.93 15.63
N SER A 745 5.53 8.71 14.92
CA SER A 745 5.47 10.17 15.00
C SER A 745 5.40 10.77 13.60
N GLU A 746 4.78 11.94 13.51
CA GLU A 746 4.69 12.71 12.27
C GLU A 746 4.08 11.89 11.13
N SER A 747 3.14 11.00 11.46
CA SER A 747 2.52 10.12 10.49
C SER A 747 1.11 10.60 10.15
N LEU A 748 0.45 9.88 9.24
CA LEU A 748 -0.88 10.25 8.77
C LEU A 748 -1.66 8.98 8.41
N PHE A 749 -2.92 8.92 8.85
CA PHE A 749 -3.78 7.77 8.63
C PHE A 749 -5.06 8.22 7.92
N VAL A 750 -5.52 7.40 6.98
CA VAL A 750 -6.75 7.67 6.23
C VAL A 750 -7.54 6.38 6.15
N GLY A 751 -8.87 6.49 6.25
CA GLY A 751 -9.73 5.32 6.27
C GLY A 751 -10.33 4.96 4.92
N GLU A 752 -11.24 5.78 4.41
CA GLU A 752 -11.89 5.53 3.13
C GLU A 752 -11.75 6.80 2.28
N SER A 753 -10.63 6.92 1.57
CA SER A 753 -10.33 8.14 0.83
C SER A 753 -11.22 8.21 -0.42
N ARG A 754 -10.89 9.14 -1.31
CA ARG A 754 -11.62 9.28 -2.56
C ARG A 754 -11.14 8.32 -3.64
N ASN A 755 -10.25 7.39 -3.30
CA ASN A 755 -9.85 6.33 -4.21
C ASN A 755 -10.92 5.24 -4.11
N TYR A 756 -12.03 5.46 -4.82
CA TYR A 756 -13.13 4.50 -4.83
C TYR A 756 -12.75 3.16 -5.44
N GLY A 757 -11.54 3.03 -5.97
CA GLY A 757 -11.12 1.78 -6.56
C GLY A 757 -11.92 1.47 -7.81
N PHE A 758 -11.76 0.24 -8.27
CA PHE A 758 -12.47 -0.22 -9.46
C PHE A 758 -12.98 -1.64 -9.22
N GLN A 759 -14.29 -1.81 -9.32
CA GLN A 759 -14.92 -3.12 -9.17
C GLN A 759 -14.56 -3.98 -10.38
N GLY A 760 -13.37 -4.55 -10.35
CA GLY A 760 -12.90 -5.35 -11.46
C GLY A 760 -11.49 -5.83 -11.20
N GLY A 761 -11.01 -6.69 -12.09
CA GLY A 761 -9.69 -7.26 -11.93
C GLY A 761 -9.57 -8.08 -10.66
N GLN A 762 -10.57 -8.93 -10.41
CA GLN A 762 -10.63 -9.80 -9.23
C GLN A 762 -10.66 -9.00 -7.93
N ASN A 763 -11.17 -7.77 -7.98
CA ASN A 763 -11.37 -7.00 -6.76
C ASN A 763 -12.50 -7.61 -5.96
N LYS A 764 -12.15 -8.48 -5.00
CA LYS A 764 -13.11 -9.38 -4.38
C LYS A 764 -14.14 -8.69 -3.50
N TYR A 765 -14.02 -7.39 -3.26
CA TYR A 765 -14.91 -6.74 -2.31
C TYR A 765 -15.33 -5.36 -2.79
N VAL A 766 -16.62 -5.09 -2.66
CA VAL A 766 -17.21 -3.78 -2.94
C VAL A 766 -18.33 -3.54 -1.94
N GLY A 767 -18.45 -2.31 -1.46
CA GLY A 767 -19.50 -1.97 -0.53
C GLY A 767 -19.87 -0.50 -0.55
N THR A 768 -20.47 -0.06 0.54
CA THR A 768 -20.94 1.31 0.70
C THR A 768 -19.92 2.10 1.50
N GLY A 769 -19.56 3.28 0.99
CA GLY A 769 -18.68 4.16 1.72
C GLY A 769 -19.25 4.60 3.04
N GLY A 770 -18.36 4.97 3.94
CA GLY A 770 -18.76 5.43 5.27
C GLY A 770 -19.27 6.85 5.24
N ILE A 771 -18.56 7.74 4.53
CA ILE A 771 -18.90 9.15 4.48
C ILE A 771 -19.95 9.39 3.41
N ASP A 772 -19.53 9.40 2.15
CA ASP A 772 -20.41 9.73 1.03
C ASP A 772 -21.34 8.59 0.64
N GLN A 773 -21.13 7.38 1.17
CA GLN A 773 -21.99 6.23 0.90
C GLN A 773 -22.01 5.88 -0.59
N LYS A 774 -20.86 6.00 -1.24
CA LYS A 774 -20.66 5.68 -2.63
C LYS A 774 -20.22 4.24 -2.81
N PRO A 775 -20.41 3.65 -4.00
CA PRO A 775 -19.89 2.31 -4.26
C PRO A 775 -18.38 2.36 -4.46
N ARG A 776 -17.66 1.65 -3.59
CA ARG A 776 -16.21 1.59 -3.65
C ARG A 776 -15.78 0.15 -3.40
N THR A 777 -14.56 -0.17 -3.79
CA THR A 777 -13.99 -1.46 -3.43
C THR A 777 -13.55 -1.45 -1.97
N LEU A 778 -13.63 -2.60 -1.33
CA LEU A 778 -13.32 -2.74 0.08
C LEU A 778 -12.16 -3.72 0.28
N PRO A 779 -11.44 -3.63 1.40
CA PRO A 779 -10.33 -4.54 1.63
C PRO A 779 -10.75 -5.98 1.87
N ARG A 780 -11.60 -6.22 2.88
CA ARG A 780 -12.13 -7.55 3.13
C ARG A 780 -13.65 -7.50 3.11
N ASN A 781 -14.31 -8.47 3.76
CA ASN A 781 -15.77 -8.55 3.78
C ASN A 781 -16.38 -7.22 4.21
N ARG A 782 -17.62 -6.96 3.79
CA ARG A 782 -18.23 -5.64 3.96
C ARG A 782 -18.50 -5.29 5.43
N THR A 783 -18.32 -6.21 6.36
CA THR A 783 -18.56 -5.94 7.77
C THR A 783 -17.27 -5.82 8.59
N PHE A 784 -16.11 -5.91 7.93
CA PHE A 784 -14.83 -5.82 8.61
C PHE A 784 -14.64 -4.42 9.20
N PRO A 785 -14.45 -4.29 10.52
CA PRO A 785 -14.20 -2.96 11.10
C PRO A 785 -12.87 -2.38 10.68
N ILE A 786 -12.90 -1.45 9.71
CA ILE A 786 -11.67 -0.81 9.25
C ILE A 786 -10.99 -0.10 10.41
N ARG A 787 -9.66 -0.13 10.43
CA ARG A 787 -8.89 0.39 11.55
C ARG A 787 -7.66 1.14 11.04
N GLY A 788 -7.24 2.13 11.81
CA GLY A 788 -6.09 2.94 11.46
C GLY A 788 -4.82 2.54 12.18
N PHE A 789 -4.86 2.55 13.51
CA PHE A 789 -3.76 2.05 14.33
C PHE A 789 -4.29 0.95 15.23
N GLN A 790 -3.49 -0.10 15.42
CA GLN A 790 -3.85 -1.20 16.29
C GLN A 790 -2.85 -1.28 17.44
N ILE A 791 -3.38 -1.42 18.65
CA ILE A 791 -2.56 -1.51 19.87
C ILE A 791 -2.44 -2.97 20.27
N TYR A 792 -1.21 -3.41 20.49
CA TYR A 792 -0.93 -4.82 20.78
C TYR A 792 0.44 -4.89 21.44
N ASP A 793 0.57 -5.80 22.40
CA ASP A 793 1.80 -5.95 23.17
C ASP A 793 2.23 -4.63 23.81
N GLY A 794 3.28 -4.01 23.27
CA GLY A 794 3.75 -2.74 23.77
C GLY A 794 5.11 -2.84 24.42
N PRO A 795 5.56 -1.76 25.07
CA PRO A 795 4.97 -0.43 25.23
C PRO A 795 5.03 0.41 23.96
N ILE A 796 3.95 1.10 23.62
CA ILE A 796 3.80 1.77 22.33
C ILE A 796 3.53 3.25 22.55
N HIS A 797 4.33 4.11 21.92
CA HIS A 797 4.21 5.57 22.00
C HIS A 797 3.66 6.10 20.67
N LEU A 798 2.35 6.35 20.62
CA LEU A 798 1.72 6.92 19.44
C LEU A 798 1.66 8.43 19.62
N THR A 799 2.40 9.16 18.79
CA THR A 799 2.55 10.59 18.99
C THR A 799 2.49 11.33 17.65
N ARG A 800 2.08 12.59 17.72
CA ARG A 800 2.20 13.56 16.63
C ARG A 800 1.71 13.01 15.29
N SER A 801 0.54 12.35 15.30
CA SER A 801 -0.02 11.77 14.10
C SER A 801 -1.48 12.17 13.95
N THR A 802 -1.99 12.07 12.73
CA THR A 802 -3.30 12.58 12.37
C THR A 802 -4.13 11.50 11.67
N PHE A 803 -5.42 11.45 11.97
CA PHE A 803 -6.34 10.46 11.42
C PHE A 803 -7.45 11.18 10.65
N LYS A 804 -7.75 10.69 9.44
CA LYS A 804 -8.77 11.30 8.59
C LYS A 804 -9.74 10.25 8.08
N LYS A 805 -11.02 10.63 8.00
CA LYS A 805 -12.04 9.88 7.24
C LYS A 805 -12.21 8.46 7.78
N TYR A 806 -12.71 8.36 9.01
CA TYR A 806 -13.00 7.07 9.64
C TYR A 806 -14.44 7.10 10.17
N VAL A 807 -15.39 6.82 9.28
CA VAL A 807 -16.80 6.77 9.64
C VAL A 807 -17.30 5.33 9.52
N PRO A 808 -18.09 4.84 10.48
CA PRO A 808 -18.68 3.51 10.34
C PRO A 808 -20.02 3.52 9.62
N THR A 809 -20.30 2.41 8.96
CA THR A 809 -21.59 2.09 8.38
C THR A 809 -22.36 1.17 9.32
N PRO A 810 -23.66 0.99 9.10
CA PRO A 810 -24.40 0.03 9.93
C PRO A 810 -23.81 -1.37 9.91
N ASP A 811 -23.10 -1.73 8.84
CA ASP A 811 -22.47 -3.05 8.78
C ASP A 811 -21.28 -3.14 9.73
N ARG A 812 -20.27 -2.31 9.51
CA ARG A 812 -18.97 -2.41 10.17
C ARG A 812 -18.74 -1.26 11.12
N TYR A 813 -17.96 -1.52 12.18
CA TYR A 813 -17.65 -0.52 13.20
C TYR A 813 -16.24 0.04 12.97
N SER A 814 -16.12 0.88 11.95
CA SER A 814 -14.85 1.49 11.64
C SER A 814 -14.44 2.48 12.72
N SER A 815 -13.15 2.52 13.03
CA SER A 815 -12.63 3.42 14.04
C SER A 815 -11.18 3.78 13.72
N ALA A 816 -10.72 4.89 14.30
CA ALA A 816 -9.37 5.36 14.02
C ALA A 816 -8.33 4.49 14.74
N ILE A 817 -8.46 4.37 16.05
CA ILE A 817 -7.51 3.62 16.87
C ILE A 817 -8.25 2.45 17.52
N GLY A 818 -7.62 1.29 17.51
CA GLY A 818 -8.25 0.11 18.06
C GLY A 818 -7.23 -0.93 18.48
N PHE A 819 -7.75 -2.11 18.83
CA PHE A 819 -6.94 -3.21 19.32
C PHE A 819 -6.96 -4.39 18.35
N LEU A 820 -6.03 -5.30 18.55
CA LEU A 820 -5.99 -6.52 17.75
C LEU A 820 -7.16 -7.42 18.12
N MET A 821 -7.76 -8.03 17.10
CA MET A 821 -8.95 -8.84 17.28
C MET A 821 -8.59 -10.25 17.75
N LYS A 822 -9.47 -10.81 18.60
CA LYS A 822 -9.29 -12.15 19.17
C LYS A 822 -7.97 -12.26 19.94
N ASN A 823 -7.68 -11.24 20.75
CA ASN A 823 -6.44 -11.21 21.52
C ASN A 823 -6.60 -11.94 22.84
N SER A 824 -5.58 -12.72 23.20
CA SER A 824 -5.53 -13.39 24.49
C SER A 824 -4.27 -13.06 25.28
N TRP A 825 -3.34 -12.32 24.70
CA TRP A 825 -2.04 -12.08 25.33
C TRP A 825 -2.06 -10.91 26.29
N GLN A 826 -0.95 -10.17 26.32
CA GLN A 826 -0.78 -9.04 27.23
C GLN A 826 -1.12 -7.74 26.52
N ILE A 827 -1.39 -6.73 27.34
CA ILE A 827 -1.49 -5.33 26.90
C ILE A 827 -1.08 -4.46 28.09
N THR A 828 -0.16 -3.53 27.85
CA THR A 828 0.37 -2.80 29.00
C THR A 828 -0.25 -1.40 29.11
N PRO A 829 -0.46 -0.92 30.33
CA PRO A 829 -0.88 0.47 30.54
C PRO A 829 0.21 1.50 30.28
N ARG A 830 1.39 1.11 29.78
CA ARG A 830 2.39 2.08 29.35
C ARG A 830 2.19 2.53 27.92
N ASN A 831 1.37 1.81 27.15
CA ASN A 831 0.96 2.23 25.81
C ASN A 831 0.31 3.61 25.88
N ASN A 832 1.02 4.65 25.50
CA ASN A 832 0.48 6.00 25.53
C ASN A 832 0.31 6.55 24.12
N ILE A 833 -0.83 7.22 23.91
CA ILE A 833 -1.11 7.98 22.71
C ILE A 833 -1.05 9.46 23.06
N SER A 834 -0.23 10.21 22.33
CA SER A 834 -0.01 11.61 22.62
C SER A 834 -0.10 12.44 21.34
N LEU A 835 -0.51 13.70 21.49
CA LEU A 835 -0.43 14.70 20.43
C LEU A 835 -1.02 14.20 19.10
N VAL A 836 -2.17 13.56 19.16
CA VAL A 836 -2.83 13.05 17.97
C VAL A 836 -4.04 13.91 17.64
N LYS A 837 -4.28 14.08 16.35
CA LYS A 837 -5.34 14.94 15.83
C LYS A 837 -6.31 14.09 15.03
N PHE A 838 -7.61 14.39 15.18
CA PHE A 838 -8.65 13.66 14.49
C PHE A 838 -9.37 14.62 13.54
N GLY A 839 -9.69 14.11 12.34
CA GLY A 839 -10.30 14.93 11.33
C GLY A 839 -11.78 15.15 11.57
N PRO A 840 -12.39 15.96 10.70
CA PRO A 840 -13.82 16.24 10.87
C PRO A 840 -14.69 15.04 10.51
N HIS A 841 -14.21 14.18 9.60
CA HIS A 841 -14.92 12.96 9.24
C HIS A 841 -14.43 11.76 10.02
N VAL A 842 -14.06 11.96 11.28
CA VAL A 842 -13.68 10.87 12.18
C VAL A 842 -14.70 10.88 13.30
N SER A 843 -15.67 9.97 13.24
CA SER A 843 -16.74 9.93 14.22
C SER A 843 -16.46 8.98 15.37
N LEU A 844 -15.53 8.05 15.20
CA LEU A 844 -15.28 7.00 16.19
C LEU A 844 -13.77 6.94 16.42
N ASN A 845 -13.28 7.78 17.35
CA ASN A 845 -11.85 7.88 17.60
C ASN A 845 -11.27 6.52 18.02
N VAL A 846 -11.91 5.86 18.97
CA VAL A 846 -11.47 4.56 19.48
C VAL A 846 -12.68 3.64 19.58
N PHE A 847 -12.42 2.33 19.57
CA PHE A 847 -13.46 1.34 19.71
C PHE A 847 -12.88 0.07 20.31
N PHE A 848 -13.63 -0.54 21.23
CA PHE A 848 -13.13 -1.68 22.00
C PHE A 848 -13.81 -3.00 21.63
N GLY A 849 -14.65 -3.02 20.62
CA GLY A 849 -15.24 -4.25 20.12
C GLY A 849 -16.51 -4.64 20.86
N LYS A 850 -17.29 -5.49 20.19
CA LYS A 850 -18.52 -6.04 20.73
C LYS A 850 -18.68 -7.47 20.22
N PRO A 851 -19.53 -8.28 20.86
CA PRO A 851 -19.86 -9.58 20.28
C PRO A 851 -20.40 -9.46 18.86
N GLY A 852 -19.59 -9.86 17.89
CA GLY A 852 -19.97 -9.78 16.50
C GLY A 852 -19.23 -10.79 15.65
N PRO A 853 -19.26 -10.63 14.33
CA PRO A 853 -18.66 -11.64 13.45
C PRO A 853 -17.14 -11.62 13.47
N TRP A 854 -16.52 -10.48 13.77
CA TRP A 854 -15.07 -10.36 13.72
C TRP A 854 -14.41 -10.40 15.09
N PHE A 855 -15.15 -10.06 16.14
CA PHE A 855 -14.61 -10.10 17.50
C PHE A 855 -15.00 -11.36 18.25
N GLU A 856 -15.91 -12.17 17.69
CA GLU A 856 -16.42 -13.41 18.31
C GLU A 856 -16.92 -13.07 19.72
N ASP A 857 -16.54 -13.83 20.74
CA ASP A 857 -16.94 -13.49 22.11
C ASP A 857 -16.55 -12.06 22.46
N CYS A 858 -15.38 -11.63 22.00
CA CYS A 858 -14.68 -10.45 22.53
C CYS A 858 -14.39 -10.65 24.01
N GLU A 859 -14.21 -11.91 24.40
CA GLU A 859 -14.13 -12.34 25.79
C GLU A 859 -12.91 -13.20 26.03
N MET A 860 -11.80 -12.90 25.34
CA MET A 860 -10.56 -13.59 25.64
C MET A 860 -9.71 -12.71 26.56
N ASP A 861 -8.62 -13.30 27.08
CA ASP A 861 -7.86 -12.65 28.14
C ASP A 861 -7.32 -11.30 27.71
N GLY A 862 -7.01 -11.12 26.43
CA GLY A 862 -6.50 -9.85 25.94
C GLY A 862 -7.60 -8.84 25.69
N ASP A 863 -8.74 -9.31 25.16
CA ASP A 863 -9.86 -8.40 24.90
C ASP A 863 -10.30 -7.71 26.18
N LYS A 864 -10.34 -8.44 27.30
CA LYS A 864 -10.84 -7.87 28.55
C LYS A 864 -9.89 -6.80 29.10
N ASN A 865 -8.59 -6.96 28.88
CA ASN A 865 -7.60 -6.06 29.46
C ASN A 865 -7.05 -5.07 28.43
N SER A 866 -7.88 -4.55 27.55
CA SER A 866 -7.46 -3.52 26.62
C SER A 866 -7.37 -2.18 27.34
N ILE A 867 -6.26 -1.46 27.11
CA ILE A 867 -6.01 -0.22 27.83
C ILE A 867 -4.95 0.62 27.13
N PHE A 868 -5.03 1.95 27.26
CA PHE A 868 -3.98 2.84 26.78
C PHE A 868 -3.97 4.09 27.66
N HIS A 869 -3.03 4.98 27.40
CA HIS A 869 -2.79 6.16 28.23
C HIS A 869 -2.91 7.40 27.38
N ASP A 870 -3.89 8.25 27.71
CA ASP A 870 -4.03 9.57 27.06
C ASP A 870 -3.23 10.57 27.89
N ILE A 871 -2.00 10.85 27.44
CA ILE A 871 -1.09 11.69 28.22
C ILE A 871 -1.62 13.11 28.33
N ASP A 872 -1.88 13.75 27.18
CA ASP A 872 -2.14 15.18 27.13
C ASP A 872 -3.60 15.53 26.98
N GLY A 873 -4.47 14.55 26.77
CA GLY A 873 -5.87 14.82 26.55
C GLY A 873 -6.23 15.08 25.11
N SER A 874 -5.53 14.44 24.17
CA SER A 874 -5.80 14.58 22.75
C SER A 874 -6.71 13.50 22.19
N VAL A 875 -7.01 12.47 22.97
CA VAL A 875 -7.87 11.39 22.53
C VAL A 875 -9.26 11.49 23.15
N THR A 876 -9.33 11.82 24.43
CA THR A 876 -10.57 11.80 25.18
C THR A 876 -10.96 13.15 25.76
N GLY A 877 -10.04 14.09 25.87
CA GLY A 877 -10.34 15.34 26.55
C GLY A 877 -10.16 15.24 28.04
N TYR A 878 -9.04 14.65 28.45
CA TYR A 878 -8.73 14.50 29.88
C TYR A 878 -7.21 14.40 30.00
N LYS A 879 -6.58 15.45 30.54
CA LYS A 879 -5.13 15.44 30.67
C LYS A 879 -4.70 14.36 31.66
N ASP A 880 -3.86 13.43 31.18
CA ASP A 880 -3.35 12.31 31.97
C ASP A 880 -4.50 11.44 32.49
N ALA A 881 -5.09 10.70 31.56
CA ALA A 881 -6.20 9.81 31.86
C ALA A 881 -6.00 8.49 31.13
N TYR A 882 -6.49 7.43 31.75
CA TYR A 882 -6.40 6.08 31.20
C TYR A 882 -7.76 5.63 30.69
N VAL A 883 -7.75 4.79 29.65
CA VAL A 883 -8.97 4.34 28.99
C VAL A 883 -8.91 2.84 28.81
N GLY A 884 -10.02 2.16 29.08
CA GLY A 884 -10.11 0.72 28.93
C GLY A 884 -11.48 0.27 28.50
N ARG A 885 -11.74 -1.04 28.49
CA ARG A 885 -13.06 -1.52 28.09
C ARG A 885 -14.08 -1.24 29.18
N MET A 886 -15.34 -1.07 28.77
CA MET A 886 -16.35 -0.52 29.67
C MET A 886 -16.62 -1.44 30.86
N ASP A 887 -16.78 -2.73 30.62
CA ASP A 887 -17.15 -3.66 31.68
C ASP A 887 -15.96 -4.14 32.51
N ASN A 888 -14.77 -3.58 32.29
CA ASN A 888 -13.60 -3.93 33.09
C ASN A 888 -13.68 -3.13 34.39
N TYR A 889 -14.13 -3.78 35.46
CA TYR A 889 -14.35 -3.11 36.74
C TYR A 889 -13.15 -3.16 37.67
N LEU A 890 -12.02 -3.71 37.22
CA LEU A 890 -10.80 -3.73 38.02
C LEU A 890 -10.04 -2.42 37.95
N ILE A 891 -10.55 -1.44 37.21
CA ILE A 891 -9.84 -0.20 36.97
C ILE A 891 -10.76 1.00 37.19
N ARG A 892 -11.95 0.74 37.72
CA ARG A 892 -12.99 1.76 37.83
C ARG A 892 -13.07 2.32 39.24
N HIS A 893 -13.02 3.64 39.35
CA HIS A 893 -13.40 4.35 40.56
C HIS A 893 -14.64 5.20 40.27
N PRO A 894 -15.46 5.51 41.28
CA PRO A 894 -16.79 6.09 41.00
C PRO A 894 -16.78 7.42 40.25
N SER A 895 -15.61 7.95 39.91
CA SER A 895 -15.50 9.19 39.17
C SER A 895 -15.37 8.98 37.66
N CYS A 896 -15.48 7.75 37.19
CA CYS A 896 -15.26 7.44 35.79
C CYS A 896 -16.42 7.93 34.93
N VAL A 897 -16.17 7.96 33.62
CA VAL A 897 -17.12 8.45 32.63
C VAL A 897 -17.49 7.28 31.73
N ASN A 898 -18.73 6.81 31.84
CA ASN A 898 -19.23 5.80 30.91
C ASN A 898 -19.27 6.35 29.49
N VAL A 899 -18.67 5.62 28.55
CA VAL A 899 -18.72 5.94 27.14
C VAL A 899 -19.26 4.71 26.42
N SER A 900 -20.44 4.84 25.82
CA SER A 900 -21.11 3.72 25.17
C SER A 900 -20.71 3.58 23.71
N LYS A 901 -20.48 4.70 23.02
CA LYS A 901 -20.16 4.65 21.60
C LYS A 901 -18.82 3.96 21.36
N TRP A 902 -17.81 4.29 22.17
CA TRP A 902 -16.53 3.60 22.10
C TRP A 902 -16.57 2.24 22.80
N ASN A 903 -17.63 1.94 23.54
CA ASN A 903 -17.70 0.77 24.42
C ASN A 903 -16.48 0.73 25.36
N ALA A 904 -16.33 1.80 26.14
CA ALA A 904 -15.11 2.01 26.91
C ALA A 904 -15.44 2.74 28.20
N VAL A 905 -14.40 3.27 28.84
CA VAL A 905 -14.54 4.04 30.08
C VAL A 905 -13.25 4.81 30.27
N ILE A 906 -13.37 6.05 30.73
CA ILE A 906 -12.24 6.97 30.87
C ILE A 906 -12.05 7.27 32.35
N CYS A 907 -10.84 7.02 32.85
CA CYS A 907 -10.51 7.23 34.25
C CYS A 907 -9.05 7.67 34.38
N SER A 908 -8.62 7.93 35.61
CA SER A 908 -7.25 8.34 35.89
C SER A 908 -6.75 7.68 37.17
N GLY A 909 -5.46 7.36 37.18
CA GLY A 909 -4.86 6.66 38.30
C GLY A 909 -3.51 6.12 37.87
N THR A 910 -2.99 5.21 38.68
CA THR A 910 -1.75 4.51 38.34
C THR A 910 -2.06 3.04 38.14
N TYR A 911 -1.40 2.43 37.15
CA TYR A 911 -1.76 1.09 36.71
C TYR A 911 -0.53 0.28 36.34
N ALA A 912 -0.58 -1.02 36.63
CA ALA A 912 0.43 -1.98 36.21
C ALA A 912 -0.27 -3.32 35.98
N GLN A 913 0.51 -4.39 35.83
CA GLN A 913 -0.03 -5.71 35.53
C GLN A 913 0.63 -6.74 36.44
N VAL A 914 -0.08 -7.84 36.67
CA VAL A 914 0.39 -8.94 37.49
C VAL A 914 0.25 -10.24 36.70
N TYR A 915 1.30 -11.05 36.69
CA TYR A 915 1.33 -12.29 35.93
C TYR A 915 1.26 -13.46 36.91
N VAL A 916 0.24 -14.29 36.74
CA VAL A 916 -0.11 -15.34 37.72
C VAL A 916 0.06 -16.69 37.05
N GLN A 917 1.15 -17.39 37.40
CA GLN A 917 1.44 -18.71 36.84
C GLN A 917 0.97 -19.81 37.80
N THR A 918 0.28 -20.80 37.25
CA THR A 918 -0.24 -21.94 38.00
C THR A 918 0.28 -23.23 37.41
N TRP A 919 0.74 -24.14 38.27
CA TRP A 919 1.11 -25.48 37.87
C TRP A 919 0.11 -26.49 38.43
N SER A 920 0.28 -27.75 38.05
CA SER A 920 -0.49 -28.88 38.56
C SER A 920 -1.94 -28.87 38.07
N THR A 921 -2.42 -27.75 37.52
CA THR A 921 -3.79 -27.64 37.05
C THR A 921 -3.80 -27.01 35.67
N GLN A 922 -4.42 -27.72 34.73
CA GLN A 922 -4.56 -27.27 33.35
C GLN A 922 -6.02 -26.98 33.06
N ASN A 923 -6.23 -26.29 31.93
CA ASN A 923 -7.57 -25.85 31.50
C ASN A 923 -8.28 -25.07 32.60
N LEU A 924 -7.50 -24.51 33.52
CA LEU A 924 -8.05 -23.83 34.68
C LEU A 924 -8.39 -22.38 34.34
N SER A 925 -9.51 -21.90 34.86
CA SER A 925 -10.00 -20.56 34.59
C SER A 925 -9.99 -19.76 35.88
N MET A 926 -9.25 -18.65 35.88
CA MET A 926 -9.06 -17.84 37.08
C MET A 926 -10.14 -16.76 37.19
N THR A 927 -10.58 -16.51 38.42
CA THR A 927 -11.58 -15.50 38.72
C THR A 927 -11.00 -14.54 39.75
N ILE A 928 -10.69 -13.32 39.32
CA ILE A 928 -10.13 -12.31 40.20
C ILE A 928 -11.12 -11.15 40.33
N THR A 929 -11.30 -10.67 41.56
CA THR A 929 -12.25 -9.62 41.88
C THR A 929 -11.58 -8.57 42.76
N ARG A 930 -11.97 -7.31 42.58
CA ARG A 930 -11.53 -6.25 43.49
C ARG A 930 -12.54 -6.11 44.62
N ASP A 931 -12.02 -5.87 45.83
CA ASP A 931 -12.88 -5.76 47.00
C ASP A 931 -13.94 -4.69 46.82
N GLU A 932 -13.58 -3.57 46.17
CA GLU A 932 -14.48 -2.43 46.15
C GLU A 932 -15.66 -2.67 45.21
N TYR A 933 -15.52 -3.56 44.24
CA TYR A 933 -16.61 -3.94 43.34
C TYR A 933 -16.69 -5.45 43.28
N PRO A 934 -17.19 -6.09 44.34
CA PRO A 934 -17.22 -7.55 44.34
C PRO A 934 -18.25 -8.14 43.39
N SER A 935 -19.33 -7.40 43.10
CA SER A 935 -20.36 -7.86 42.17
C SER A 935 -19.86 -7.93 40.73
N ASN A 936 -18.58 -7.67 40.47
CA ASN A 936 -18.05 -7.59 39.11
C ASN A 936 -16.67 -8.25 39.07
N PRO A 937 -16.62 -9.58 39.04
CA PRO A 937 -15.34 -10.28 38.93
C PRO A 937 -14.90 -10.39 37.48
N MET A 938 -13.72 -10.96 37.28
CA MET A 938 -13.19 -11.19 35.94
C MET A 938 -12.74 -12.65 35.82
N VAL A 939 -13.44 -13.41 34.99
CA VAL A 939 -13.08 -14.80 34.72
C VAL A 939 -12.08 -14.83 33.57
N LEU A 940 -10.87 -15.30 33.84
CA LEU A 940 -9.84 -15.44 32.83
C LEU A 940 -9.64 -16.92 32.51
N ARG A 941 -9.07 -17.18 31.32
CA ARG A 941 -8.96 -18.55 30.81
C ARG A 941 -7.52 -19.00 30.62
N GLY A 942 -6.54 -18.20 31.04
CA GLY A 942 -5.14 -18.60 30.94
C GLY A 942 -4.54 -18.28 29.59
N ILE A 943 -3.21 -18.39 29.53
CA ILE A 943 -2.48 -18.08 28.33
C ILE A 943 -1.96 -19.34 27.63
N ASN A 944 -1.67 -20.41 28.36
CA ASN A 944 -1.15 -21.64 27.78
C ASN A 944 -2.21 -22.74 27.89
N GLN A 945 -3.25 -22.62 27.07
CA GLN A 945 -4.18 -23.74 26.86
C GLN A 945 -3.67 -24.70 25.80
N LYS A 946 -2.35 -24.90 25.76
CA LYS A 946 -1.72 -25.85 24.85
C LYS A 946 -0.39 -26.29 25.45
N ALA A 947 0.04 -25.60 26.51
CA ALA A 947 1.24 -25.95 27.25
C ALA A 947 0.84 -26.44 28.65
N ALA A 948 1.84 -26.52 29.54
CA ALA A 948 1.64 -27.07 30.88
C ALA A 948 1.61 -26.05 31.99
N PHE A 949 2.12 -24.83 31.76
CA PHE A 949 2.24 -23.78 32.78
C PHE A 949 1.42 -22.56 32.34
N PRO A 950 0.09 -22.61 32.48
CA PRO A 950 -0.76 -21.50 32.03
C PRO A 950 -0.68 -20.34 33.03
N GLN A 951 -0.32 -19.16 32.54
CA GLN A 951 -0.37 -17.98 33.39
C GLN A 951 -1.50 -17.06 32.95
N TYR A 952 -1.89 -16.21 33.88
CA TYR A 952 -2.99 -15.26 33.70
C TYR A 952 -2.43 -13.88 33.96
N GLN A 953 -2.78 -12.91 33.12
CA GLN A 953 -2.15 -11.59 33.13
C GLN A 953 -3.19 -10.49 33.10
N PRO A 954 -3.87 -10.24 34.21
CA PRO A 954 -4.79 -9.10 34.27
C PRO A 954 -4.07 -7.80 34.55
N VAL A 955 -4.73 -6.70 34.20
CA VAL A 955 -4.24 -5.35 34.47
C VAL A 955 -4.98 -4.82 35.69
N VAL A 956 -4.27 -4.09 36.56
CA VAL A 956 -4.82 -3.68 37.85
C VAL A 956 -4.55 -2.21 38.12
N MET A 957 -5.28 -1.68 39.11
CA MET A 957 -5.08 -0.33 39.60
C MET A 957 -4.24 -0.39 40.87
N LEU A 958 -3.23 0.47 40.95
CA LEU A 958 -2.30 0.41 42.06
C LEU A 958 -2.97 0.85 43.36
N GLU A 959 -2.46 0.30 44.47
CA GLU A 959 -2.87 0.69 45.83
C GLU A 959 -4.35 0.36 46.06
N LYS A 960 -4.69 -0.91 45.82
CA LYS A 960 -6.04 -1.43 45.98
C LYS A 960 -5.97 -2.88 46.45
N GLY A 961 -7.11 -3.43 46.84
CA GLY A 961 -7.17 -4.80 47.30
C GLY A 961 -8.04 -5.72 46.46
N TYR A 962 -7.53 -6.90 46.12
CA TYR A 962 -8.22 -7.84 45.24
C TYR A 962 -8.27 -9.22 45.88
N THR A 963 -9.07 -10.10 45.27
CA THR A 963 -9.15 -11.51 45.65
C THR A 963 -9.18 -12.36 44.39
N ILE A 964 -8.69 -13.60 44.51
CA ILE A 964 -8.58 -14.52 43.38
C ILE A 964 -9.25 -15.84 43.74
N HIS A 965 -10.02 -16.39 42.80
CA HIS A 965 -10.71 -17.66 42.98
C HIS A 965 -10.67 -18.43 41.66
N TRP A 966 -10.85 -19.75 41.74
CA TRP A 966 -10.68 -20.62 40.59
C TRP A 966 -11.98 -21.32 40.23
N ASN A 967 -12.01 -21.86 39.01
CA ASN A 967 -13.05 -22.80 38.61
C ASN A 967 -12.65 -24.24 38.88
N GLY A 968 -11.70 -24.45 39.78
CA GLY A 968 -11.22 -25.76 40.13
C GLY A 968 -10.45 -25.77 41.43
N PRO A 969 -9.80 -26.89 41.73
CA PRO A 969 -9.03 -26.99 42.98
C PRO A 969 -7.88 -26.02 43.01
N ALA A 970 -7.48 -25.64 44.23
CA ALA A 970 -6.44 -24.64 44.41
C ALA A 970 -5.10 -25.14 43.90
N PRO A 971 -4.38 -24.36 43.09
CA PRO A 971 -3.07 -24.80 42.61
C PRO A 971 -2.06 -24.84 43.74
N ARG A 972 -1.28 -25.93 43.79
CA ARG A 972 -0.34 -26.14 44.88
C ARG A 972 0.90 -25.26 44.79
N THR A 973 1.06 -24.51 43.70
CA THR A 973 2.21 -23.63 43.54
C THR A 973 1.85 -22.52 42.57
N THR A 974 2.20 -21.29 42.92
CA THR A 974 1.80 -20.11 42.15
C THR A 974 2.87 -19.04 42.26
N PHE A 975 3.10 -18.34 41.15
CA PHE A 975 4.07 -17.24 41.09
C PHE A 975 3.36 -15.93 40.79
N LEU A 976 3.79 -14.85 41.45
CA LEU A 976 3.19 -13.53 41.29
C LEU A 976 4.27 -12.55 40.83
N TYR A 977 4.19 -12.11 39.59
CA TYR A 977 5.16 -11.19 39.02
C TYR A 977 4.62 -9.77 39.06
N LEU A 978 5.48 -8.83 39.44
CA LEU A 978 5.15 -7.40 39.49
C LEU A 978 5.70 -6.74 38.23
N VAL A 979 4.83 -6.47 37.27
CA VAL A 979 5.21 -5.96 35.96
C VAL A 979 4.68 -4.55 35.81
N ASN A 980 5.58 -3.62 35.43
CA ASN A 980 5.28 -2.20 35.26
C ASN A 980 5.03 -1.49 36.59
N PHE A 981 5.63 -2.00 37.67
CA PHE A 981 5.53 -1.40 38.99
C PHE A 981 6.67 -0.40 39.19
N ASN A 982 6.33 0.82 39.56
CA ASN A 982 7.35 1.72 40.07
C ASN A 982 7.64 1.36 41.53
N LYS A 983 8.77 1.85 42.03
CA LYS A 983 9.12 1.60 43.42
C LYS A 983 8.04 2.13 44.33
N ASN A 984 7.69 1.33 45.34
CA ASN A 984 6.72 1.66 46.39
C ASN A 984 5.28 1.57 45.89
N ASP A 985 5.08 1.35 44.59
CA ASP A 985 3.75 1.01 44.11
C ASP A 985 3.36 -0.37 44.63
N TRP A 986 2.09 -0.55 44.95
CA TRP A 986 1.68 -1.71 45.74
C TRP A 986 0.21 -2.02 45.50
N ILE A 987 -0.15 -3.29 45.76
CA ILE A 987 -1.55 -3.71 45.87
C ILE A 987 -1.63 -4.77 46.97
N ARG A 988 -2.83 -4.95 47.51
CA ARG A 988 -3.12 -6.03 48.45
C ARG A 988 -3.80 -7.16 47.69
N VAL A 989 -3.44 -8.41 48.01
CA VAL A 989 -3.99 -9.56 47.32
C VAL A 989 -4.51 -10.58 48.32
N GLY A 990 -5.54 -11.31 47.93
CA GLY A 990 -6.13 -12.31 48.79
C GLY A 990 -6.48 -13.59 48.07
N LEU A 991 -5.57 -14.58 48.11
CA LEU A 991 -5.76 -15.81 47.36
C LEU A 991 -6.66 -16.79 48.12
N CYS A 992 -7.59 -17.40 47.40
CA CYS A 992 -8.53 -18.36 47.96
C CYS A 992 -7.88 -19.74 48.03
N TYR A 993 -7.82 -20.30 49.22
CA TYR A 993 -7.26 -21.62 49.45
C TYR A 993 -8.21 -22.39 50.35
N PRO A 994 -8.08 -23.72 50.41
CA PRO A 994 -8.90 -24.48 51.35
C PRO A 994 -8.68 -24.00 52.78
N SER A 995 -9.73 -24.13 53.60
CA SER A 995 -9.61 -23.80 55.01
C SER A 995 -8.50 -24.59 55.70
N ASN A 996 -7.96 -25.61 55.06
CA ASN A 996 -7.05 -26.57 55.67
C ASN A 996 -5.75 -26.61 54.87
N THR A 997 -4.90 -25.61 55.05
CA THR A 997 -3.67 -25.55 54.25
C THR A 997 -2.55 -24.90 55.04
N SER A 998 -1.35 -25.45 54.89
CA SER A 998 -0.12 -24.81 55.32
C SER A 998 0.55 -24.15 54.13
N PHE A 999 1.30 -23.08 54.38
CA PHE A 999 1.86 -22.27 53.31
C PHE A 999 3.35 -22.06 53.50
N GLN A 1000 4.01 -21.76 52.38
CA GLN A 1000 5.44 -21.46 52.35
C GLN A 1000 5.66 -20.49 51.20
N VAL A 1001 5.96 -19.23 51.53
CA VAL A 1001 5.97 -18.14 50.57
C VAL A 1001 7.36 -17.54 50.51
N THR A 1002 7.88 -17.34 49.29
CA THR A 1002 9.22 -16.78 49.09
C THR A 1002 9.17 -15.69 48.02
N PHE A 1003 10.04 -14.69 48.20
CA PHE A 1003 10.24 -13.60 47.25
C PHE A 1003 11.64 -13.71 46.65
N GLY A 1004 11.81 -13.14 45.46
CA GLY A 1004 13.13 -13.11 44.87
C GLY A 1004 13.17 -12.24 43.64
N TYR A 1005 14.38 -11.89 43.23
CA TYR A 1005 14.62 -11.19 41.97
C TYR A 1005 14.94 -12.22 40.90
N LEU A 1006 14.10 -12.28 39.86
CA LEU A 1006 14.28 -13.23 38.78
C LEU A 1006 15.08 -12.56 37.67
N GLN A 1007 16.33 -12.97 37.50
CA GLN A 1007 17.17 -12.40 36.45
C GLN A 1007 16.77 -13.00 35.11
N ARG A 1008 16.32 -12.15 34.19
CA ARG A 1008 15.83 -12.62 32.90
C ARG A 1008 16.91 -13.35 32.12
N GLN A 1009 18.17 -12.96 32.28
CA GLN A 1009 19.22 -13.43 31.39
C GLN A 1009 19.53 -14.90 31.62
N ASN A 1010 19.69 -15.31 32.88
CA ASN A 1010 20.23 -16.62 33.21
C ASN A 1010 19.32 -17.46 34.10
N GLY A 1011 18.05 -17.06 34.25
CA GLY A 1011 17.10 -17.88 34.97
C GLY A 1011 17.39 -18.07 36.45
N SER A 1012 18.24 -17.23 37.01
CA SER A 1012 18.58 -17.35 38.42
C SER A 1012 17.70 -16.44 39.26
N LEU A 1013 17.47 -16.86 40.51
CA LEU A 1013 16.69 -16.10 41.48
C LEU A 1013 17.66 -15.53 42.50
N SER A 1014 17.75 -14.21 42.58
CA SER A 1014 18.74 -13.53 43.39
C SER A 1014 18.07 -12.75 44.52
N LYS A 1015 18.76 -12.66 45.66
CA LYS A 1015 18.30 -11.88 46.82
C LYS A 1015 16.94 -12.38 47.31
N ILE A 1016 16.93 -13.64 47.76
CA ILE A 1016 15.71 -14.36 48.11
C ILE A 1016 15.37 -14.11 49.58
N GLU A 1017 14.09 -13.87 49.84
CA GLU A 1017 13.57 -13.59 51.18
C GLU A 1017 12.32 -14.42 51.41
N GLU A 1018 12.10 -14.78 52.68
CA GLU A 1018 10.93 -15.54 53.07
C GLU A 1018 9.90 -14.66 53.77
N TYR A 1019 8.64 -15.09 53.69
CA TYR A 1019 7.51 -14.41 54.31
C TYR A 1019 7.15 -15.07 55.63
N GLU A 1020 6.61 -14.28 56.56
CA GLU A 1020 6.24 -14.74 57.89
C GLU A 1020 4.78 -14.41 58.16
N PRO A 1021 4.00 -15.34 58.71
CA PRO A 1021 2.57 -15.10 58.92
C PRO A 1021 2.32 -14.07 60.02
N VAL A 1022 1.10 -13.52 60.00
CA VAL A 1022 0.63 -12.59 61.01
C VAL A 1022 -0.74 -13.05 61.49
N HIS A 1023 -1.23 -12.38 62.54
CA HIS A 1023 -2.47 -12.79 63.18
C HIS A 1023 -3.72 -12.21 62.54
N SER A 1024 -3.61 -11.10 61.81
CA SER A 1024 -4.78 -10.40 61.33
C SER A 1024 -4.46 -9.68 60.04
N LEU A 1025 -5.51 -9.39 59.27
CA LEU A 1025 -5.37 -8.47 58.14
C LEU A 1025 -4.91 -7.10 58.60
N GLU A 1026 -5.23 -6.74 59.84
CA GLU A 1026 -4.83 -5.43 60.37
C GLU A 1026 -3.36 -5.39 60.76
N GLU A 1027 -2.79 -6.50 61.23
CA GLU A 1027 -1.37 -6.52 61.56
C GLU A 1027 -0.51 -6.50 60.30
N LEU A 1028 -0.94 -7.19 59.25
CA LEU A 1028 -0.25 -7.15 57.98
C LEU A 1028 -0.34 -5.77 57.33
N GLN A 1029 -1.43 -5.05 57.59
CA GLN A 1029 -1.55 -3.70 57.08
C GLN A 1029 -0.54 -2.77 57.74
N ARG A 1030 -0.30 -2.96 59.04
CA ARG A 1030 0.77 -2.21 59.71
C ARG A 1030 2.13 -2.58 59.13
N LYS A 1031 2.31 -3.85 58.79
CA LYS A 1031 3.56 -4.33 58.21
C LYS A 1031 3.41 -4.49 56.70
N GLN A 1032 3.09 -3.36 56.03
CA GLN A 1032 2.81 -3.39 54.60
C GLN A 1032 4.07 -3.58 53.77
N SER A 1033 5.17 -2.94 54.16
CA SER A 1033 6.45 -3.10 53.48
C SER A 1033 7.28 -4.25 54.07
N GLU A 1034 6.75 -4.96 55.05
CA GLU A 1034 7.38 -6.17 55.57
C GLU A 1034 6.87 -7.39 54.82
N ARG A 1035 7.72 -8.40 54.70
CA ARG A 1035 7.35 -9.66 54.05
C ARG A 1035 6.48 -10.45 55.03
N LYS A 1036 5.18 -10.19 54.98
CA LYS A 1036 4.22 -10.82 55.87
C LYS A 1036 3.01 -11.26 55.08
N PHE A 1037 2.34 -12.31 55.58
CA PHE A 1037 1.08 -12.77 55.00
C PHE A 1037 0.12 -13.12 56.12
N TYR A 1038 -1.17 -12.99 55.83
CA TYR A 1038 -2.24 -13.37 56.75
C TYR A 1038 -3.15 -14.36 56.04
N PHE A 1039 -3.45 -15.48 56.71
CA PHE A 1039 -4.34 -16.49 56.19
C PHE A 1039 -5.59 -16.53 57.05
N ASP A 1040 -6.75 -16.34 56.43
CA ASP A 1040 -8.04 -16.33 57.10
C ASP A 1040 -8.67 -17.71 56.91
N SER A 1041 -8.50 -18.58 57.91
CA SER A 1041 -8.96 -19.96 57.77
C SER A 1041 -10.47 -20.07 57.61
N SER A 1042 -11.22 -19.06 58.04
CA SER A 1042 -12.67 -19.07 57.87
C SER A 1042 -13.05 -18.92 56.41
N THR A 1043 -12.61 -17.83 55.76
CA THR A 1043 -12.87 -17.64 54.35
C THR A 1043 -11.96 -18.50 53.50
N GLY A 1044 -10.71 -18.68 53.93
CA GLY A 1044 -9.71 -19.37 53.14
C GLY A 1044 -8.81 -18.45 52.36
N LEU A 1045 -8.81 -17.15 52.66
CA LEU A 1045 -8.08 -16.16 51.87
C LEU A 1045 -6.66 -16.02 52.40
N LEU A 1046 -5.67 -16.22 51.52
CA LEU A 1046 -4.26 -15.98 51.85
C LEU A 1046 -3.92 -14.55 51.43
N PHE A 1047 -3.98 -13.64 52.38
CA PHE A 1047 -3.64 -12.26 52.11
C PHE A 1047 -2.13 -12.06 52.19
N LEU A 1048 -1.64 -11.11 51.39
CA LEU A 1048 -0.26 -10.63 51.46
C LEU A 1048 -0.19 -9.37 50.62
N TYR A 1049 0.93 -8.66 50.74
CA TYR A 1049 1.13 -7.40 50.03
C TYR A 1049 2.16 -7.59 48.93
N LEU A 1050 1.86 -7.08 47.75
CA LEU A 1050 2.79 -7.06 46.64
C LEU A 1050 3.31 -5.63 46.50
N LYS A 1051 4.58 -5.44 46.83
CA LYS A 1051 5.21 -4.13 46.81
C LYS A 1051 6.59 -4.26 46.17
N ALA A 1052 6.97 -3.27 45.37
CA ALA A 1052 8.23 -3.29 44.64
C ALA A 1052 9.31 -2.56 45.42
N LYS A 1053 10.50 -3.17 45.49
CA LYS A 1053 11.63 -2.62 46.21
C LYS A 1053 12.57 -1.81 45.31
N SER A 1054 12.91 -2.32 44.13
CA SER A 1054 13.84 -1.65 43.24
C SER A 1054 13.09 -0.71 42.29
N HIS A 1055 13.84 0.01 41.47
CA HIS A 1055 13.28 0.98 40.54
C HIS A 1055 13.18 0.38 39.13
N ARG A 1056 12.36 1.05 38.32
CA ARG A 1056 12.28 0.78 36.89
C ARG A 1056 13.16 1.76 36.11
N HIS A 1057 13.42 1.42 34.85
CA HIS A 1057 14.18 2.28 33.97
C HIS A 1057 13.51 2.30 32.60
N GLY A 1058 13.03 3.48 32.20
CA GLY A 1058 12.40 3.65 30.90
C GLY A 1058 11.12 2.87 30.73
N HIS A 1059 11.14 1.87 29.85
CA HIS A 1059 9.97 1.08 29.54
C HIS A 1059 10.11 -0.38 29.90
N SER A 1060 11.28 -0.81 30.37
CA SER A 1060 11.46 -2.19 30.78
C SER A 1060 10.41 -2.59 31.82
N TYR A 1061 9.84 -3.78 31.62
CA TYR A 1061 8.78 -4.23 32.53
C TYR A 1061 9.29 -4.55 33.93
N CYS A 1062 10.60 -4.81 34.09
CA CYS A 1062 11.13 -5.31 35.34
C CYS A 1062 12.15 -4.35 35.94
N SER A 1063 12.36 -4.52 37.24
CA SER A 1063 13.11 -3.56 38.03
C SER A 1063 14.58 -3.57 37.65
N SER A 1064 15.36 -2.75 38.37
CA SER A 1064 16.78 -2.64 38.08
C SER A 1064 17.50 -3.96 38.30
N GLN A 1065 17.19 -4.65 39.38
CA GLN A 1065 17.90 -5.86 39.75
C GLN A 1065 17.10 -7.13 39.48
N GLY A 1066 16.12 -7.07 38.58
CA GLY A 1066 15.46 -8.27 38.14
C GLY A 1066 13.96 -8.09 38.09
N CYS A 1067 13.27 -9.20 37.84
CA CYS A 1067 11.81 -9.27 37.85
C CYS A 1067 11.37 -9.76 39.22
N GLU A 1068 10.91 -8.83 40.06
CA GLU A 1068 10.40 -9.21 41.37
C GLU A 1068 9.25 -10.18 41.24
N ARG A 1069 9.28 -11.23 42.06
CA ARG A 1069 8.24 -12.26 42.01
C ARG A 1069 8.05 -12.86 43.40
N VAL A 1070 6.89 -13.47 43.59
CA VAL A 1070 6.54 -14.14 44.84
C VAL A 1070 6.13 -15.57 44.51
N LYS A 1071 6.55 -16.51 45.36
CA LYS A 1071 6.30 -17.93 45.11
C LYS A 1071 5.59 -18.52 46.31
N ILE A 1072 4.46 -19.18 46.07
CA ILE A 1072 3.59 -19.69 47.14
C ILE A 1072 3.45 -21.20 46.96
N GLN A 1073 4.04 -21.96 47.89
CA GLN A 1073 3.97 -23.42 47.86
C GLN A 1073 2.89 -23.89 48.83
N ALA A 1074 1.78 -24.38 48.28
CA ALA A 1074 0.68 -24.86 49.10
C ALA A 1074 0.77 -26.37 49.28
N ALA A 1075 0.19 -26.85 50.37
CA ALA A 1075 0.18 -28.28 50.69
C ALA A 1075 -1.24 -28.64 51.12
N THR A 1076 -2.01 -29.28 50.24
CA THR A 1076 -3.39 -29.60 50.55
C THR A 1076 -3.87 -30.76 49.69
N ASP A 1077 -4.87 -31.48 50.20
CA ASP A 1077 -5.50 -32.58 49.47
C ASP A 1077 -6.97 -32.31 49.18
N SER A 1078 -7.44 -31.09 49.38
CA SER A 1078 -8.81 -30.74 49.06
C SER A 1078 -8.97 -30.52 47.56
N LYS A 1079 -9.77 -31.36 46.92
CA LYS A 1079 -10.06 -31.23 45.50
C LYS A 1079 -11.26 -30.33 45.23
N ASP A 1080 -11.64 -29.51 46.21
CA ASP A 1080 -12.84 -28.69 46.11
C ASP A 1080 -12.58 -27.44 45.28
N ILE A 1081 -13.64 -26.99 44.60
CA ILE A 1081 -13.59 -25.75 43.82
C ILE A 1081 -13.20 -24.62 44.76
N SER A 1082 -11.99 -24.09 44.59
CA SER A 1082 -11.45 -23.06 45.47
C SER A 1082 -12.06 -21.72 45.05
N ASN A 1083 -13.27 -21.47 45.54
CA ASN A 1083 -13.99 -20.23 45.26
C ASN A 1083 -14.55 -19.70 46.57
N CYS A 1084 -13.86 -18.72 47.16
CA CYS A 1084 -14.19 -18.20 48.48
C CYS A 1084 -15.18 -17.05 48.46
N MET A 1085 -15.54 -16.54 47.27
CA MET A 1085 -16.38 -15.35 47.20
C MET A 1085 -17.67 -15.52 47.97
N ALA A 1086 -18.13 -16.75 48.15
CA ALA A 1086 -19.26 -17.00 49.03
C ALA A 1086 -18.95 -16.57 50.46
N LYS A 1087 -17.68 -16.64 50.85
CA LYS A 1087 -17.26 -16.36 52.22
C LYS A 1087 -16.46 -15.09 52.37
N ALA A 1088 -15.77 -14.66 51.32
CA ALA A 1088 -14.87 -13.51 51.44
C ALA A 1088 -15.63 -12.21 51.60
N TYR A 1089 -16.80 -12.08 50.96
CA TYR A 1089 -17.55 -10.85 50.95
C TYR A 1089 -18.92 -11.04 51.61
N PRO A 1090 -19.49 -9.98 52.20
CA PRO A 1090 -18.98 -8.60 52.26
C PRO A 1090 -18.08 -8.35 53.47
N GLN A 1091 -17.37 -9.39 53.91
CA GLN A 1091 -16.51 -9.23 55.09
C GLN A 1091 -15.35 -8.28 54.81
N TYR A 1092 -14.71 -8.42 53.64
CA TYR A 1092 -13.59 -7.56 53.27
C TYR A 1092 -13.99 -6.48 52.26
N TYR A 1093 -15.29 -6.21 52.13
CA TYR A 1093 -15.73 -5.08 51.32
C TYR A 1093 -15.27 -3.77 51.94
N ARG A 1094 -14.74 -2.89 51.09
CA ARG A 1094 -14.49 -1.50 51.44
C ARG A 1094 -15.32 -0.62 50.55
N LYS A 1095 -15.74 0.53 51.07
CA LYS A 1095 -16.50 1.46 50.25
C LYS A 1095 -15.61 2.00 49.13
N PRO A 1096 -16.10 2.03 47.88
CA PRO A 1096 -15.25 2.46 46.77
C PRO A 1096 -14.74 3.88 46.96
N SER A 1097 -13.44 4.06 46.76
CA SER A 1097 -12.75 5.33 46.92
C SER A 1097 -12.08 5.72 45.62
N VAL A 1098 -11.41 6.88 45.63
CA VAL A 1098 -10.73 7.44 44.46
C VAL A 1098 -9.35 7.88 44.89
N VAL A 1099 -8.32 7.23 44.36
CA VAL A 1099 -6.94 7.61 44.68
C VAL A 1099 -6.54 8.85 43.89
N LYS A 1100 -6.74 8.82 42.57
CA LYS A 1100 -6.47 9.95 41.69
C LYS A 1100 -7.79 10.49 41.16
N ARG A 1101 -8.10 11.73 41.53
CA ARG A 1101 -9.38 12.33 41.15
C ARG A 1101 -9.37 12.72 39.67
N MET A 1102 -10.44 13.37 39.23
CA MET A 1102 -10.71 13.65 37.83
C MET A 1102 -10.34 15.08 37.47
N PRO A 1103 -10.08 15.34 36.17
CA PRO A 1103 -10.07 16.72 35.67
C PRO A 1103 -11.40 17.07 35.03
N ALA A 1104 -11.38 17.98 34.06
CA ALA A 1104 -12.56 18.32 33.29
C ALA A 1104 -12.24 18.22 31.80
N MET A 1105 -13.29 18.11 31.00
CA MET A 1105 -13.14 17.97 29.56
C MET A 1105 -12.41 19.16 28.96
N LEU A 1106 -12.07 19.04 27.68
CA LEU A 1106 -11.50 20.15 26.93
C LEU A 1106 -11.73 19.99 25.42
N THR A 1107 -12.99 19.96 25.00
CA THR A 1107 -13.31 19.89 23.57
C THR A 1107 -12.87 21.16 22.84
N GLY A 1108 -11.66 21.14 22.30
CA GLY A 1108 -11.07 22.27 21.61
C GLY A 1108 -9.58 22.06 21.49
N LEU A 1109 -9.13 21.72 20.28
CA LEU A 1109 -7.86 21.00 20.13
C LEU A 1109 -6.68 21.82 20.64
N CYS A 1110 -5.68 21.09 21.12
CA CYS A 1110 -4.43 21.70 21.53
C CYS A 1110 -3.73 22.33 20.34
N GLN A 1111 -2.86 23.30 20.62
CA GLN A 1111 -2.00 23.89 19.59
C GLN A 1111 -0.72 23.06 19.52
N GLY A 1112 -0.61 22.28 18.46
CA GLY A 1112 0.51 21.36 18.29
C GLY A 1112 0.05 19.95 18.00
N CYS A 1113 -1.26 19.71 18.14
CA CYS A 1113 -1.80 18.37 17.96
C CYS A 1113 -1.78 17.95 16.49
N GLY A 1114 -1.18 16.79 16.19
CA GLY A 1114 -1.15 16.32 14.82
C GLY A 1114 0.24 16.15 14.21
N THR A 1115 0.32 15.96 12.89
CA THR A 1115 1.60 15.88 12.22
C THR A 1115 1.93 17.22 11.56
N ARG A 1116 3.22 17.55 11.55
CA ARG A 1116 3.62 18.84 10.96
C ARG A 1116 3.39 18.85 9.46
N GLN A 1117 3.72 17.74 8.79
CA GLN A 1117 3.66 17.68 7.33
C GLN A 1117 2.22 17.55 6.86
N VAL A 1118 1.87 18.35 5.84
CA VAL A 1118 0.52 18.34 5.29
C VAL A 1118 0.33 17.32 4.17
N VAL A 1119 1.40 16.92 3.49
CA VAL A 1119 1.29 16.04 2.33
C VAL A 1119 2.47 15.09 2.32
N PHE A 1120 2.20 13.82 2.01
CA PHE A 1120 3.21 12.76 2.02
C PHE A 1120 3.38 12.22 0.62
N THR A 1121 4.49 12.56 -0.02
CA THR A 1121 4.77 12.10 -1.37
C THR A 1121 6.08 11.31 -1.40
N SER A 1122 6.24 10.51 -2.45
CA SER A 1122 7.45 9.72 -2.62
C SER A 1122 8.57 10.49 -3.30
N ASP A 1123 8.35 11.77 -3.61
CA ASP A 1123 9.41 12.68 -4.06
C ASP A 1123 9.48 13.81 -3.03
N PRO A 1124 9.97 13.52 -1.83
CA PRO A 1124 9.91 14.52 -0.75
C PRO A 1124 10.69 15.78 -1.07
N HIS A 1125 11.57 15.77 -2.08
CA HIS A 1125 12.34 16.97 -2.39
C HIS A 1125 11.47 18.04 -3.03
N LYS A 1126 10.57 17.65 -3.93
CA LYS A 1126 9.61 18.59 -4.50
C LYS A 1126 8.56 18.95 -3.45
N SER A 1127 8.35 20.24 -3.24
CA SER A 1127 7.36 20.72 -2.29
C SER A 1127 6.00 20.77 -2.97
N TYR A 1128 4.99 20.22 -2.30
CA TYR A 1128 3.64 20.19 -2.86
C TYR A 1128 2.72 21.09 -2.04
N LEU A 1129 1.96 21.93 -2.73
CA LEU A 1129 1.12 22.93 -2.09
C LEU A 1129 -0.30 22.38 -1.96
N PRO A 1130 -0.75 22.01 -0.76
CA PRO A 1130 -2.14 21.55 -0.61
C PRO A 1130 -3.10 22.73 -0.77
N VAL A 1131 -4.04 22.57 -1.70
CA VAL A 1131 -5.10 23.56 -1.91
C VAL A 1131 -6.44 22.84 -1.79
N GLN A 1132 -7.39 23.50 -1.13
CA GLN A 1132 -8.68 22.88 -0.85
C GLN A 1132 -9.78 23.93 -0.92
N PHE A 1133 -10.86 23.60 -1.62
CA PHE A 1133 -11.97 24.50 -1.82
C PHE A 1133 -13.21 24.02 -1.07
N GLN A 1134 -14.10 24.95 -0.76
CA GLN A 1134 -15.41 24.63 -0.20
C GLN A 1134 -16.43 25.59 -0.80
N SER A 1135 -17.26 25.09 -1.71
CA SER A 1135 -18.30 25.87 -2.36
C SER A 1135 -19.66 25.29 -2.00
N PRO A 1136 -20.38 25.88 -1.04
CA PRO A 1136 -21.62 25.27 -0.56
C PRO A 1136 -22.74 25.26 -1.59
N ASP A 1137 -23.90 24.73 -1.21
CA ASP A 1137 -25.05 24.71 -2.10
C ASP A 1137 -26.10 25.71 -1.60
N LYS A 1138 -27.35 25.55 -2.05
CA LYS A 1138 -28.39 26.50 -1.70
C LYS A 1138 -28.80 26.37 -0.23
N ALA A 1139 -29.07 25.13 0.21
CA ALA A 1139 -29.41 24.91 1.61
C ALA A 1139 -28.28 25.33 2.56
N GLU A 1140 -27.03 25.33 2.10
CA GLU A 1140 -25.91 25.75 2.93
C GLU A 1140 -25.63 27.24 2.83
N THR A 1141 -25.89 27.86 1.69
CA THR A 1141 -25.78 29.31 1.61
C THR A 1141 -26.85 30.01 2.46
N GLN A 1142 -28.05 29.42 2.51
CA GLN A 1142 -29.07 29.91 3.44
C GLN A 1142 -28.62 29.71 4.89
N ARG A 1143 -28.18 28.50 5.23
CA ARG A 1143 -27.71 28.22 6.58
C ARG A 1143 -26.47 29.04 6.96
N GLY A 1144 -25.79 29.66 5.99
CA GLY A 1144 -24.74 30.61 6.26
C GLY A 1144 -23.32 30.12 6.06
N ASP A 1145 -23.14 28.85 5.72
CA ASP A 1145 -21.80 28.32 5.52
C ASP A 1145 -21.07 29.14 4.45
N PRO A 1146 -19.81 29.47 4.67
CA PRO A 1146 -19.09 30.34 3.73
C PRO A 1146 -18.49 29.56 2.58
N SER A 1147 -18.01 30.32 1.59
CA SER A 1147 -17.16 29.78 0.54
C SER A 1147 -15.72 30.02 0.96
N VAL A 1148 -14.91 28.96 0.92
CA VAL A 1148 -13.55 29.00 1.47
C VAL A 1148 -12.57 28.40 0.47
N ILE A 1149 -11.42 29.06 0.32
CA ILE A 1149 -10.27 28.50 -0.40
C ILE A 1149 -9.17 28.30 0.63
N SER A 1150 -8.79 27.06 0.87
CA SER A 1150 -7.76 26.70 1.83
C SER A 1150 -6.43 26.49 1.10
N VAL A 1151 -5.36 27.07 1.63
CA VAL A 1151 -4.02 26.95 1.05
C VAL A 1151 -3.08 26.58 2.18
N ASN A 1152 -2.60 25.33 2.19
CA ASN A 1152 -1.67 24.82 3.20
C ASN A 1152 -2.23 25.00 4.61
N GLY A 1153 -3.54 25.11 4.72
CA GLY A 1153 -4.19 25.35 6.00
C GLY A 1153 -4.57 26.79 6.26
N THR A 1154 -4.80 27.60 5.23
CA THR A 1154 -5.16 29.01 5.39
C THR A 1154 -6.56 29.22 4.83
N ASP A 1155 -7.53 29.50 5.70
CA ASP A 1155 -8.91 29.65 5.29
C ASP A 1155 -9.14 31.09 4.84
N PHE A 1156 -9.02 31.31 3.54
CA PHE A 1156 -9.35 32.61 2.94
C PHE A 1156 -10.86 32.64 2.75
N THR A 1157 -11.56 33.13 3.77
CA THR A 1157 -13.00 33.06 3.81
C THR A 1157 -13.63 34.21 3.04
N PHE A 1158 -14.74 33.92 2.36
CA PHE A 1158 -15.57 34.95 1.75
C PHE A 1158 -16.98 34.39 1.61
N ARG A 1159 -17.97 35.23 1.90
CA ARG A 1159 -19.37 34.83 1.87
C ARG A 1159 -20.24 35.67 0.95
N SER A 1160 -19.70 36.73 0.35
CA SER A 1160 -20.45 37.54 -0.59
C SER A 1160 -20.67 36.79 -1.90
N ALA A 1161 -21.79 37.10 -2.56
CA ALA A 1161 -22.02 36.59 -3.90
C ALA A 1161 -20.94 37.15 -4.83
N GLY A 1162 -20.16 36.27 -5.45
CA GLY A 1162 -19.11 36.73 -6.33
C GLY A 1162 -17.97 35.76 -6.53
N VAL A 1163 -16.76 36.29 -6.69
CA VAL A 1163 -15.58 35.52 -7.06
C VAL A 1163 -14.44 35.86 -6.12
N LEU A 1164 -13.73 34.83 -5.63
CA LEU A 1164 -12.51 35.00 -4.86
C LEU A 1164 -11.34 34.51 -5.70
N LEU A 1165 -10.37 35.39 -5.94
CA LEU A 1165 -9.21 35.09 -6.76
C LEU A 1165 -7.94 35.23 -5.93
N LEU A 1166 -7.15 34.16 -5.90
CA LEU A 1166 -5.89 34.14 -5.16
C LEU A 1166 -4.74 34.04 -6.15
N VAL A 1167 -3.77 34.93 -6.01
CA VAL A 1167 -2.53 34.88 -6.79
C VAL A 1167 -1.43 34.34 -5.88
N VAL A 1168 -0.92 33.16 -6.20
CA VAL A 1168 0.13 32.53 -5.41
C VAL A 1168 1.42 32.51 -6.21
N ASP A 1169 2.50 32.98 -5.60
CA ASP A 1169 3.81 32.88 -6.22
C ASP A 1169 4.22 31.42 -6.29
N PRO A 1170 4.59 30.91 -7.48
CA PRO A 1170 4.90 29.47 -7.58
C PRO A 1170 6.30 29.09 -7.14
N CYS A 1171 7.17 30.06 -6.83
CA CYS A 1171 8.53 29.75 -6.42
C CYS A 1171 8.74 29.77 -4.91
N SER A 1172 7.80 30.30 -4.15
CA SER A 1172 7.98 30.43 -2.70
C SER A 1172 7.59 29.14 -1.98
N VAL A 1173 8.49 28.63 -1.15
CA VAL A 1173 8.21 27.55 -0.22
C VAL A 1173 8.71 27.98 1.15
N PRO A 1174 7.84 28.17 2.15
CA PRO A 1174 6.38 28.03 2.03
C PRO A 1174 5.74 29.10 1.15
N PHE A 1175 4.57 28.79 0.59
CA PHE A 1175 3.95 29.64 -0.42
C PHE A 1175 3.89 31.09 0.03
N ARG A 1176 4.06 32.00 -0.92
CA ARG A 1176 3.85 33.42 -0.70
C ARG A 1176 2.70 33.86 -1.61
N LEU A 1177 1.53 34.07 -1.03
CA LEU A 1177 0.39 34.56 -1.79
C LEU A 1177 0.57 36.06 -2.01
N THR A 1178 0.69 36.46 -3.27
CA THR A 1178 1.03 37.84 -3.60
C THR A 1178 -0.16 38.77 -3.66
N GLU A 1179 -1.35 38.26 -3.99
CA GLU A 1179 -2.56 39.07 -4.07
C GLU A 1179 -3.78 38.20 -3.81
N LYS A 1180 -4.59 38.57 -2.84
CA LYS A 1180 -5.93 38.02 -2.66
C LYS A 1180 -6.93 39.06 -3.09
N THR A 1181 -7.87 38.68 -3.96
CA THR A 1181 -8.87 39.62 -4.44
C THR A 1181 -10.24 38.95 -4.45
N VAL A 1182 -11.26 39.71 -4.07
CA VAL A 1182 -12.64 39.24 -4.06
C VAL A 1182 -13.47 40.18 -4.91
N PHE A 1183 -14.17 39.64 -5.91
CA PHE A 1183 -15.01 40.44 -6.80
C PHE A 1183 -16.48 40.26 -6.44
N PRO A 1184 -17.21 41.31 -6.09
CA PRO A 1184 -18.64 41.15 -5.77
C PRO A 1184 -19.46 40.87 -7.01
N LEU A 1185 -20.76 40.64 -6.84
CA LEU A 1185 -21.63 40.41 -7.99
C LEU A 1185 -21.71 41.64 -8.89
N ALA A 1186 -21.58 42.83 -8.30
CA ALA A 1186 -21.64 44.06 -9.09
C ALA A 1186 -20.44 44.19 -10.02
N ASP A 1187 -19.23 44.15 -9.46
CA ASP A 1187 -18.01 44.33 -10.24
C ASP A 1187 -17.53 43.03 -10.87
N VAL A 1188 -18.46 42.10 -11.14
CA VAL A 1188 -18.11 40.91 -11.90
C VAL A 1188 -17.54 41.29 -13.26
N SER A 1189 -18.04 42.38 -13.84
CA SER A 1189 -17.54 42.86 -15.12
C SER A 1189 -16.05 43.25 -15.07
N ARG A 1190 -15.53 43.58 -13.89
CA ARG A 1190 -14.14 44.02 -13.77
C ARG A 1190 -13.15 42.87 -13.71
N ILE A 1191 -13.61 41.62 -13.66
CA ILE A 1191 -12.68 40.50 -13.62
C ILE A 1191 -12.14 40.18 -15.00
N GLU A 1192 -12.89 40.51 -16.06
CA GLU A 1192 -12.36 40.39 -17.42
C GLU A 1192 -11.05 41.14 -17.55
N GLU A 1193 -11.01 42.38 -17.07
CA GLU A 1193 -9.82 43.22 -17.23
C GLU A 1193 -8.66 42.69 -16.39
N TYR A 1194 -8.90 42.39 -15.12
CA TYR A 1194 -7.83 41.99 -14.22
C TYR A 1194 -7.17 40.70 -14.68
N LEU A 1195 -7.95 39.78 -15.24
CA LEU A 1195 -7.38 38.53 -15.75
C LEU A 1195 -6.50 38.79 -16.97
N LYS A 1196 -6.94 39.67 -17.87
CA LYS A 1196 -6.17 39.96 -19.08
C LYS A 1196 -4.81 40.55 -18.77
N THR A 1197 -4.69 41.32 -17.68
CA THR A 1197 -3.45 42.06 -17.44
C THR A 1197 -2.94 41.96 -16.01
N GLY A 1198 -3.83 42.10 -15.02
CA GLY A 1198 -3.46 42.20 -13.61
C GLY A 1198 -2.70 41.01 -13.05
N ILE A 1199 -2.72 39.86 -13.71
CA ILE A 1199 -2.02 38.68 -13.24
C ILE A 1199 -0.54 38.81 -13.57
N PRO A 1200 0.35 38.86 -12.57
CA PRO A 1200 1.78 38.90 -12.85
C PRO A 1200 2.21 37.68 -13.63
N PRO A 1201 3.25 37.79 -14.46
CA PRO A 1201 3.74 36.61 -15.16
C PRO A 1201 4.27 35.58 -14.16
N ARG A 1202 4.02 34.31 -14.45
CA ARG A 1202 4.41 33.20 -13.57
C ARG A 1202 3.78 33.38 -12.18
N SER A 1203 2.48 33.13 -12.15
CA SER A 1203 1.69 33.33 -10.94
C SER A 1203 0.52 32.34 -10.95
N ILE A 1204 0.42 31.55 -9.88
CA ILE A 1204 -0.61 30.52 -9.79
C ILE A 1204 -1.95 31.17 -9.49
N VAL A 1205 -2.96 30.82 -10.27
CA VAL A 1205 -4.29 31.41 -10.17
C VAL A 1205 -5.21 30.42 -9.45
N LEU A 1206 -5.79 30.86 -8.34
CA LEU A 1206 -6.79 30.11 -7.60
C LEU A 1206 -8.07 30.93 -7.55
N LEU A 1207 -9.20 30.32 -7.93
CA LEU A 1207 -10.42 31.09 -8.17
C LEU A 1207 -11.63 30.21 -7.90
N SER A 1208 -12.53 30.69 -7.02
CA SER A 1208 -13.79 30.00 -6.74
C SER A 1208 -14.89 31.05 -6.60
N THR A 1209 -16.08 30.71 -7.08
CA THR A 1209 -17.20 31.64 -7.07
C THR A 1209 -18.19 31.26 -5.96
N ARG A 1210 -19.23 32.08 -5.82
CA ARG A 1210 -20.29 31.84 -4.86
C ARG A 1210 -21.55 32.54 -5.32
N GLY A 1211 -22.65 31.80 -5.38
CA GLY A 1211 -23.95 32.37 -5.74
C GLY A 1211 -24.20 32.38 -7.23
N GLU A 1212 -25.40 32.88 -7.56
CA GLU A 1212 -25.83 33.00 -8.95
C GLU A 1212 -25.00 34.06 -9.66
N ILE A 1213 -24.07 33.64 -10.52
CA ILE A 1213 -23.30 34.56 -11.32
C ILE A 1213 -23.76 34.39 -12.76
N LYS A 1214 -24.58 35.32 -13.24
CA LYS A 1214 -25.14 35.23 -14.58
C LYS A 1214 -24.15 35.81 -15.59
N GLN A 1215 -24.08 35.17 -16.76
CA GLN A 1215 -23.25 35.61 -17.87
C GLN A 1215 -21.82 35.89 -17.43
N LEU A 1216 -21.00 34.85 -17.35
CA LEU A 1216 -19.58 34.99 -17.03
C LEU A 1216 -18.82 34.94 -18.35
N ASN A 1217 -18.68 36.11 -19.00
CA ASN A 1217 -18.05 36.20 -20.31
C ASN A 1217 -16.56 35.95 -20.23
N ILE A 1218 -16.17 34.94 -19.45
CA ILE A 1218 -14.78 34.55 -19.24
C ILE A 1218 -14.49 33.18 -19.83
N SER A 1219 -15.45 32.59 -20.54
CA SER A 1219 -15.26 31.25 -21.09
C SER A 1219 -13.98 31.16 -21.89
N HIS A 1220 -13.62 32.23 -22.59
CA HIS A 1220 -12.42 32.24 -23.43
C HIS A 1220 -11.17 32.68 -22.67
N LEU A 1221 -11.32 33.42 -21.58
CA LEU A 1221 -10.17 33.98 -20.87
C LEU A 1221 -9.38 32.94 -20.08
N LEU A 1222 -9.82 31.68 -20.04
CA LEU A 1222 -9.16 30.67 -19.23
C LEU A 1222 -8.07 29.91 -19.97
N VAL A 1223 -8.00 30.02 -21.29
CA VAL A 1223 -7.14 29.18 -22.12
C VAL A 1223 -5.66 29.48 -21.93
N PRO A 1224 -5.20 30.75 -21.90
CA PRO A 1224 -3.77 30.98 -21.67
C PRO A 1224 -3.28 30.51 -20.32
N LEU A 1225 -4.18 30.35 -19.36
CA LEU A 1225 -3.82 29.83 -18.04
C LEU A 1225 -3.73 28.31 -18.01
N GLY A 1226 -4.17 27.63 -19.07
CA GLY A 1226 -3.99 26.19 -19.12
C GLY A 1226 -4.96 25.43 -20.00
N LEU A 1227 -6.22 25.87 -20.05
CA LEU A 1227 -7.27 25.10 -20.71
C LEU A 1227 -6.97 24.94 -22.20
N ALA A 1228 -7.68 24.00 -22.83
CA ALA A 1228 -7.52 23.71 -24.25
C ALA A 1228 -8.51 24.46 -25.13
N LYS A 1229 -9.76 24.57 -24.69
CA LYS A 1229 -10.80 25.23 -25.45
C LYS A 1229 -11.73 25.94 -24.48
N PRO A 1230 -12.31 27.08 -24.87
CA PRO A 1230 -13.24 27.78 -23.97
C PRO A 1230 -14.40 26.91 -23.51
N ALA A 1231 -14.15 26.10 -22.48
CA ALA A 1231 -15.17 25.23 -21.91
C ALA A 1231 -16.39 26.05 -21.47
N HIS A 1232 -17.49 25.36 -21.25
CA HIS A 1232 -18.76 26.03 -20.95
C HIS A 1232 -19.16 25.80 -19.51
N LEU A 1233 -18.93 26.82 -18.68
CA LEU A 1233 -19.51 26.87 -17.35
C LEU A 1233 -20.99 27.19 -17.42
N TYR A 1234 -21.33 28.37 -17.94
CA TYR A 1234 -22.67 28.83 -18.25
C TYR A 1234 -23.61 28.85 -17.04
N ASP A 1235 -24.85 29.31 -17.29
CA ASP A 1235 -25.92 29.39 -16.30
C ASP A 1235 -25.54 30.29 -15.14
N LYS A 1236 -25.96 29.92 -13.94
CA LYS A 1236 -25.66 30.66 -12.71
C LYS A 1236 -24.91 29.79 -11.71
N GLY A 1237 -24.35 28.67 -12.16
CA GLY A 1237 -23.68 27.76 -11.24
C GLY A 1237 -22.30 28.22 -10.84
N SER A 1238 -21.89 27.82 -9.64
CA SER A 1238 -20.56 28.12 -9.16
C SER A 1238 -19.52 27.38 -10.00
N THR A 1239 -18.29 27.90 -9.97
CA THR A 1239 -17.19 27.31 -10.71
C THR A 1239 -15.91 27.47 -9.89
N ILE A 1240 -14.95 26.58 -10.15
CA ILE A 1240 -13.69 26.56 -9.43
C ILE A 1240 -12.58 26.21 -10.42
N PHE A 1241 -11.50 26.99 -10.41
CA PHE A 1241 -10.46 26.84 -11.43
C PHE A 1241 -9.09 27.10 -10.84
N LEU A 1242 -8.11 26.32 -11.32
CA LEU A 1242 -6.72 26.44 -10.91
C LEU A 1242 -5.87 26.54 -12.18
N GLY A 1243 -5.12 27.64 -12.32
CA GLY A 1243 -4.39 27.85 -13.55
C GLY A 1243 -3.02 28.50 -13.37
N PHE A 1244 -2.37 28.86 -14.49
CA PHE A 1244 -1.02 29.40 -14.44
C PHE A 1244 -0.79 30.39 -15.57
N SER A 1245 -0.34 31.59 -15.22
CA SER A 1245 -0.07 32.65 -16.19
C SER A 1245 1.39 32.55 -16.64
N GLY A 1246 1.63 31.82 -17.72
CA GLY A 1246 2.99 31.67 -18.22
C GLY A 1246 3.03 30.78 -19.44
N ASN A 1247 4.24 30.65 -20.00
CA ASN A 1247 4.43 29.87 -21.22
C ASN A 1247 4.05 28.41 -21.01
N PHE A 1248 4.57 27.80 -19.96
CA PHE A 1248 4.28 26.41 -19.67
C PHE A 1248 2.78 26.23 -19.41
N LYS A 1249 2.30 25.00 -19.64
CA LYS A 1249 0.92 24.63 -19.36
C LYS A 1249 0.93 23.35 -18.54
N PRO A 1250 0.76 23.45 -17.22
CA PRO A 1250 0.91 22.27 -16.36
C PRO A 1250 -0.23 21.29 -16.55
N SER A 1251 -0.05 20.11 -15.96
CA SER A 1251 -1.03 19.04 -16.03
C SER A 1251 -2.10 19.13 -14.95
N TRP A 1252 -1.85 19.88 -13.87
CA TRP A 1252 -2.82 19.98 -12.78
C TRP A 1252 -3.93 20.99 -13.05
N THR A 1253 -3.81 21.82 -14.08
CA THR A 1253 -4.87 22.77 -14.42
C THR A 1253 -6.18 22.04 -14.63
N LYS A 1254 -7.23 22.50 -13.96
CA LYS A 1254 -8.52 21.82 -14.03
C LYS A 1254 -9.64 22.84 -13.85
N LEU A 1255 -10.87 22.36 -14.04
CA LEU A 1255 -12.07 23.20 -13.97
C LEU A 1255 -13.24 22.34 -13.51
N PHE A 1256 -14.09 22.92 -12.67
CA PHE A 1256 -15.25 22.22 -12.13
C PHE A 1256 -16.50 23.07 -12.33
N THR A 1257 -17.37 22.64 -13.22
CA THR A 1257 -18.64 23.33 -13.47
C THR A 1257 -19.79 22.56 -12.83
N SER A 1258 -20.87 23.27 -12.56
CA SER A 1258 -22.05 22.68 -11.95
C SER A 1258 -23.23 23.61 -12.20
N PRO A 1259 -24.45 23.10 -12.17
CA PRO A 1259 -25.63 23.98 -12.18
C PRO A 1259 -25.73 24.78 -10.90
N ALA A 1260 -26.51 25.86 -10.96
CA ALA A 1260 -26.67 26.78 -9.84
C ALA A 1260 -27.36 26.09 -8.66
N GLY A 1261 -27.12 26.62 -7.45
CA GLY A 1261 -27.68 26.07 -6.25
C GLY A 1261 -27.24 24.67 -5.87
N GLN A 1262 -26.60 23.93 -6.78
CA GLN A 1262 -26.06 22.62 -6.42
C GLN A 1262 -24.66 22.72 -5.84
N GLY A 1263 -23.89 23.74 -6.23
CA GLY A 1263 -22.57 23.92 -5.66
C GLY A 1263 -21.57 22.89 -6.16
N LEU A 1264 -20.45 22.82 -5.44
CA LEU A 1264 -19.38 21.89 -5.77
C LEU A 1264 -18.87 21.09 -4.57
N GLY A 1265 -19.24 21.45 -3.35
CA GLY A 1265 -19.01 20.61 -2.18
C GLY A 1265 -17.63 20.85 -1.57
N VAL A 1266 -16.80 19.80 -1.55
CA VAL A 1266 -15.45 19.86 -1.01
C VAL A 1266 -14.55 19.04 -1.93
N LEU A 1267 -13.61 19.70 -2.59
CA LEU A 1267 -12.61 19.05 -3.42
C LEU A 1267 -11.23 19.41 -2.92
N GLU A 1268 -10.21 18.76 -3.49
CA GLU A 1268 -8.85 18.91 -2.97
C GLU A 1268 -7.86 18.62 -4.08
N GLN A 1269 -6.97 19.58 -4.33
CA GLN A 1269 -5.92 19.45 -5.33
C GLN A 1269 -4.56 19.67 -4.68
N PHE A 1270 -3.52 19.23 -5.38
CA PHE A 1270 -2.15 19.38 -4.91
C PHE A 1270 -1.31 19.93 -6.05
N ILE A 1271 -0.68 21.08 -5.81
CA ILE A 1271 0.08 21.80 -6.83
C ILE A 1271 1.56 21.72 -6.45
N PRO A 1272 2.41 21.19 -7.32
CA PRO A 1272 3.84 21.21 -7.03
C PRO A 1272 4.42 22.59 -7.24
N LEU A 1273 5.42 22.92 -6.44
CA LEU A 1273 6.08 24.22 -6.51
C LEU A 1273 7.57 23.99 -6.75
N GLN A 1274 8.24 25.09 -7.10
CA GLN A 1274 9.67 25.10 -7.38
C GLN A 1274 10.02 24.11 -8.50
N LEU A 1275 9.32 24.25 -9.62
CA LEU A 1275 9.60 23.49 -10.83
C LEU A 1275 10.25 24.41 -11.86
N ASP A 1276 11.25 23.90 -12.56
CA ASP A 1276 11.91 24.69 -13.60
C ASP A 1276 11.03 24.92 -14.81
N GLU A 1277 9.91 24.20 -14.93
CA GLU A 1277 8.94 24.53 -15.98
C GLU A 1277 8.28 25.87 -15.71
N TYR A 1278 8.19 26.27 -14.45
CA TYR A 1278 7.52 27.52 -14.09
C TYR A 1278 8.36 28.74 -14.44
N GLY A 1279 9.67 28.60 -14.51
CA GLY A 1279 10.55 29.73 -14.71
C GLY A 1279 11.17 30.28 -13.45
N CYS A 1280 11.40 29.42 -12.40
CA CYS A 1280 12.01 29.83 -11.15
C CYS A 1280 13.51 29.53 -11.16
N PRO A 1281 14.33 30.34 -10.50
CA PRO A 1281 15.75 30.02 -10.38
C PRO A 1281 15.97 28.85 -9.44
N ARG A 1282 17.15 28.26 -9.54
CA ARG A 1282 17.59 27.21 -8.63
C ARG A 1282 18.43 27.87 -7.54
N ALA A 1283 17.79 28.18 -6.41
CA ALA A 1283 18.47 28.87 -5.31
C ALA A 1283 19.71 28.11 -4.86
N THR A 1284 19.50 26.91 -4.33
CA THR A 1284 20.58 25.96 -4.09
C THR A 1284 20.28 24.68 -4.89
N THR A 1285 21.11 23.67 -4.70
CA THR A 1285 20.87 22.36 -5.30
C THR A 1285 19.84 21.61 -4.45
N VAL A 1286 18.84 21.04 -5.12
CA VAL A 1286 17.71 20.42 -4.41
C VAL A 1286 18.23 19.24 -3.59
N ARG A 1287 18.18 19.37 -2.27
CA ARG A 1287 18.71 18.37 -1.35
C ARG A 1287 17.95 17.06 -1.40
N ARG A 1288 18.33 16.18 -2.35
CA ARG A 1288 17.77 14.84 -2.42
C ARG A 1288 18.32 14.02 -1.24
N ARG A 1289 17.53 13.92 -0.18
CA ARG A 1289 17.96 13.14 0.98
C ARG A 1289 18.14 11.67 0.62
N ASP A 1290 17.38 11.19 -0.36
CA ASP A 1290 17.52 9.80 -0.80
C ASP A 1290 18.91 9.55 -1.39
N LEU A 1291 19.35 10.43 -2.30
CA LEU A 1291 20.66 10.26 -2.92
C LEU A 1291 21.79 10.42 -1.92
N GLU A 1292 21.57 11.16 -0.84
CA GLU A 1292 22.58 11.24 0.22
C GLU A 1292 22.72 9.92 0.94
N LEU A 1293 21.61 9.22 1.16
CA LEU A 1293 21.67 7.86 1.68
C LEU A 1293 22.24 6.87 0.66
N LEU A 1294 22.21 7.23 -0.63
CA LEU A 1294 22.80 6.36 -1.65
C LEU A 1294 24.32 6.40 -1.60
N LYS A 1295 24.90 7.59 -1.44
CA LYS A 1295 26.35 7.74 -1.41
C LYS A 1295 26.94 7.41 -0.04
N GLN A 1296 26.13 7.45 1.02
CA GLN A 1296 26.62 7.11 2.34
C GLN A 1296 26.75 5.60 2.52
N ALA A 1297 25.73 4.85 2.11
CA ALA A 1297 25.77 3.40 2.22
C ALA A 1297 26.66 2.75 1.18
N SER A 1298 27.26 3.53 0.27
CA SER A 1298 28.16 2.96 -0.72
C SER A 1298 29.47 2.53 -0.07
N LYS A 1299 30.12 3.45 0.64
CA LYS A 1299 31.43 3.18 1.22
C LYS A 1299 31.41 3.38 2.73
C1 NAG B . 3.10 24.45 4.48
C2 NAG B . 4.49 24.88 4.04
C3 NAG B . 5.56 23.94 4.63
C4 NAG B . 5.39 23.80 6.14
C5 NAG B . 3.93 23.56 6.54
C6 NAG B . 3.70 23.74 8.02
C7 NAG B . 4.52 24.15 1.62
C8 NAG B . 4.17 22.74 2.01
N2 NAG B . 4.64 25.06 2.60
O3 NAG B . 6.84 24.45 4.32
O4 NAG B . 6.17 22.69 6.57
O5 NAG B . 3.03 24.46 5.89
O6 NAG B . 4.27 22.68 8.77
O7 NAG B . 4.69 24.45 0.45
C1 NAG B . 7.18 23.05 7.54
C2 NAG B . 8.45 22.22 7.26
C3 NAG B . 9.57 22.63 8.23
C4 NAG B . 9.80 24.13 8.16
C5 NAG B . 8.49 24.86 8.46
C6 NAG B . 8.61 26.36 8.38
C7 NAG B . 8.68 19.88 6.52
C8 NAG B . 9.53 20.40 5.40
N2 NAG B . 8.19 20.79 7.37
O3 NAG B . 10.76 21.92 7.89
O4 NAG B . 10.78 24.56 9.09
O5 NAG B . 7.51 24.47 7.49
O6 NAG B . 9.32 26.89 9.50
O7 NAG B . 8.43 18.68 6.64
C1 BMA B . 12.01 24.78 8.35
C2 BMA B . 12.57 26.19 8.66
C3 BMA B . 13.89 26.39 7.91
C4 BMA B . 14.87 25.21 8.14
C5 BMA B . 14.18 23.83 7.94
C6 BMA B . 15.05 22.66 8.39
O2 BMA B . 12.87 26.32 10.04
O3 BMA B . 14.51 27.61 8.28
O4 BMA B . 15.96 25.31 7.23
O5 BMA B . 12.96 23.80 8.71
O6 BMA B . 15.43 22.85 9.75
C1 MAN B . 14.82 21.82 10.55
C2 MAN B . 13.69 22.46 11.42
C3 MAN B . 14.29 23.32 12.55
C4 MAN B . 15.38 22.56 13.32
C5 MAN B . 16.44 22.06 12.34
C6 MAN B . 17.52 21.27 13.04
O2 MAN B . 12.89 21.46 12.07
O3 MAN B . 13.28 23.75 13.44
O4 MAN B . 15.98 23.43 14.29
O5 MAN B . 15.81 21.19 11.36
O6 MAN B . 18.51 20.95 12.07
C1 NAG C . 4.33 6.32 28.62
C2 NAG C . 5.56 7.03 28.04
C3 NAG C . 6.76 6.98 29.00
C4 NAG C . 6.36 7.38 30.42
C5 NAG C . 5.16 6.55 30.84
C6 NAG C . 4.63 6.90 32.22
C7 NAG C . 6.35 5.18 26.61
C8 NAG C . 6.70 4.76 25.21
N2 NAG C . 5.94 6.45 26.76
O3 NAG C . 7.77 7.85 28.51
O4 NAG C . 7.43 7.12 31.32
O5 NAG C . 4.08 6.79 29.93
O6 NAG C . 3.81 8.05 32.20
O7 NAG C . 6.43 4.41 27.56
C1 NAG C . 7.97 8.33 31.89
C2 NAG C . 8.54 8.00 33.29
C3 NAG C . 9.29 9.21 33.89
C4 NAG C . 10.30 9.76 32.90
C5 NAG C . 9.60 10.10 31.60
C6 NAG C . 10.54 10.63 30.54
C7 NAG C . 6.45 8.03 34.74
C8 NAG C . 6.13 9.44 34.33
N2 NAG C . 7.56 7.44 34.22
O3 NAG C . 9.95 8.80 35.10
O4 NAG C . 10.93 10.92 33.45
O5 NAG C . 9.00 8.92 31.06
O6 NAG C . 9.92 11.64 29.75
O7 NAG C . 5.72 7.41 35.51
C1 NAG D . 22.73 -13.30 35.52
C2 NAG D . 23.58 -13.53 36.77
C3 NAG D . 23.35 -12.40 37.76
C4 NAG D . 23.57 -11.05 37.10
C5 NAG D . 22.82 -10.94 35.76
C6 NAG D . 23.19 -9.71 34.98
C7 NAG D . 24.07 -15.89 37.19
C8 NAG D . 23.63 -17.14 37.89
N2 NAG D . 23.30 -14.82 37.37
O3 NAG D . 24.24 -12.57 38.85
O4 NAG D . 23.07 -10.01 37.93
O5 NAG D . 23.09 -12.07 34.92
O6 NAG D . 24.48 -9.82 34.41
O7 NAG D . 25.09 -15.86 36.50
C1 NAG D . 23.86 -9.53 39.04
C2 NAG D . 25.41 -9.53 38.88
C3 NAG D . 26.07 -8.74 40.01
C4 NAG D . 25.46 -7.35 40.14
C5 NAG D . 23.96 -7.48 40.34
C6 NAG D . 23.26 -6.14 40.42
C7 NAG D . 27.13 -11.18 38.30
C8 NAG D . 27.53 -12.63 38.35
N2 NAG D . 25.95 -10.88 38.84
O3 NAG D . 27.47 -8.70 39.76
O4 NAG D . 26.02 -6.64 41.24
O5 NAG D . 23.39 -8.17 39.22
O6 NAG D . 22.60 -5.98 41.68
O7 NAG D . 27.86 -10.33 37.80
C1 BMA D . 27.26 -6.02 40.82
C2 BMA D . 26.93 -4.73 40.03
C3 BMA D . 28.25 -4.15 39.54
C4 BMA D . 29.32 -4.07 40.66
C5 BMA D . 29.41 -5.37 41.49
C6 BMA D . 30.27 -5.22 42.74
O2 BMA D . 26.34 -3.75 40.88
O3 BMA D . 28.04 -2.88 38.96
O4 BMA D . 30.60 -3.83 40.07
O5 BMA D . 28.10 -5.71 41.93
O6 BMA D . 31.22 -6.29 42.75
C1 MAN D . 32.50 -5.78 42.31
C2 MAN D . 32.92 -6.57 41.03
C3 MAN D . 33.39 -7.97 41.40
C4 MAN D . 34.47 -7.90 42.49
C5 MAN D . 33.93 -7.18 43.72
C6 MAN D . 34.98 -7.03 44.80
O2 MAN D . 34.03 -5.96 40.36
O3 MAN D . 33.86 -8.69 40.27
O4 MAN D . 34.88 -9.21 42.86
O5 MAN D . 33.49 -5.85 43.35
O6 MAN D . 34.31 -6.98 46.05
C1 NAG E . -14.67 7.86 -13.49
C2 NAG E . -15.52 6.61 -13.33
C3 NAG E . -16.94 7.01 -12.88
C4 NAG E . -16.89 7.94 -11.68
C5 NAG E . -15.77 8.99 -11.73
C6 NAG E . -15.46 9.59 -10.38
C7 NAG E . -16.20 6.13 -15.66
C8 NAG E . -16.12 5.12 -16.77
N2 NAG E . -15.57 5.80 -14.53
O3 NAG E . -17.71 5.85 -12.61
O4 NAG E . -18.09 8.70 -11.65
O5 NAG E . -14.52 8.47 -12.24
O6 NAG E . -15.29 8.59 -9.39
O7 NAG E . -16.81 7.18 -15.79
C1 NAG E . -19.25 8.11 -11.04
C2 NAG E . -20.11 9.26 -10.49
C3 NAG E . -21.42 8.73 -9.90
C4 NAG E . -22.14 7.85 -10.92
C5 NAG E . -21.22 6.73 -11.36
C6 NAG E . -21.85 5.82 -12.39
C7 NAG E . -19.80 11.18 -8.95
C8 NAG E . -18.87 11.83 -7.97
N2 NAG E . -19.36 10.04 -9.50
O3 NAG E . -22.25 9.84 -9.56
O4 NAG E . -23.30 7.26 -10.32
O5 NAG E . -20.04 7.29 -11.94
O6 NAG E . -22.35 4.63 -11.79
O7 NAG E . -20.89 11.67 -9.23
C1 BMA E . -24.55 7.92 -10.66
C2 BMA E . -25.46 7.88 -9.38
C3 BMA E . -26.81 8.55 -9.66
C4 BMA E . -26.63 9.93 -10.31
C5 BMA E . -25.70 9.84 -11.54
C6 BMA E . -25.48 11.19 -12.20
O2 BMA E . -24.87 8.59 -8.31
O3 BMA E . -27.58 8.68 -8.47
O4 BMA E . -27.88 10.50 -10.68
O5 BMA E . -24.41 9.27 -11.13
O6 BMA E . -25.28 12.16 -11.19
C1 NAG F . -7.52 -30.67 54.66
C2 NAG F . -7.09 -32.10 54.34
C3 NAG F . -7.91 -32.65 53.17
C4 NAG F . -9.40 -32.48 53.42
C5 NAG F . -9.71 -31.02 53.74
C6 NAG F . -11.15 -30.79 54.11
C7 NAG F . -4.97 -33.29 54.01
C8 NAG F . -3.51 -33.15 53.68
N2 NAG F . -5.67 -32.15 54.03
O3 NAG F . -7.62 -34.04 53.00
O4 NAG F . -10.13 -32.86 52.25
O5 NAG F . -8.93 -30.62 54.88
O6 NAG F . -11.64 -31.79 54.99
O7 NAG F . -5.48 -34.37 54.26
C1 NAG F . -10.87 -34.08 52.51
C2 NAG F . -11.26 -34.70 51.18
C3 NAG F . -12.12 -35.92 51.43
C4 NAG F . -11.32 -36.92 52.25
C5 NAG F . -10.77 -36.29 53.54
C6 NAG F . -9.74 -37.18 54.20
C7 NAG F . -11.88 -33.82 48.98
C8 NAG F . -12.63 -32.78 48.22
N2 NAG F . -11.95 -33.75 50.31
O3 NAG F . -12.53 -36.48 50.19
O4 NAG F . -12.14 -38.04 52.60
O5 NAG F . -10.10 -35.04 53.27
O6 NAG F . -8.52 -37.21 53.46
O7 NAG F . -11.23 -34.69 48.41
C1 BMA F . -11.76 -39.13 51.73
C2 BMA F . -12.40 -40.47 52.22
C3 BMA F . -12.25 -41.59 51.17
C4 BMA F . -12.57 -41.08 49.75
C5 BMA F . -11.74 -39.83 49.44
C6 BMA F . -11.93 -39.30 48.03
O2 BMA F . -13.80 -40.31 52.46
O3 BMA F . -13.05 -42.72 51.49
O4 BMA F . -12.25 -42.09 48.77
O5 BMA F . -12.14 -38.84 50.38
O6 BMA F . -10.64 -38.95 47.53
C1 MAN F . -9.95 -40.19 47.24
C2 MAN F . -8.38 -39.91 47.17
C3 MAN F . -7.86 -39.66 45.74
C4 MAN F . -8.55 -40.55 44.70
C5 MAN F . -10.05 -40.30 44.79
C6 MAN F . -10.84 -41.01 43.70
O2 MAN F . -7.61 -41.01 47.67
O3 MAN F . -6.44 -39.83 45.66
O4 MAN F . -8.06 -40.25 43.39
O5 MAN F . -10.51 -40.80 46.07
O6 MAN F . -10.06 -40.99 42.51
C1 FUC F . -12.79 -31.27 55.68
C2 FUC F . -14.07 -31.63 54.89
C3 FUC F . -14.21 -33.14 54.84
C4 FUC F . -14.40 -33.65 56.25
C5 FUC F . -13.23 -33.21 57.16
C6 FUC F . -13.51 -33.44 58.63
O2 FUC F . -14.14 -31.04 53.60
O3 FUC F . -15.38 -33.49 54.07
O4 FUC F . -15.62 -33.14 56.78
O5 FUC F . -12.89 -31.79 57.01
C1 NAG G . 17.60 -30.18 5.10
C2 NAG G . 18.95 -29.93 5.79
C3 NAG G . 19.87 -29.13 4.86
C4 NAG G . 19.96 -29.75 3.48
C5 NAG G . 18.58 -30.04 2.91
C6 NAG G . 18.59 -30.78 1.60
C7 NAG G . 19.69 -29.14 8.00
C8 NAG G . 19.30 -28.39 9.24
N2 NAG G . 18.76 -29.24 7.05
O3 NAG G . 21.16 -29.04 5.45
O4 NAG G . 20.63 -28.84 2.60
O5 NAG G . 17.81 -30.84 3.84
O6 NAG G . 17.29 -30.83 1.01
O7 NAG G . 20.80 -29.64 7.87
C1 NAG G . 22.05 -29.08 2.36
C2 NAG G . 22.40 -28.50 0.98
C3 NAG G . 23.86 -28.75 0.67
C4 NAG G . 24.75 -28.15 1.75
C5 NAG G . 24.31 -28.67 3.13
C6 NAG G . 25.02 -27.98 4.28
C7 NAG G . 20.43 -28.46 -0.48
C8 NAG G . 19.66 -29.16 -1.56
N2 NAG G . 21.54 -29.07 -0.05
O3 NAG G . 24.18 -28.19 -0.60
O4 NAG G . 26.11 -28.51 1.52
O5 NAG G . 22.91 -28.47 3.35
O6 NAG G . 26.35 -28.45 4.44
O7 NAG G . 20.05 -27.37 -0.03
C1 BMA G . 27.01 -27.42 1.14
C2 BMA G . 28.23 -27.37 2.14
C3 BMA G . 29.31 -26.34 1.71
C4 BMA G . 29.62 -26.48 0.19
C5 BMA G . 28.32 -26.50 -0.65
C6 BMA G . 28.60 -26.74 -2.13
O2 BMA G . 28.88 -28.62 2.20
O3 BMA G . 30.55 -26.48 2.51
O4 BMA G . 30.44 -25.42 -0.25
O5 BMA G . 27.46 -27.55 -0.20
O6 BMA G . 27.45 -27.34 -2.72
C1 MAN G . 31.14 -25.20 2.90
C2 MAN G . 32.66 -25.18 2.51
C3 MAN G . 33.48 -25.97 3.52
C4 MAN G . 33.29 -25.38 4.91
C5 MAN G . 31.82 -25.50 5.31
C6 MAN G . 31.54 -24.80 6.64
O2 MAN G . 33.21 -23.86 2.53
O3 MAN G . 34.86 -25.99 3.20
O4 MAN G . 34.09 -26.10 5.85
O5 MAN G . 30.93 -24.88 4.29
O6 MAN G . 32.29 -23.59 6.70
C1 NAG H . 39.65 -16.47 -4.99
C2 NAG H . 39.74 -17.51 -3.89
C3 NAG H . 40.62 -16.98 -2.75
C4 NAG H . 41.98 -16.53 -3.27
C5 NAG H . 41.85 -15.62 -4.50
C6 NAG H . 43.16 -15.35 -5.20
C7 NAG H . 37.78 -18.97 -3.78
C8 NAG H . 36.43 -19.20 -3.16
N2 NAG H . 38.42 -17.88 -3.39
O3 NAG H . 40.77 -18.00 -1.77
O4 NAG H . 42.60 -15.76 -2.25
O5 NAG H . 40.96 -16.19 -5.49
O6 NAG H . 43.83 -16.54 -5.58
O7 NAG H . 38.26 -19.77 -4.58
C1 NAG H . 43.80 -16.22 -1.52
C2 NAG H . 44.52 -17.51 -1.99
C3 NAG H . 45.85 -17.69 -1.23
C4 NAG H . 46.70 -16.42 -1.27
C5 NAG H . 45.88 -15.24 -0.74
C6 NAG H . 46.63 -13.92 -0.78
C7 NAG H . 43.27 -19.20 -0.69
C8 NAG H . 42.44 -20.46 -0.77
N2 NAG H . 43.70 -18.70 -1.86
O3 NAG H . 46.59 -18.79 -1.74
O4 NAG H . 47.84 -16.60 -0.43
O5 NAG H . 44.72 -15.08 -1.56
O6 NAG H . 47.73 -13.88 0.13
O7 NAG H . 43.52 -18.66 0.38
NI NI I . 22.49 -19.72 -6.04
CL CL J . -8.21 36.52 4.71
C1 NAG K . -21.58 38.91 -22.42
C2 NAG K . -21.88 40.14 -23.28
C3 NAG K . -23.39 40.24 -23.55
C4 NAG K . -23.89 38.94 -24.16
C5 NAG K . -23.51 37.76 -23.25
C6 NAG K . -23.89 36.42 -23.84
C7 NAG K . -21.25 42.52 -23.27
C8 NAG K . -20.75 43.67 -22.45
N2 NAG K . -21.41 41.35 -22.63
O3 NAG K . -23.65 41.31 -24.45
O4 NAG K . -25.31 38.99 -24.32
O5 NAG K . -22.10 37.74 -23.06
O6 NAG K . -24.88 35.76 -23.04
O7 NAG K . -21.50 42.64 -24.47
C1 NAG L . -21.91 2.47 33.48
C2 NAG L . -23.28 2.39 34.16
C3 NAG L . -23.43 1.06 34.91
C4 NAG L . -23.13 -0.11 33.98
C5 NAG L . -21.76 0.06 33.33
C6 NAG L . -21.43 -1.02 32.33
C7 NAG L . -23.89 4.71 34.69
C8 NAG L . -24.03 5.74 35.77
N2 NAG L . -23.47 3.50 35.08
O3 NAG L . -24.75 0.93 35.43
O4 NAG L . -23.16 -1.34 34.71
O5 NAG L . -21.71 1.32 32.63
O6 NAG L . -22.50 -1.95 32.19
O7 NAG L . -24.14 4.96 33.53
#